data_3WSW
#
_entry.id   3WSW
#
_cell.length_a   67.770
_cell.length_b   123.540
_cell.length_c   85.790
_cell.angle_alpha   90.00
_cell.angle_beta   107.75
_cell.angle_gamma   90.00
#
_symmetry.space_group_name_H-M   'P 1 21 1'
#
loop_
_entity.id
_entity.type
_entity.pdbx_description
1 polymer 'L-lactate dehydrogenase'
2 non-polymer NICOTINAMIDE-ADENINE-DINUCLEOTIDE
3 non-polymer GLYCEROL
4 non-polymer 1,6-di-O-phosphono-beta-D-fructofuranose
5 water water
#
_entity_poly.entity_id   1
_entity_poly.type   'polypeptide(L)'
_entity_poly.pdbx_seq_one_letter_code
;MKKTSRKVVIVGTGFVGTSIAYAMINQGVANELVLIDVNQEKAEGEALDLLDGMAWGEKNVSVWSGTYEECQDANLVILT
AGVNQKPGQTRLDLVKTNATITRQIVKEVMASGFDGIFVVASNPVDILTYLTWQESGLPASRVVGTGTTLDTTRFRKEIA
LKLAVDPRSVHGYILGEHGDSEVAAWSHTTVGGKPIMEYVEKDHRLEENDLTVLADKVKNAAYEIIDRKKATYYGIGMST
TRIVKAILNNEQAVLPVSAYLNGEYGEEDIFTGVPSIVDENGVREIIDLSITPQEKAMFHQSVSELKAVLDTVRLEHHHH
HH
;
_entity_poly.pdbx_strand_id   A,B,C,D
#
loop_
_chem_comp.id
_chem_comp.type
_chem_comp.name
_chem_comp.formula
FBP D-saccharide, beta linking 1,6-di-O-phosphono-beta-D-fructofuranose 'C6 H14 O12 P2'
GOL non-polymer GLYCEROL 'C3 H8 O3'
NAD non-polymer NICOTINAMIDE-ADENINE-DINUCLEOTIDE 'C21 H27 N7 O14 P2'
#
# COMPACT_ATOMS: atom_id res chain seq x y z
N LYS A 3 13.19 18.10 9.04
CA LYS A 3 12.18 17.09 9.48
C LYS A 3 11.31 16.61 8.32
N THR A 4 11.19 15.29 8.21
CA THR A 4 10.44 14.66 7.14
C THR A 4 9.02 14.27 7.51
N SER A 5 8.66 14.42 8.78
CA SER A 5 7.33 14.08 9.23
C SER A 5 6.31 15.00 8.57
N ARG A 6 5.32 14.39 7.91
CA ARG A 6 4.27 15.15 7.24
C ARG A 6 3.07 15.34 8.15
N LYS A 7 2.79 16.61 8.44
CA LYS A 7 1.72 17.00 9.34
C LYS A 7 0.61 17.75 8.62
N VAL A 8 -0.61 17.26 8.76
CA VAL A 8 -1.76 17.89 8.13
C VAL A 8 -2.82 18.25 9.16
N VAL A 9 -3.40 19.43 9.00
CA VAL A 9 -4.43 19.86 9.92
C VAL A 9 -5.77 19.85 9.21
N ILE A 10 -6.78 19.26 9.85
CA ILE A 10 -8.12 19.23 9.29
C ILE A 10 -8.99 20.11 10.18
N VAL A 11 -9.55 21.18 9.60
CA VAL A 11 -10.40 22.06 10.38
C VAL A 11 -11.87 21.72 10.16
N GLY A 12 -12.55 21.36 11.24
CA GLY A 12 -13.94 20.97 11.13
C GLY A 12 -14.00 19.46 11.16
N THR A 13 -14.56 18.92 12.23
CA THR A 13 -14.66 17.47 12.38
C THR A 13 -16.09 16.93 12.20
N GLY A 14 -16.67 17.21 11.04
CA GLY A 14 -18.00 16.70 10.73
C GLY A 14 -17.85 15.44 9.88
N PHE A 15 -18.91 15.03 9.20
CA PHE A 15 -18.86 13.86 8.33
C PHE A 15 -17.71 13.92 7.33
N VAL A 16 -17.58 15.06 6.65
CA VAL A 16 -16.54 15.23 5.64
C VAL A 16 -15.13 15.20 6.23
N GLY A 17 -14.87 16.08 7.19
CA GLY A 17 -13.55 16.12 7.81
C GLY A 17 -13.08 14.79 8.41
N THR A 18 -13.97 14.09 9.12
CA THR A 18 -13.61 12.81 9.74
C THR A 18 -13.48 11.70 8.70
N SER A 19 -14.25 11.81 7.61
CA SER A 19 -14.18 10.82 6.54
C SER A 19 -12.85 10.94 5.80
N ILE A 20 -12.37 12.18 5.69
CA ILE A 20 -11.09 12.44 5.05
C ILE A 20 -9.98 11.88 5.93
N ALA A 21 -10.12 12.11 7.23
CA ALA A 21 -9.15 11.64 8.21
C ALA A 21 -9.06 10.12 8.16
N TYR A 22 -10.21 9.46 8.10
CA TYR A 22 -10.24 8.00 8.07
C TYR A 22 -9.63 7.48 6.77
N ALA A 23 -9.90 8.18 5.68
CA ALA A 23 -9.37 7.77 4.39
C ALA A 23 -7.85 7.92 4.41
N MET A 24 -7.37 8.99 5.03
CA MET A 24 -5.93 9.25 5.11
C MET A 24 -5.19 8.25 5.98
N ILE A 25 -5.83 7.86 7.08
CA ILE A 25 -5.23 6.91 7.99
C ILE A 25 -5.15 5.56 7.31
N ASN A 26 -6.23 5.13 6.68
CA ASN A 26 -6.23 3.82 6.02
C ASN A 26 -5.35 3.76 4.78
N GLN A 27 -5.04 4.91 4.22
CA GLN A 27 -4.17 4.97 3.05
C GLN A 27 -2.75 5.28 3.51
N GLY A 28 -2.63 5.80 4.73
CA GLY A 28 -1.33 6.16 5.29
C GLY A 28 -0.69 7.35 4.59
N VAL A 29 -1.46 8.41 4.37
CA VAL A 29 -0.97 9.58 3.67
C VAL A 29 -0.08 10.55 4.44
N ALA A 30 -0.49 10.95 5.64
CA ALA A 30 0.33 11.86 6.44
C ALA A 30 0.86 11.11 7.67
N ASN A 31 1.79 11.73 8.40
CA ASN A 31 2.35 11.10 9.58
C ASN A 31 1.72 11.67 10.84
N GLU A 32 1.29 12.92 10.76
CA GLU A 32 0.65 13.62 11.85
C GLU A 32 -0.66 14.22 11.35
N LEU A 33 -1.74 13.94 12.07
CA LEU A 33 -3.07 14.42 11.71
C LEU A 33 -3.72 15.14 12.90
N VAL A 34 -3.85 16.46 12.79
CA VAL A 34 -4.44 17.27 13.86
C VAL A 34 -5.88 17.65 13.53
N LEU A 35 -6.79 17.42 14.47
CA LEU A 35 -8.19 17.73 14.28
C LEU A 35 -8.60 18.97 15.07
N ILE A 36 -9.18 19.95 14.37
CA ILE A 36 -9.62 21.18 15.02
C ILE A 36 -11.10 21.43 14.73
N ASP A 37 -11.84 21.87 15.73
CA ASP A 37 -13.26 22.15 15.56
C ASP A 37 -13.71 23.14 16.63
N VAL A 38 -14.75 23.91 16.34
CA VAL A 38 -15.25 24.87 17.30
C VAL A 38 -15.87 24.07 18.44
N ASN A 39 -16.28 22.85 18.13
CA ASN A 39 -16.85 21.97 19.14
C ASN A 39 -15.71 21.15 19.72
N GLN A 40 -15.01 21.74 20.68
CA GLN A 40 -13.87 21.15 21.38
C GLN A 40 -13.97 19.65 21.68
N GLU A 41 -15.06 19.27 22.33
CA GLU A 41 -15.29 17.89 22.72
C GLU A 41 -15.40 16.93 21.53
N LYS A 42 -16.15 17.34 20.51
CA LYS A 42 -16.34 16.51 19.32
C LYS A 42 -15.00 16.23 18.66
N ALA A 43 -14.14 17.25 18.61
CA ALA A 43 -12.83 17.10 17.99
C ALA A 43 -12.00 16.05 18.72
N GLU A 44 -12.05 16.07 20.06
CA GLU A 44 -11.30 15.10 20.86
C GLU A 44 -11.88 13.71 20.70
N GLY A 45 -13.20 13.61 20.77
CA GLY A 45 -13.86 12.32 20.62
C GLY A 45 -13.46 11.64 19.33
N GLU A 46 -13.43 12.42 18.24
CA GLU A 46 -13.06 11.94 16.92
C GLU A 46 -11.61 11.48 16.90
N ALA A 47 -10.72 12.32 17.40
CA ALA A 47 -9.30 11.98 17.43
C ALA A 47 -9.10 10.67 18.21
N LEU A 48 -9.88 10.50 19.29
CA LEU A 48 -9.77 9.31 20.11
C LEU A 48 -10.15 8.06 19.32
N ASP A 49 -11.32 8.13 18.69
CA ASP A 49 -11.83 7.00 17.91
C ASP A 49 -10.93 6.70 16.70
N LEU A 50 -10.46 7.76 16.03
CA LEU A 50 -9.60 7.62 14.86
C LEU A 50 -8.24 7.01 15.17
N LEU A 51 -7.65 7.44 16.29
CA LEU A 51 -6.35 6.94 16.68
C LEU A 51 -6.39 5.55 17.32
N ASP A 52 -7.58 5.12 17.76
CA ASP A 52 -7.74 3.83 18.42
C ASP A 52 -7.24 2.59 17.68
N GLY A 53 -7.52 2.52 16.38
CA GLY A 53 -7.12 1.35 15.62
C GLY A 53 -5.76 1.37 14.95
N MET A 54 -4.94 2.38 15.24
CA MET A 54 -3.62 2.50 14.61
C MET A 54 -2.70 1.28 14.70
N ALA A 55 -2.87 0.45 15.72
CA ALA A 55 -2.01 -0.73 15.84
C ALA A 55 -2.26 -1.72 14.70
N TRP A 56 -3.47 -1.72 14.16
CA TRP A 56 -3.84 -2.63 13.08
C TRP A 56 -3.71 -1.94 11.73
N GLY A 57 -3.20 -0.71 11.73
CA GLY A 57 -3.05 0.03 10.48
C GLY A 57 -1.74 -0.28 9.77
N GLU A 58 -1.69 0.11 8.50
CA GLU A 58 -0.50 -0.13 7.68
C GLU A 58 0.54 0.98 7.85
N LYS A 59 0.17 2.02 8.57
CA LYS A 59 1.10 3.12 8.84
C LYS A 59 0.87 3.67 10.24
N ASN A 60 1.91 4.26 10.81
CA ASN A 60 1.82 4.82 12.15
C ASN A 60 1.51 6.31 12.06
N VAL A 61 0.23 6.65 12.20
CA VAL A 61 -0.19 8.04 12.14
C VAL A 61 -0.52 8.57 13.52
N SER A 62 -0.02 9.76 13.84
CA SER A 62 -0.33 10.40 15.13
C SER A 62 -1.59 11.22 14.87
N VAL A 63 -2.61 11.03 15.71
CA VAL A 63 -3.86 11.74 15.55
C VAL A 63 -4.27 12.38 16.88
N TRP A 64 -4.58 13.68 16.85
CA TRP A 64 -4.99 14.37 18.08
C TRP A 64 -5.68 15.71 17.81
N SER A 65 -6.50 16.17 18.76
CA SER A 65 -7.21 17.44 18.59
C SER A 65 -6.40 18.57 19.21
N GLY A 66 -6.33 19.71 18.53
CA GLY A 66 -5.56 20.81 19.06
C GLY A 66 -6.04 22.19 18.69
N THR A 67 -5.19 23.17 18.95
CA THR A 67 -5.47 24.58 18.66
C THR A 67 -4.77 25.01 17.38
N TYR A 68 -5.16 26.15 16.84
CA TYR A 68 -4.56 26.65 15.61
C TYR A 68 -3.04 26.77 15.70
N GLU A 69 -2.50 26.60 16.90
CA GLU A 69 -1.06 26.64 17.12
C GLU A 69 -0.41 25.56 16.26
N GLU A 70 -1.09 24.42 16.16
CA GLU A 70 -0.59 23.29 15.39
C GLU A 70 -0.32 23.61 13.92
N CYS A 71 -0.94 24.68 13.43
CA CYS A 71 -0.76 25.06 12.04
C CYS A 71 0.59 25.70 11.75
N GLN A 72 1.24 26.20 12.81
CA GLN A 72 2.54 26.84 12.65
C GLN A 72 3.50 26.02 11.79
N ASP A 73 3.60 24.73 12.11
CA ASP A 73 4.49 23.85 11.38
C ASP A 73 3.77 22.80 10.53
N ALA A 74 2.49 23.03 10.25
CA ALA A 74 1.75 22.08 9.42
C ALA A 74 2.11 22.27 7.95
N ASN A 75 2.04 21.19 7.17
CA ASN A 75 2.36 21.27 5.74
C ASN A 75 1.13 21.63 4.91
N LEU A 76 -0.02 21.08 5.31
CA LEU A 76 -1.29 21.33 4.64
C LEU A 76 -2.41 21.51 5.64
N VAL A 77 -3.33 22.41 5.35
CA VAL A 77 -4.49 22.64 6.20
C VAL A 77 -5.74 22.42 5.34
N ILE A 78 -6.55 21.45 5.73
CA ILE A 78 -7.77 21.14 5.02
C ILE A 78 -8.95 21.83 5.70
N LEU A 79 -9.73 22.57 4.91
CA LEU A 79 -10.87 23.29 5.43
C LEU A 79 -12.14 22.56 5.04
N THR A 80 -12.94 22.19 6.04
CA THR A 80 -14.22 21.51 5.83
C THR A 80 -15.28 22.05 6.79
N ALA A 81 -14.96 23.13 7.50
CA ALA A 81 -15.89 23.71 8.48
C ALA A 81 -16.98 24.57 7.86
N GLY A 82 -18.17 24.53 8.47
CA GLY A 82 -19.30 25.30 7.99
C GLY A 82 -20.55 24.99 8.78
N VAL A 83 -21.63 25.73 8.52
CA VAL A 83 -22.91 25.50 9.20
C VAL A 83 -23.99 25.10 8.21
N ASN A 84 -25.06 24.51 8.72
CA ASN A 84 -26.16 24.05 7.89
C ASN A 84 -27.21 25.14 7.69
N GLN A 85 -28.23 24.84 6.88
CA GLN A 85 -29.32 25.78 6.60
C GLN A 85 -30.09 26.14 7.88
N LYS A 86 -30.27 27.43 8.11
CA LYS A 86 -31.00 27.90 9.28
C LYS A 86 -32.32 28.51 8.80
N PRO A 87 -33.45 28.04 9.34
CA PRO A 87 -34.74 28.57 8.92
C PRO A 87 -34.82 30.10 8.92
N GLY A 88 -35.59 30.66 7.98
CA GLY A 88 -35.74 32.10 7.88
C GLY A 88 -34.52 32.74 7.26
N GLN A 89 -33.57 31.90 6.87
CA GLN A 89 -32.32 32.36 6.27
C GLN A 89 -32.31 32.00 4.79
N THR A 90 -31.79 32.90 3.96
CA THR A 90 -31.71 32.69 2.53
C THR A 90 -30.61 31.68 2.18
N ARG A 91 -30.82 30.97 1.08
CA ARG A 91 -29.84 30.00 0.63
C ARG A 91 -28.54 30.75 0.31
N LEU A 92 -28.66 32.06 0.12
CA LEU A 92 -27.52 32.92 -0.17
C LEU A 92 -26.94 33.42 1.15
N ASP A 93 -27.81 33.59 2.14
CA ASP A 93 -27.40 34.05 3.46
C ASP A 93 -26.43 33.04 4.05
N LEU A 94 -26.65 31.78 3.71
CA LEU A 94 -25.82 30.67 4.18
C LEU A 94 -24.43 30.73 3.60
N VAL A 95 -24.34 31.04 2.31
CA VAL A 95 -23.06 31.14 1.63
C VAL A 95 -22.26 32.26 2.28
N LYS A 96 -22.95 33.34 2.66
CA LYS A 96 -22.30 34.48 3.30
C LYS A 96 -21.80 34.04 4.67
N THR A 97 -22.62 33.24 5.35
CA THR A 97 -22.30 32.73 6.67
C THR A 97 -21.06 31.84 6.63
N ASN A 98 -21.03 30.90 5.69
CA ASN A 98 -19.88 30.01 5.60
C ASN A 98 -18.67 30.77 5.09
N ALA A 99 -18.93 31.80 4.28
CA ALA A 99 -17.85 32.62 3.75
C ALA A 99 -17.15 33.33 4.91
N THR A 100 -17.92 33.78 5.90
CA THR A 100 -17.32 34.47 7.04
C THR A 100 -16.66 33.48 7.98
N ILE A 101 -17.19 32.25 8.02
CA ILE A 101 -16.64 31.22 8.89
C ILE A 101 -15.28 30.75 8.40
N THR A 102 -15.18 30.42 7.12
CA THR A 102 -13.91 29.94 6.59
C THR A 102 -12.92 31.10 6.62
N ARG A 103 -13.42 32.31 6.40
CA ARG A 103 -12.58 33.50 6.39
C ARG A 103 -11.96 33.71 7.77
N GLN A 104 -12.77 33.52 8.81
CA GLN A 104 -12.28 33.69 10.19
C GLN A 104 -11.28 32.62 10.52
N ILE A 105 -11.50 31.41 10.02
CA ILE A 105 -10.60 30.30 10.27
C ILE A 105 -9.25 30.58 9.60
N VAL A 106 -9.27 31.01 8.35
CA VAL A 106 -8.05 31.32 7.61
C VAL A 106 -7.23 32.38 8.34
N LYS A 107 -7.94 33.25 9.06
CA LYS A 107 -7.31 34.33 9.82
C LYS A 107 -6.55 33.72 11.00
N GLU A 108 -7.20 32.82 11.72
CA GLU A 108 -6.57 32.14 12.87
C GLU A 108 -5.33 31.37 12.40
N VAL A 109 -5.49 30.58 11.34
CA VAL A 109 -4.42 29.78 10.79
C VAL A 109 -3.20 30.61 10.41
N MET A 110 -3.42 31.69 9.66
CA MET A 110 -2.31 32.54 9.25
C MET A 110 -1.65 33.17 10.47
N ALA A 111 -2.45 33.41 11.51
CA ALA A 111 -1.95 34.00 12.75
C ALA A 111 -0.94 33.08 13.42
N SER A 112 -1.16 31.77 13.31
CA SER A 112 -0.28 30.79 13.92
C SER A 112 1.11 30.71 13.25
N GLY A 113 1.24 31.29 12.07
CA GLY A 113 2.52 31.24 11.37
C GLY A 113 2.54 30.26 10.22
N PHE A 114 1.41 29.59 9.99
CA PHE A 114 1.27 28.61 8.91
C PHE A 114 1.87 29.15 7.62
N ASP A 115 2.60 28.30 6.92
CA ASP A 115 3.25 28.69 5.66
C ASP A 115 3.19 27.51 4.70
N GLY A 116 2.14 26.71 4.83
CA GLY A 116 1.99 25.56 3.97
C GLY A 116 1.02 25.77 2.84
N ILE A 117 0.26 24.72 2.53
CA ILE A 117 -0.72 24.78 1.46
C ILE A 117 -2.10 24.50 1.99
N PHE A 118 -3.09 25.22 1.45
CA PHE A 118 -4.48 25.08 1.84
C PHE A 118 -5.19 24.17 0.86
N VAL A 119 -6.10 23.37 1.38
CA VAL A 119 -6.93 22.48 0.57
C VAL A 119 -8.34 22.76 1.08
N VAL A 120 -9.14 23.43 0.23
CA VAL A 120 -10.51 23.79 0.55
C VAL A 120 -11.52 22.76 0.06
N ALA A 121 -12.31 22.21 0.99
CA ALA A 121 -13.30 21.19 0.65
C ALA A 121 -14.73 21.57 0.96
N SER A 122 -14.93 22.59 1.78
CA SER A 122 -16.30 23.02 2.14
C SER A 122 -16.98 23.80 1.01
N ASN A 123 -18.28 23.57 0.82
CA ASN A 123 -19.02 24.24 -0.25
C ASN A 123 -19.66 25.60 0.05
N PRO A 124 -19.77 26.48 -0.97
CA PRO A 124 -19.31 26.20 -2.34
C PRO A 124 -17.79 26.29 -2.43
N VAL A 125 -17.17 25.21 -2.90
CA VAL A 125 -15.72 25.14 -2.98
C VAL A 125 -15.02 26.25 -3.76
N ASP A 126 -15.44 26.51 -5.00
CA ASP A 126 -14.79 27.57 -5.78
C ASP A 126 -14.87 28.92 -5.08
N ILE A 127 -16.02 29.22 -4.47
CA ILE A 127 -16.20 30.48 -3.78
C ILE A 127 -15.34 30.59 -2.53
N LEU A 128 -15.40 29.58 -1.67
CA LEU A 128 -14.60 29.59 -0.46
C LEU A 128 -13.12 29.56 -0.79
N THR A 129 -12.76 28.91 -1.90
CA THR A 129 -11.36 28.84 -2.30
C THR A 129 -10.88 30.26 -2.57
N TYR A 130 -11.72 31.04 -3.25
CA TYR A 130 -11.40 32.41 -3.60
C TYR A 130 -11.22 33.28 -2.36
N LEU A 131 -12.13 33.12 -1.40
CA LEU A 131 -12.06 33.90 -0.17
C LEU A 131 -10.86 33.51 0.68
N THR A 132 -10.50 32.23 0.65
CA THR A 132 -9.33 31.75 1.40
C THR A 132 -8.10 32.38 0.76
N TRP A 133 -8.11 32.48 -0.55
CA TRP A 133 -6.99 33.07 -1.27
C TRP A 133 -6.87 34.53 -0.88
N GLN A 134 -7.99 35.25 -0.88
CA GLN A 134 -7.99 36.67 -0.52
C GLN A 134 -7.58 36.92 0.91
N GLU A 135 -8.26 36.26 1.83
CA GLU A 135 -7.98 36.40 3.25
C GLU A 135 -6.57 35.97 3.62
N SER A 136 -6.15 34.82 3.10
CA SER A 136 -4.83 34.28 3.40
C SER A 136 -3.70 35.16 2.88
N GLY A 137 -3.91 35.80 1.72
CA GLY A 137 -2.88 36.64 1.15
C GLY A 137 -1.75 35.79 0.60
N LEU A 138 -2.03 34.53 0.30
CA LEU A 138 -1.03 33.61 -0.25
C LEU A 138 -1.17 33.53 -1.77
N PRO A 139 -0.12 33.05 -2.46
CA PRO A 139 -0.20 32.94 -3.91
C PRO A 139 -1.36 32.00 -4.25
N ALA A 140 -2.07 32.30 -5.32
CA ALA A 140 -3.20 31.49 -5.74
C ALA A 140 -2.84 30.01 -5.80
N SER A 141 -1.65 29.72 -6.30
CA SER A 141 -1.18 28.34 -6.44
C SER A 141 -1.09 27.57 -5.12
N ARG A 142 -1.10 28.27 -3.99
CA ARG A 142 -1.00 27.61 -2.70
C ARG A 142 -2.32 27.44 -1.96
N VAL A 143 -3.42 27.76 -2.64
CA VAL A 143 -4.76 27.62 -2.09
C VAL A 143 -5.45 26.70 -3.09
N VAL A 144 -5.54 25.43 -2.75
CA VAL A 144 -6.11 24.43 -3.64
C VAL A 144 -7.51 23.94 -3.25
N GLY A 145 -8.48 24.20 -4.11
CA GLY A 145 -9.84 23.76 -3.85
C GLY A 145 -10.10 22.41 -4.53
N THR A 146 -10.93 21.58 -3.92
CA THR A 146 -11.23 20.26 -4.47
C THR A 146 -11.89 20.30 -5.86
N GLY A 147 -12.21 21.50 -6.34
CA GLY A 147 -12.81 21.66 -7.65
C GLY A 147 -13.82 20.62 -8.06
N THR A 148 -13.59 19.96 -9.19
CA THR A 148 -14.49 18.92 -9.67
C THR A 148 -13.91 17.52 -9.51
N THR A 149 -13.04 17.32 -8.52
CA THR A 149 -12.45 15.98 -8.33
C THR A 149 -13.53 14.96 -7.99
N LEU A 150 -14.54 15.39 -7.24
CA LEU A 150 -15.62 14.48 -6.85
C LEU A 150 -16.52 14.19 -8.05
N ASP A 151 -16.87 15.24 -8.79
CA ASP A 151 -17.73 15.07 -9.96
C ASP A 151 -17.01 14.21 -10.99
N THR A 152 -15.70 14.43 -11.11
CA THR A 152 -14.89 13.68 -12.04
C THR A 152 -14.83 12.21 -11.66
N THR A 153 -14.67 11.92 -10.37
CA THR A 153 -14.61 10.52 -9.95
C THR A 153 -15.96 9.83 -10.14
N ARG A 154 -17.04 10.57 -9.95
CA ARG A 154 -18.39 10.00 -10.16
C ARG A 154 -18.57 9.72 -11.65
N PHE A 155 -18.07 10.66 -12.46
CA PHE A 155 -18.10 10.60 -13.92
C PHE A 155 -17.43 9.29 -14.36
N ARG A 156 -16.22 9.06 -13.86
CA ARG A 156 -15.48 7.87 -14.18
C ARG A 156 -16.22 6.62 -13.71
N LYS A 157 -16.89 6.72 -12.55
CA LYS A 157 -17.65 5.59 -12.04
C LYS A 157 -18.77 5.21 -13.02
N GLU A 158 -19.57 6.19 -13.42
CA GLU A 158 -20.68 5.94 -14.35
C GLU A 158 -20.19 5.34 -15.66
N ILE A 159 -19.11 5.88 -16.21
CA ILE A 159 -18.56 5.35 -17.45
C ILE A 159 -18.06 3.91 -17.22
N ALA A 160 -17.41 3.69 -16.08
CA ALA A 160 -16.90 2.35 -15.74
C ALA A 160 -18.05 1.35 -15.60
N LEU A 161 -19.15 1.78 -14.98
CA LEU A 161 -20.29 0.90 -14.83
C LEU A 161 -20.87 0.58 -16.20
N LYS A 162 -21.03 1.61 -17.01
CA LYS A 162 -21.59 1.42 -18.34
C LYS A 162 -20.71 0.54 -19.25
N LEU A 163 -19.40 0.62 -19.12
CA LEU A 163 -18.52 -0.18 -19.98
C LEU A 163 -17.90 -1.39 -19.31
N ALA A 164 -18.17 -1.59 -18.03
CA ALA A 164 -17.59 -2.70 -17.29
C ALA A 164 -16.08 -2.64 -17.36
N VAL A 165 -15.52 -1.51 -16.94
CA VAL A 165 -14.07 -1.33 -16.94
C VAL A 165 -13.65 -0.72 -15.61
N ASP A 166 -12.37 -0.83 -15.29
CA ASP A 166 -11.80 -0.30 -14.06
C ASP A 166 -11.97 1.21 -14.08
N PRO A 167 -12.48 1.81 -12.99
CA PRO A 167 -12.67 3.26 -12.97
C PRO A 167 -11.35 3.98 -13.23
N ARG A 168 -10.27 3.42 -12.70
CA ARG A 168 -8.95 4.02 -12.86
C ARG A 168 -8.49 3.95 -14.31
N SER A 169 -9.23 3.21 -15.14
CA SER A 169 -8.93 3.09 -16.56
C SER A 169 -9.74 4.08 -17.42
N VAL A 170 -10.51 4.95 -16.75
CA VAL A 170 -11.31 5.95 -17.45
C VAL A 170 -10.61 7.30 -17.28
N HIS A 171 -10.46 8.04 -18.38
CA HIS A 171 -9.75 9.31 -18.32
C HIS A 171 -10.49 10.49 -18.93
N GLY A 172 -11.29 11.13 -18.09
CA GLY A 172 -12.07 12.27 -18.53
C GLY A 172 -12.31 13.21 -17.38
N TYR A 173 -12.90 14.35 -17.67
CA TYR A 173 -13.14 15.34 -16.64
C TYR A 173 -14.50 16.03 -16.69
N ILE A 174 -14.89 16.53 -15.51
CA ILE A 174 -16.09 17.34 -15.35
C ILE A 174 -15.42 18.69 -15.14
N LEU A 175 -15.84 19.72 -15.88
CA LEU A 175 -15.21 21.03 -15.75
C LEU A 175 -16.12 22.11 -15.18
N GLY A 176 -15.51 23.15 -14.63
CA GLY A 176 -16.27 24.27 -14.08
C GLY A 176 -16.69 24.13 -12.64
N GLU A 177 -17.80 24.76 -12.29
CA GLU A 177 -18.33 24.72 -10.93
C GLU A 177 -19.37 23.61 -10.78
N HIS A 178 -19.19 22.76 -9.78
CA HIS A 178 -20.12 21.68 -9.50
C HIS A 178 -21.54 22.26 -9.50
N GLY A 179 -22.45 21.66 -10.27
CA GLY A 179 -23.80 22.15 -10.31
C GLY A 179 -24.52 21.95 -11.63
N ASP A 180 -25.66 22.60 -11.77
CA ASP A 180 -26.46 22.49 -12.98
C ASP A 180 -25.73 22.86 -14.26
N SER A 181 -24.63 23.61 -14.13
CA SER A 181 -23.88 24.03 -15.31
C SER A 181 -22.52 23.36 -15.47
N GLU A 182 -22.22 22.36 -14.66
CA GLU A 182 -20.92 21.69 -14.80
C GLU A 182 -20.83 21.12 -16.21
N VAL A 183 -19.62 21.07 -16.74
CA VAL A 183 -19.40 20.58 -18.10
C VAL A 183 -18.84 19.17 -18.19
N ALA A 184 -19.61 18.25 -18.76
CA ALA A 184 -19.14 16.89 -18.96
C ALA A 184 -18.32 16.96 -20.24
N ALA A 185 -17.02 17.13 -20.08
CA ALA A 185 -16.11 17.25 -21.22
C ALA A 185 -15.92 15.95 -21.98
N TRP A 186 -16.99 15.46 -22.61
CA TRP A 186 -16.95 14.20 -23.36
C TRP A 186 -15.96 14.23 -24.52
N SER A 187 -15.66 15.41 -25.04
CA SER A 187 -14.74 15.52 -26.16
C SER A 187 -13.33 15.06 -25.76
N HIS A 188 -13.01 15.20 -24.47
CA HIS A 188 -11.70 14.79 -23.98
C HIS A 188 -11.76 13.70 -22.90
N THR A 189 -12.56 12.66 -23.18
CA THR A 189 -12.69 11.54 -22.26
C THR A 189 -12.32 10.27 -23.04
N THR A 190 -11.38 9.50 -22.49
CA THR A 190 -10.94 8.28 -23.14
C THR A 190 -10.94 7.06 -22.22
N VAL A 191 -10.94 5.89 -22.83
CA VAL A 191 -10.88 4.61 -22.11
C VAL A 191 -10.03 3.71 -22.99
N GLY A 192 -8.87 3.28 -22.48
CA GLY A 192 -8.00 2.44 -23.27
C GLY A 192 -7.46 3.19 -24.47
N GLY A 193 -7.43 4.52 -24.37
CA GLY A 193 -6.92 5.33 -25.46
C GLY A 193 -7.98 5.67 -26.47
N LYS A 194 -9.17 5.13 -26.28
CA LYS A 194 -10.27 5.37 -27.19
C LYS A 194 -11.20 6.49 -26.72
N PRO A 195 -11.36 7.54 -27.55
CA PRO A 195 -12.24 8.65 -27.19
C PRO A 195 -13.68 8.12 -27.08
N ILE A 196 -14.47 8.68 -26.18
CA ILE A 196 -15.86 8.26 -26.03
C ILE A 196 -16.59 8.40 -27.40
N MET A 197 -16.31 9.48 -28.11
CA MET A 197 -16.92 9.72 -29.42
C MET A 197 -16.56 8.62 -30.43
N GLU A 198 -15.40 7.99 -30.23
CA GLU A 198 -14.99 6.91 -31.10
C GLU A 198 -15.88 5.72 -30.70
N TYR A 199 -16.13 5.59 -29.40
CA TYR A 199 -16.99 4.51 -28.92
C TYR A 199 -18.37 4.67 -29.55
N VAL A 200 -18.85 5.91 -29.56
CA VAL A 200 -20.16 6.20 -30.13
C VAL A 200 -20.17 6.04 -31.64
N GLU A 201 -19.53 6.98 -32.32
CA GLU A 201 -19.47 7.05 -33.78
C GLU A 201 -18.92 5.86 -34.57
N LYS A 202 -17.86 5.23 -34.09
CA LYS A 202 -17.27 4.11 -34.82
C LYS A 202 -17.60 2.74 -34.24
N ASP A 203 -17.57 2.62 -32.91
CA ASP A 203 -17.84 1.33 -32.28
C ASP A 203 -19.34 1.06 -32.10
N HIS A 204 -20.15 2.11 -32.04
CA HIS A 204 -21.59 1.95 -31.83
C HIS A 204 -21.79 1.18 -30.54
N ARG A 205 -20.86 1.37 -29.61
CA ARG A 205 -20.91 0.70 -28.31
C ARG A 205 -21.85 1.53 -27.43
N LEU A 206 -21.77 2.85 -27.60
CA LEU A 206 -22.58 3.81 -26.86
C LEU A 206 -23.28 4.71 -27.88
N GLU A 207 -24.32 5.42 -27.44
CA GLU A 207 -25.02 6.35 -28.32
C GLU A 207 -25.20 7.67 -27.57
N GLU A 208 -25.29 8.76 -28.33
CA GLU A 208 -25.43 10.11 -27.76
C GLU A 208 -26.38 10.21 -26.57
N ASN A 209 -27.47 9.46 -26.60
CA ASN A 209 -28.43 9.50 -25.49
C ASN A 209 -27.79 9.01 -24.18
N ASP A 210 -26.89 8.04 -24.30
CA ASP A 210 -26.19 7.50 -23.13
C ASP A 210 -25.36 8.58 -22.48
N LEU A 211 -24.70 9.38 -23.31
CA LEU A 211 -23.86 10.45 -22.80
C LEU A 211 -24.66 11.47 -22.02
N THR A 212 -25.92 11.67 -22.42
CA THR A 212 -26.77 12.62 -21.72
C THR A 212 -27.19 12.03 -20.38
N VAL A 213 -27.66 10.79 -20.40
CA VAL A 213 -28.10 10.12 -19.18
C VAL A 213 -26.98 10.06 -18.14
N LEU A 214 -25.77 9.72 -18.59
CA LEU A 214 -24.62 9.63 -17.68
C LEU A 214 -24.24 10.98 -17.09
N ALA A 215 -24.24 12.02 -17.90
CA ALA A 215 -23.90 13.36 -17.42
C ALA A 215 -24.89 13.84 -16.35
N ASP A 216 -26.17 13.46 -16.50
CA ASP A 216 -27.18 13.85 -15.51
C ASP A 216 -26.98 13.06 -14.22
N LYS A 217 -26.60 11.80 -14.35
CA LYS A 217 -26.37 10.97 -13.17
C LYS A 217 -25.29 11.59 -12.31
N VAL A 218 -24.32 12.25 -12.95
CA VAL A 218 -23.24 12.90 -12.22
C VAL A 218 -23.80 14.14 -11.53
N LYS A 219 -24.55 14.92 -12.29
CA LYS A 219 -25.15 16.13 -11.77
C LYS A 219 -26.15 15.88 -10.64
N ASN A 220 -26.88 14.77 -10.71
CA ASN A 220 -27.86 14.43 -9.68
C ASN A 220 -27.37 13.44 -8.61
N ALA A 221 -26.08 13.13 -8.62
CA ALA A 221 -25.52 12.18 -7.66
C ALA A 221 -25.71 12.54 -6.19
N ALA A 222 -25.43 13.80 -5.86
CA ALA A 222 -25.54 14.27 -4.47
C ALA A 222 -26.98 14.15 -3.98
N TYR A 223 -27.93 14.55 -4.82
CA TYR A 223 -29.34 14.48 -4.46
C TYR A 223 -29.74 13.04 -4.27
N GLU A 224 -29.26 12.20 -5.17
CA GLU A 224 -29.59 10.79 -5.11
C GLU A 224 -29.10 10.13 -3.81
N ILE A 225 -27.86 10.44 -3.42
CA ILE A 225 -27.29 9.89 -2.20
C ILE A 225 -27.90 10.51 -0.95
N ILE A 226 -27.98 11.83 -0.92
CA ILE A 226 -28.55 12.53 0.23
C ILE A 226 -29.95 12.02 0.56
N ASP A 227 -30.71 11.71 -0.48
CA ASP A 227 -32.07 11.23 -0.32
C ASP A 227 -32.11 9.87 0.40
N ARG A 228 -31.01 9.13 0.31
CA ARG A 228 -30.94 7.80 0.91
C ARG A 228 -30.17 7.71 2.22
N LYS A 229 -29.14 8.54 2.38
CA LYS A 229 -28.35 8.53 3.60
C LYS A 229 -28.11 9.91 4.21
N LYS A 230 -29.02 10.84 3.92
CA LYS A 230 -28.97 12.20 4.48
C LYS A 230 -27.78 13.08 4.10
N ALA A 231 -26.66 12.48 3.71
CA ALA A 231 -25.49 13.28 3.34
C ALA A 231 -24.48 12.49 2.53
N THR A 232 -23.46 13.17 2.01
CA THR A 232 -22.42 12.52 1.24
C THR A 232 -21.08 12.89 1.88
N TYR A 233 -20.19 11.91 2.03
CA TYR A 233 -18.89 12.20 2.62
C TYR A 233 -17.77 11.25 2.21
N TYR A 234 -18.08 10.00 1.91
CA TYR A 234 -17.04 9.06 1.51
C TYR A 234 -16.41 9.50 0.18
N GLY A 235 -17.24 9.78 -0.81
CA GLY A 235 -16.74 10.22 -2.10
C GLY A 235 -15.77 11.38 -1.98
N ILE A 236 -16.17 12.43 -1.27
CA ILE A 236 -15.32 13.61 -1.10
C ILE A 236 -14.11 13.28 -0.22
N GLY A 237 -14.29 12.35 0.72
CA GLY A 237 -13.20 11.96 1.59
C GLY A 237 -12.05 11.42 0.74
N MET A 238 -12.39 10.57 -0.22
CA MET A 238 -11.39 9.98 -1.11
C MET A 238 -10.78 10.95 -2.12
N SER A 239 -11.57 11.93 -2.55
CA SER A 239 -11.08 12.92 -3.51
C SER A 239 -10.07 13.83 -2.85
N THR A 240 -10.41 14.33 -1.66
CA THR A 240 -9.52 15.21 -0.92
C THR A 240 -8.21 14.50 -0.59
N THR A 241 -8.30 13.22 -0.21
CA THR A 241 -7.09 12.46 0.13
C THR A 241 -6.17 12.35 -1.10
N ARG A 242 -6.77 12.17 -2.28
CA ARG A 242 -5.98 12.07 -3.49
C ARG A 242 -5.21 13.37 -3.73
N ILE A 243 -5.89 14.49 -3.51
CA ILE A 243 -5.28 15.81 -3.69
C ILE A 243 -4.13 15.97 -2.69
N VAL A 244 -4.38 15.55 -1.46
CA VAL A 244 -3.38 15.62 -0.41
C VAL A 244 -2.17 14.77 -0.79
N LYS A 245 -2.44 13.55 -1.22
CA LYS A 245 -1.38 12.62 -1.63
C LYS A 245 -0.46 13.19 -2.71
N ALA A 246 -1.04 13.87 -3.70
CA ALA A 246 -0.26 14.45 -4.80
C ALA A 246 0.62 15.61 -4.38
N ILE A 247 0.14 16.41 -3.43
CA ILE A 247 0.90 17.56 -2.94
C ILE A 247 2.09 17.14 -2.07
N LEU A 248 1.83 16.33 -1.04
CA LEU A 248 2.91 15.91 -0.15
C LEU A 248 4.00 15.13 -0.88
N ASN A 249 3.62 14.37 -1.89
CA ASN A 249 4.57 13.57 -2.63
C ASN A 249 5.12 14.26 -3.88
N ASN A 250 4.70 15.50 -4.13
CA ASN A 250 5.20 16.23 -5.28
C ASN A 250 5.09 15.37 -6.55
N GLU A 251 3.92 14.77 -6.73
CA GLU A 251 3.68 13.87 -7.85
C GLU A 251 3.64 14.48 -9.24
N GLN A 252 3.20 15.73 -9.36
CA GLN A 252 3.10 16.38 -10.67
C GLN A 252 1.98 15.63 -11.40
N ALA A 253 0.96 15.27 -10.63
CA ALA A 253 -0.20 14.56 -11.14
C ALA A 253 -1.27 15.55 -11.61
N VAL A 254 -2.09 15.09 -12.54
CA VAL A 254 -3.17 15.92 -13.07
C VAL A 254 -4.46 15.63 -12.31
N LEU A 255 -5.04 16.68 -11.72
CA LEU A 255 -6.30 16.54 -10.99
C LEU A 255 -7.14 17.77 -11.28
N PRO A 256 -8.47 17.61 -11.37
CA PRO A 256 -9.32 18.76 -11.65
C PRO A 256 -9.64 19.54 -10.37
N VAL A 257 -8.61 20.16 -9.79
CA VAL A 257 -8.80 20.96 -8.58
C VAL A 257 -9.24 22.38 -8.97
N SER A 258 -9.54 23.19 -7.97
CA SER A 258 -9.95 24.58 -8.20
C SER A 258 -8.67 25.40 -8.39
N ALA A 259 -8.43 25.83 -9.63
CA ALA A 259 -7.24 26.61 -9.96
C ALA A 259 -7.58 28.01 -10.46
N TYR A 260 -6.67 28.95 -10.19
CA TYR A 260 -6.86 30.33 -10.60
C TYR A 260 -6.61 30.51 -12.09
N LEU A 261 -7.66 30.80 -12.84
CA LEU A 261 -7.57 31.00 -14.28
C LEU A 261 -7.02 32.37 -14.66
N ASN A 262 -6.25 32.39 -15.75
CA ASN A 262 -5.68 33.61 -16.29
C ASN A 262 -5.79 33.58 -17.81
N GLY A 263 -6.96 33.22 -18.30
CA GLY A 263 -7.17 33.16 -19.74
C GLY A 263 -7.52 31.77 -20.24
N GLU A 264 -7.13 30.76 -19.47
CA GLU A 264 -7.42 29.39 -19.85
C GLU A 264 -8.93 29.20 -19.95
N TYR A 265 -9.35 28.47 -20.98
CA TYR A 265 -10.76 28.21 -21.23
C TYR A 265 -11.52 29.48 -21.57
N GLY A 266 -10.79 30.59 -21.72
CA GLY A 266 -11.42 31.85 -22.05
C GLY A 266 -11.96 32.60 -20.84
N GLU A 267 -11.51 32.23 -19.64
CA GLU A 267 -11.94 32.89 -18.43
C GLU A 267 -10.74 33.38 -17.63
N GLU A 268 -10.99 34.21 -16.61
CA GLU A 268 -9.92 34.74 -15.80
C GLU A 268 -10.41 35.32 -14.48
N ASP A 269 -9.51 35.30 -13.50
CA ASP A 269 -9.75 35.84 -12.17
C ASP A 269 -10.75 35.13 -11.24
N ILE A 270 -10.85 33.80 -11.37
CA ILE A 270 -11.70 33.01 -10.49
C ILE A 270 -11.06 31.63 -10.40
N PHE A 271 -11.40 30.89 -9.35
CA PHE A 271 -10.89 29.56 -9.19
C PHE A 271 -12.02 28.68 -9.65
N THR A 272 -11.70 27.61 -10.38
CA THR A 272 -12.74 26.70 -10.84
C THR A 272 -12.14 25.35 -11.25
N GLY A 273 -12.99 24.32 -11.33
CA GLY A 273 -12.54 22.99 -11.66
C GLY A 273 -11.98 22.77 -13.06
N VAL A 274 -10.67 22.48 -13.14
CA VAL A 274 -10.01 22.22 -14.42
C VAL A 274 -8.76 21.38 -14.21
N PRO A 275 -8.48 20.45 -15.14
CA PRO A 275 -7.27 19.62 -15.00
C PRO A 275 -6.04 20.49 -14.77
N SER A 276 -5.31 20.20 -13.70
CA SER A 276 -4.13 20.97 -13.36
C SER A 276 -3.01 20.07 -12.85
N ILE A 277 -1.78 20.54 -13.00
CA ILE A 277 -0.62 19.81 -12.53
C ILE A 277 -0.41 20.17 -11.07
N VAL A 278 -0.44 19.18 -10.20
CA VAL A 278 -0.30 19.40 -8.78
C VAL A 278 1.03 18.86 -8.27
N ASP A 279 1.71 19.65 -7.44
CA ASP A 279 2.97 19.22 -6.87
C ASP A 279 3.10 19.71 -5.44
N GLU A 280 4.31 19.66 -4.89
CA GLU A 280 4.50 20.06 -3.50
C GLU A 280 4.30 21.55 -3.23
N ASN A 281 4.08 22.32 -4.28
CA ASN A 281 3.85 23.76 -4.14
C ASN A 281 2.43 24.12 -4.53
N GLY A 282 1.55 23.11 -4.55
CA GLY A 282 0.17 23.35 -4.90
C GLY A 282 -0.08 23.10 -6.37
N VAL A 283 -0.76 24.03 -7.02
CA VAL A 283 -1.08 23.93 -8.46
C VAL A 283 0.01 24.62 -9.26
N ARG A 284 0.73 23.86 -10.08
CA ARG A 284 1.81 24.42 -10.90
C ARG A 284 1.28 25.14 -12.13
N GLU A 285 0.44 24.45 -12.90
CA GLU A 285 -0.11 25.05 -14.10
C GLU A 285 -1.42 24.38 -14.46
N ILE A 286 -2.19 25.04 -15.30
CA ILE A 286 -3.48 24.53 -15.74
C ILE A 286 -3.30 23.92 -17.12
N ILE A 287 -4.04 22.84 -17.40
CA ILE A 287 -3.99 22.20 -18.70
C ILE A 287 -5.25 22.69 -19.40
N ASP A 288 -5.07 23.54 -20.41
CA ASP A 288 -6.17 24.14 -21.16
C ASP A 288 -6.64 23.24 -22.30
N LEU A 289 -7.73 22.51 -22.07
CA LEU A 289 -8.26 21.61 -23.08
C LEU A 289 -9.02 22.34 -24.17
N SER A 290 -8.78 21.95 -25.42
CA SER A 290 -9.44 22.57 -26.54
C SER A 290 -10.78 21.88 -26.72
N ILE A 291 -11.68 22.08 -25.76
CA ILE A 291 -13.01 21.48 -25.79
C ILE A 291 -13.88 22.08 -26.89
N THR A 292 -14.97 21.40 -27.22
CA THR A 292 -15.86 21.85 -28.28
C THR A 292 -16.49 23.19 -27.94
N PRO A 293 -17.04 23.89 -28.95
CA PRO A 293 -17.67 25.19 -28.68
C PRO A 293 -18.90 25.04 -27.77
N GLN A 294 -19.57 23.89 -27.85
CA GLN A 294 -20.74 23.63 -27.02
C GLN A 294 -20.31 23.41 -25.56
N GLU A 295 -19.20 22.71 -25.37
CA GLU A 295 -18.70 22.45 -24.03
C GLU A 295 -18.15 23.75 -23.46
N LYS A 296 -17.58 24.57 -24.33
CA LYS A 296 -17.01 25.85 -23.88
C LYS A 296 -18.09 26.87 -23.58
N ALA A 297 -19.22 26.79 -24.27
CA ALA A 297 -20.31 27.74 -24.04
C ALA A 297 -20.90 27.44 -22.66
N MET A 298 -20.94 26.16 -22.30
CA MET A 298 -21.48 25.76 -21.02
C MET A 298 -20.48 26.07 -19.91
N PHE A 299 -19.20 26.03 -20.23
CA PHE A 299 -18.16 26.33 -19.25
C PHE A 299 -18.30 27.81 -18.92
N HIS A 300 -18.36 28.63 -19.96
CA HIS A 300 -18.52 30.07 -19.81
C HIS A 300 -19.73 30.37 -18.95
N GLN A 301 -20.82 29.66 -19.20
CA GLN A 301 -22.06 29.83 -18.45
C GLN A 301 -21.79 29.52 -16.97
N SER A 302 -21.07 28.43 -16.72
CA SER A 302 -20.75 28.00 -15.38
C SER A 302 -19.93 29.06 -14.65
N VAL A 303 -18.89 29.56 -15.30
CA VAL A 303 -18.05 30.60 -14.70
C VAL A 303 -18.82 31.90 -14.44
N SER A 304 -19.72 32.24 -15.35
CA SER A 304 -20.52 33.47 -15.21
C SER A 304 -21.38 33.46 -13.96
N GLU A 305 -21.96 32.30 -13.66
CA GLU A 305 -22.81 32.18 -12.48
C GLU A 305 -21.92 32.18 -11.23
N LEU A 306 -20.72 31.66 -11.39
CA LEU A 306 -19.76 31.62 -10.28
C LEU A 306 -19.48 33.06 -9.84
N LYS A 307 -19.09 33.90 -10.80
CA LYS A 307 -18.79 35.30 -10.52
C LYS A 307 -19.98 36.07 -9.95
N ALA A 308 -21.17 35.76 -10.43
CA ALA A 308 -22.37 36.44 -9.94
C ALA A 308 -22.42 36.33 -8.43
N VAL A 309 -22.40 35.10 -7.93
CA VAL A 309 -22.45 34.85 -6.49
C VAL A 309 -21.17 35.32 -5.79
N LEU A 310 -20.03 35.17 -6.45
CA LEU A 310 -18.75 35.57 -5.88
C LEU A 310 -18.76 37.06 -5.53
N ASP A 311 -19.30 37.88 -6.41
CA ASP A 311 -19.35 39.33 -6.18
C ASP A 311 -20.18 39.71 -4.94
N THR A 312 -21.01 38.79 -4.47
CA THR A 312 -21.85 39.06 -3.31
C THR A 312 -21.24 38.61 -1.99
N VAL A 313 -19.96 38.25 -2.00
CA VAL A 313 -19.28 37.80 -0.79
C VAL A 313 -17.78 38.05 -0.85
N ARG A 314 -17.25 38.22 -2.05
CA ARG A 314 -15.83 38.44 -2.25
C ARG A 314 -15.33 39.58 -1.38
N LEU A 315 -14.08 39.48 -0.94
CA LEU A 315 -13.49 40.54 -0.13
C LEU A 315 -13.06 41.60 -1.13
N GLU A 316 -12.84 42.82 -0.67
CA GLU A 316 -12.41 43.89 -1.56
C GLU A 316 -11.07 43.60 -2.22
N HIS A 317 -10.08 43.23 -1.42
CA HIS A 317 -8.75 42.92 -1.97
C HIS A 317 -8.15 41.62 -1.44
N HIS A 318 -7.14 41.13 -2.16
CA HIS A 318 -6.42 39.91 -1.82
C HIS A 318 -5.38 40.20 -0.74
N LYS B 3 -12.02 -18.17 -10.39
CA LYS B 3 -12.41 -16.99 -9.56
C LYS B 3 -11.42 -16.68 -8.45
N THR B 4 -10.69 -15.58 -8.58
CA THR B 4 -9.73 -15.16 -7.58
C THR B 4 -10.29 -13.93 -6.87
N SER B 5 -11.35 -13.36 -7.45
CA SER B 5 -12.01 -12.20 -6.90
C SER B 5 -12.54 -12.54 -5.50
N ARG B 6 -12.26 -11.67 -4.53
CA ARG B 6 -12.71 -11.89 -3.16
C ARG B 6 -13.96 -11.07 -2.86
N LYS B 7 -15.01 -11.80 -2.49
CA LYS B 7 -16.29 -11.17 -2.20
C LYS B 7 -16.63 -11.14 -0.73
N VAL B 8 -16.92 -9.95 -0.24
CA VAL B 8 -17.29 -9.77 1.15
C VAL B 8 -18.68 -9.13 1.25
N VAL B 9 -19.51 -9.70 2.13
CA VAL B 9 -20.85 -9.19 2.36
C VAL B 9 -20.86 -8.58 3.75
N ILE B 10 -21.38 -7.36 3.86
CA ILE B 10 -21.47 -6.67 5.13
C ILE B 10 -22.94 -6.47 5.46
N VAL B 11 -23.45 -7.18 6.47
CA VAL B 11 -24.84 -7.02 6.83
C VAL B 11 -24.92 -5.91 7.89
N GLY B 12 -25.76 -4.91 7.62
CA GLY B 12 -25.93 -3.79 8.52
C GLY B 12 -25.13 -2.61 8.01
N THR B 13 -25.81 -1.55 7.58
CA THR B 13 -25.12 -0.38 7.06
C THR B 13 -25.20 0.85 7.94
N GLY B 14 -24.71 0.73 9.16
CA GLY B 14 -24.71 1.86 10.07
C GLY B 14 -23.31 2.41 10.15
N PHE B 15 -22.99 3.13 11.21
CA PHE B 15 -21.66 3.71 11.37
C PHE B 15 -20.58 2.63 11.36
N VAL B 16 -20.86 1.50 12.01
CA VAL B 16 -19.89 0.41 12.08
C VAL B 16 -19.70 -0.26 10.72
N GLY B 17 -20.79 -0.73 10.12
CA GLY B 17 -20.69 -1.39 8.83
C GLY B 17 -20.10 -0.52 7.74
N THR B 18 -20.49 0.76 7.70
CA THR B 18 -19.97 1.66 6.68
C THR B 18 -18.52 2.05 6.94
N SER B 19 -18.15 2.18 8.21
CA SER B 19 -16.77 2.52 8.55
C SER B 19 -15.87 1.35 8.17
N ILE B 20 -16.33 0.13 8.42
CA ILE B 20 -15.56 -1.05 8.06
C ILE B 20 -15.36 -1.08 6.54
N ALA B 21 -16.44 -0.86 5.78
CA ALA B 21 -16.36 -0.87 4.33
C ALA B 21 -15.39 0.20 3.81
N TYR B 22 -15.46 1.39 4.40
CA TYR B 22 -14.57 2.48 3.97
C TYR B 22 -13.11 2.12 4.28
N ALA B 23 -12.87 1.49 5.42
CA ALA B 23 -11.52 1.11 5.80
C ALA B 23 -10.99 0.09 4.80
N MET B 24 -11.84 -0.88 4.46
CA MET B 24 -11.47 -1.92 3.52
C MET B 24 -11.17 -1.35 2.16
N ILE B 25 -11.99 -0.40 1.72
CA ILE B 25 -11.81 0.22 0.42
C ILE B 25 -10.50 0.99 0.35
N ASN B 26 -10.25 1.84 1.34
CA ASN B 26 -9.03 2.62 1.34
C ASN B 26 -7.77 1.77 1.52
N GLN B 27 -7.87 0.71 2.32
CA GLN B 27 -6.72 -0.18 2.52
C GLN B 27 -6.57 -1.13 1.34
N GLY B 28 -7.60 -1.17 0.48
CA GLY B 28 -7.57 -2.05 -0.67
C GLY B 28 -7.76 -3.51 -0.35
N VAL B 29 -8.68 -3.82 0.55
CA VAL B 29 -8.97 -5.21 0.93
C VAL B 29 -10.25 -5.66 0.21
N ALA B 30 -10.25 -6.87 -0.31
CA ALA B 30 -11.41 -7.44 -1.04
C ALA B 30 -11.67 -6.78 -2.40
N ASN B 31 -12.28 -7.55 -3.30
CA ASN B 31 -12.57 -7.06 -4.64
C ASN B 31 -14.04 -6.74 -4.89
N GLU B 32 -14.91 -7.30 -4.05
CA GLU B 32 -16.34 -7.05 -4.15
C GLU B 32 -16.93 -6.86 -2.75
N LEU B 33 -17.59 -5.72 -2.54
CA LEU B 33 -18.22 -5.41 -1.28
C LEU B 33 -19.73 -5.26 -1.47
N VAL B 34 -20.48 -6.22 -0.97
CA VAL B 34 -21.95 -6.23 -1.06
C VAL B 34 -22.53 -5.72 0.25
N LEU B 35 -23.41 -4.73 0.16
CA LEU B 35 -24.02 -4.13 1.35
C LEU B 35 -25.50 -4.50 1.51
N ILE B 36 -25.82 -5.19 2.59
CA ILE B 36 -27.20 -5.61 2.87
C ILE B 36 -27.75 -4.97 4.14
N ASP B 37 -28.95 -4.43 4.06
CA ASP B 37 -29.57 -3.83 5.23
C ASP B 37 -31.09 -3.89 5.13
N VAL B 38 -31.75 -4.05 6.27
CA VAL B 38 -33.20 -4.11 6.33
C VAL B 38 -33.75 -2.82 5.70
N ASN B 39 -33.08 -1.70 5.98
CA ASN B 39 -33.46 -0.42 5.39
C ASN B 39 -32.74 -0.43 4.05
N GLN B 40 -33.40 -0.94 3.02
CA GLN B 40 -32.80 -1.04 1.70
C GLN B 40 -32.41 0.25 0.99
N GLU B 41 -32.98 1.37 1.41
CA GLU B 41 -32.65 2.63 0.77
C GLU B 41 -31.30 3.13 1.30
N LYS B 42 -31.11 3.00 2.61
CA LYS B 42 -29.88 3.41 3.26
C LYS B 42 -28.71 2.60 2.70
N ALA B 43 -28.91 1.29 2.52
CA ALA B 43 -27.86 0.43 1.99
C ALA B 43 -27.46 0.88 0.58
N GLU B 44 -28.43 1.38 -0.17
CA GLU B 44 -28.19 1.87 -1.53
C GLU B 44 -27.43 3.19 -1.49
N GLY B 45 -27.86 4.08 -0.60
CA GLY B 45 -27.22 5.38 -0.45
C GLY B 45 -25.76 5.24 -0.10
N GLU B 46 -25.45 4.27 0.75
CA GLU B 46 -24.08 4.02 1.18
C GLU B 46 -23.27 3.40 0.05
N ALA B 47 -23.89 2.50 -0.71
CA ALA B 47 -23.19 1.86 -1.82
C ALA B 47 -22.79 2.91 -2.85
N LEU B 48 -23.67 3.88 -3.11
CA LEU B 48 -23.41 4.94 -4.08
C LEU B 48 -22.27 5.85 -3.64
N ASP B 49 -22.32 6.28 -2.38
CA ASP B 49 -21.32 7.19 -1.82
C ASP B 49 -19.96 6.51 -1.65
N LEU B 50 -19.98 5.23 -1.30
CA LEU B 50 -18.75 4.46 -1.11
C LEU B 50 -18.00 4.23 -2.43
N LEU B 51 -18.73 3.85 -3.48
CA LEU B 51 -18.12 3.58 -4.78
C LEU B 51 -17.66 4.83 -5.52
N ASP B 52 -18.33 5.95 -5.28
CA ASP B 52 -18.05 7.22 -5.93
C ASP B 52 -16.57 7.62 -6.10
N GLY B 53 -15.76 7.45 -5.06
CA GLY B 53 -14.36 7.87 -5.18
C GLY B 53 -13.36 6.82 -5.60
N MET B 54 -13.85 5.68 -6.09
CA MET B 54 -12.97 4.57 -6.49
C MET B 54 -11.90 4.97 -7.51
N ALA B 55 -12.26 5.83 -8.46
CA ALA B 55 -11.29 6.28 -9.46
C ALA B 55 -10.04 6.80 -8.75
N TRP B 56 -10.24 7.39 -7.57
CA TRP B 56 -9.13 7.96 -6.80
C TRP B 56 -8.52 6.98 -5.82
N GLY B 57 -9.01 5.74 -5.80
CA GLY B 57 -8.49 4.77 -4.86
C GLY B 57 -7.24 4.00 -5.24
N GLU B 58 -6.67 3.32 -4.26
CA GLU B 58 -5.46 2.53 -4.44
C GLU B 58 -5.81 1.20 -5.07
N LYS B 59 -7.09 0.84 -5.00
CA LYS B 59 -7.53 -0.44 -5.55
C LYS B 59 -8.90 -0.32 -6.24
N ASN B 60 -9.21 -1.25 -7.11
CA ASN B 60 -10.51 -1.22 -7.78
C ASN B 60 -11.51 -2.12 -7.05
N VAL B 61 -12.33 -1.52 -6.20
CA VAL B 61 -13.31 -2.30 -5.48
C VAL B 61 -14.72 -2.05 -5.96
N SER B 62 -15.45 -3.12 -6.24
CA SER B 62 -16.85 -3.02 -6.66
C SER B 62 -17.68 -2.95 -5.40
N VAL B 63 -18.67 -2.08 -5.39
CA VAL B 63 -19.53 -1.93 -4.24
C VAL B 63 -20.97 -1.80 -4.70
N TRP B 64 -21.86 -2.58 -4.09
CA TRP B 64 -23.27 -2.52 -4.44
C TRP B 64 -24.14 -3.03 -3.31
N SER B 65 -25.41 -2.62 -3.34
CA SER B 65 -26.39 -3.03 -2.33
C SER B 65 -27.16 -4.21 -2.89
N GLY B 66 -27.39 -5.23 -2.06
CA GLY B 66 -28.11 -6.40 -2.54
C GLY B 66 -28.90 -7.21 -1.54
N THR B 67 -29.39 -8.36 -2.00
CA THR B 67 -30.17 -9.28 -1.18
C THR B 67 -29.25 -10.41 -0.75
N TYR B 68 -29.74 -11.26 0.15
CA TYR B 68 -28.95 -12.38 0.65
C TYR B 68 -28.46 -13.36 -0.41
N GLU B 69 -29.05 -13.30 -1.60
CA GLU B 69 -28.64 -14.18 -2.66
C GLU B 69 -27.16 -13.94 -2.98
N GLU B 70 -26.67 -12.75 -2.62
CA GLU B 70 -25.28 -12.39 -2.86
C GLU B 70 -24.30 -13.23 -2.03
N CYS B 71 -24.80 -13.78 -0.92
CA CYS B 71 -24.00 -14.59 -0.01
C CYS B 71 -23.65 -15.97 -0.57
N GLN B 72 -24.41 -16.44 -1.55
CA GLN B 72 -24.18 -17.76 -2.13
C GLN B 72 -22.73 -18.04 -2.47
N ASP B 73 -22.11 -17.15 -3.25
CA ASP B 73 -20.71 -17.32 -3.64
C ASP B 73 -19.82 -16.34 -2.92
N ALA B 74 -20.25 -15.87 -1.75
CA ALA B 74 -19.45 -14.93 -1.00
C ALA B 74 -18.38 -15.67 -0.21
N ASN B 75 -17.22 -15.05 -0.04
CA ASN B 75 -16.14 -15.68 0.73
C ASN B 75 -16.29 -15.39 2.21
N LEU B 76 -16.79 -14.20 2.51
CA LEU B 76 -16.91 -13.80 3.89
C LEU B 76 -18.11 -12.89 4.11
N VAL B 77 -18.81 -13.11 5.23
CA VAL B 77 -19.98 -12.30 5.57
C VAL B 77 -19.72 -11.67 6.94
N ILE B 78 -19.79 -10.35 7.00
CA ILE B 78 -19.57 -9.59 8.23
C ILE B 78 -20.90 -9.12 8.78
N LEU B 79 -21.13 -9.40 10.06
CA LEU B 79 -22.37 -9.03 10.72
C LEU B 79 -22.15 -7.83 11.63
N THR B 80 -22.89 -6.76 11.40
CA THR B 80 -22.79 -5.56 12.22
C THR B 80 -24.19 -5.10 12.59
N ALA B 81 -25.19 -5.80 12.07
CA ALA B 81 -26.58 -5.46 12.32
C ALA B 81 -26.95 -5.56 13.79
N GLY B 82 -27.78 -4.64 14.24
CA GLY B 82 -28.21 -4.62 15.63
C GLY B 82 -28.82 -3.29 15.99
N VAL B 83 -29.37 -3.19 17.20
CA VAL B 83 -29.98 -1.96 17.65
C VAL B 83 -29.26 -1.42 18.89
N ASN B 84 -29.69 -0.23 19.35
CA ASN B 84 -29.11 0.39 20.53
C ASN B 84 -30.17 0.51 21.62
N GLN B 85 -29.75 0.88 22.82
CA GLN B 85 -30.69 1.01 23.94
C GLN B 85 -31.76 2.05 23.66
N LYS B 86 -32.73 2.12 24.56
CA LYS B 86 -33.85 3.06 24.44
C LYS B 86 -34.13 3.62 25.85
N PRO B 87 -35.39 3.99 26.17
CA PRO B 87 -35.59 4.51 27.53
C PRO B 87 -35.40 3.47 28.63
N GLY B 88 -36.50 2.87 29.05
CA GLY B 88 -36.45 1.86 30.11
C GLY B 88 -36.26 0.46 29.55
N GLN B 89 -35.19 0.28 28.79
CA GLN B 89 -34.88 -1.02 28.20
C GLN B 89 -33.68 -1.62 28.90
N THR B 90 -33.88 -2.79 29.52
CA THR B 90 -32.80 -3.46 30.22
C THR B 90 -31.72 -3.85 29.22
N ARG B 91 -30.48 -3.95 29.70
CA ARG B 91 -29.36 -4.33 28.84
C ARG B 91 -29.59 -5.75 28.34
N LEU B 92 -30.42 -6.51 29.05
CA LEU B 92 -30.72 -7.88 28.68
C LEU B 92 -31.73 -7.86 27.55
N ASP B 93 -32.53 -6.81 27.49
CA ASP B 93 -33.54 -6.65 26.45
C ASP B 93 -32.81 -6.39 25.13
N LEU B 94 -31.82 -5.51 25.17
CA LEU B 94 -31.03 -5.15 24.00
C LEU B 94 -30.34 -6.39 23.43
N VAL B 95 -29.72 -7.15 24.31
CA VAL B 95 -29.03 -8.38 23.92
C VAL B 95 -30.03 -9.36 23.31
N LYS B 96 -31.16 -9.55 23.99
CA LYS B 96 -32.19 -10.48 23.50
C LYS B 96 -32.70 -10.14 22.11
N THR B 97 -32.86 -8.85 21.82
CA THR B 97 -33.34 -8.46 20.50
C THR B 97 -32.21 -8.57 19.48
N ASN B 98 -31.04 -7.99 19.76
CA ASN B 98 -29.93 -8.09 18.82
C ASN B 98 -29.64 -9.57 18.57
N ALA B 99 -29.99 -10.40 19.54
CA ALA B 99 -29.79 -11.84 19.42
C ALA B 99 -30.76 -12.41 18.40
N THR B 100 -32.01 -11.95 18.46
CA THR B 100 -33.05 -12.41 17.54
C THR B 100 -32.76 -11.88 16.14
N ILE B 101 -32.21 -10.67 16.07
CA ILE B 101 -31.89 -10.05 14.79
C ILE B 101 -30.76 -10.84 14.13
N THR B 102 -29.70 -11.08 14.90
CA THR B 102 -28.55 -11.83 14.41
C THR B 102 -28.92 -13.25 13.99
N ARG B 103 -29.82 -13.87 14.74
CA ARG B 103 -30.24 -15.24 14.43
C ARG B 103 -31.03 -15.30 13.13
N GLN B 104 -31.80 -14.26 12.86
CA GLN B 104 -32.59 -14.18 11.64
C GLN B 104 -31.64 -14.06 10.47
N ILE B 105 -30.75 -13.07 10.56
CA ILE B 105 -29.75 -12.80 9.53
C ILE B 105 -28.99 -14.06 9.13
N VAL B 106 -28.36 -14.71 10.11
CA VAL B 106 -27.60 -15.92 9.85
C VAL B 106 -28.42 -16.95 9.06
N LYS B 107 -29.68 -17.13 9.46
CA LYS B 107 -30.54 -18.09 8.79
C LYS B 107 -30.71 -17.73 7.31
N GLU B 108 -30.88 -16.44 7.04
CA GLU B 108 -31.02 -15.93 5.67
C GLU B 108 -29.74 -16.20 4.90
N VAL B 109 -28.60 -15.90 5.52
CA VAL B 109 -27.31 -16.11 4.88
C VAL B 109 -27.08 -17.57 4.50
N MET B 110 -27.33 -18.47 5.45
CA MET B 110 -27.14 -19.89 5.21
C MET B 110 -28.12 -20.42 4.17
N ALA B 111 -29.34 -19.91 4.22
CA ALA B 111 -30.37 -20.32 3.25
C ALA B 111 -29.95 -19.97 1.82
N SER B 112 -29.04 -19.01 1.68
CA SER B 112 -28.57 -18.59 0.36
C SER B 112 -27.53 -19.52 -0.27
N GLY B 113 -27.00 -20.43 0.52
CA GLY B 113 -25.99 -21.34 0.00
C GLY B 113 -24.60 -20.97 0.45
N PHE B 114 -24.52 -19.89 1.23
CA PHE B 114 -23.24 -19.42 1.75
C PHE B 114 -22.48 -20.55 2.41
N ASP B 115 -21.20 -20.64 2.10
CA ASP B 115 -20.35 -21.67 2.66
C ASP B 115 -18.95 -21.11 2.87
N GLY B 116 -18.87 -19.95 3.49
CA GLY B 116 -17.59 -19.31 3.76
C GLY B 116 -17.42 -19.07 5.24
N ILE B 117 -16.77 -17.96 5.59
CA ILE B 117 -16.54 -17.61 6.99
C ILE B 117 -17.36 -16.40 7.45
N PHE B 118 -17.74 -16.43 8.73
CA PHE B 118 -18.50 -15.34 9.34
C PHE B 118 -17.58 -14.53 10.23
N VAL B 119 -17.71 -13.20 10.15
CA VAL B 119 -16.94 -12.33 11.02
C VAL B 119 -18.04 -11.59 11.76
N VAL B 120 -18.09 -11.78 13.07
CA VAL B 120 -19.12 -11.15 13.89
C VAL B 120 -18.59 -9.93 14.62
N ALA B 121 -19.08 -8.76 14.24
CA ALA B 121 -18.63 -7.51 14.85
C ALA B 121 -19.72 -6.82 15.69
N SER B 122 -20.94 -7.32 15.61
CA SER B 122 -22.05 -6.74 16.36
C SER B 122 -22.00 -7.18 17.82
N ASN B 123 -22.18 -6.24 18.73
CA ASN B 123 -22.15 -6.57 20.15
C ASN B 123 -23.49 -7.03 20.70
N PRO B 124 -23.46 -7.88 21.74
CA PRO B 124 -22.22 -8.39 22.36
C PRO B 124 -21.61 -9.49 21.49
N VAL B 125 -20.46 -9.17 20.88
CA VAL B 125 -19.76 -10.08 19.97
C VAL B 125 -19.59 -11.53 20.43
N ASP B 126 -19.02 -11.73 21.61
CA ASP B 126 -18.83 -13.09 22.12
C ASP B 126 -20.16 -13.83 22.19
N ILE B 127 -21.18 -13.15 22.69
CA ILE B 127 -22.50 -13.77 22.78
C ILE B 127 -23.07 -14.04 21.40
N LEU B 128 -23.06 -13.03 20.54
CA LEU B 128 -23.60 -13.20 19.19
C LEU B 128 -22.76 -14.16 18.34
N THR B 129 -21.47 -14.23 18.60
CA THR B 129 -20.61 -15.14 17.85
C THR B 129 -21.08 -16.56 18.17
N TYR B 130 -21.27 -16.83 19.46
CA TYR B 130 -21.76 -18.14 19.88
C TYR B 130 -23.11 -18.44 19.23
N LEU B 131 -24.04 -17.49 19.28
CA LEU B 131 -25.34 -17.70 18.66
C LEU B 131 -25.21 -17.91 17.17
N THR B 132 -24.31 -17.16 16.53
CA THR B 132 -24.10 -17.32 15.09
C THR B 132 -23.60 -18.74 14.83
N TRP B 133 -22.70 -19.20 15.69
CA TRP B 133 -22.14 -20.54 15.57
C TRP B 133 -23.26 -21.60 15.72
N GLN B 134 -24.05 -21.48 16.79
CA GLN B 134 -25.14 -22.41 17.00
C GLN B 134 -26.12 -22.46 15.82
N GLU B 135 -26.58 -21.29 15.40
CA GLU B 135 -27.53 -21.20 14.29
C GLU B 135 -27.03 -21.71 12.95
N SER B 136 -25.81 -21.35 12.57
CA SER B 136 -25.25 -21.74 11.27
C SER B 136 -24.96 -23.23 11.07
N GLY B 137 -24.41 -23.88 12.08
CA GLY B 137 -24.09 -25.30 11.95
C GLY B 137 -22.70 -25.47 11.39
N LEU B 138 -22.00 -24.35 11.21
CA LEU B 138 -20.64 -24.35 10.68
C LEU B 138 -19.64 -24.65 11.80
N PRO B 139 -18.44 -25.14 11.42
CA PRO B 139 -17.42 -25.44 12.43
C PRO B 139 -17.11 -24.19 13.25
N ALA B 140 -16.86 -24.38 14.54
CA ALA B 140 -16.58 -23.27 15.42
C ALA B 140 -15.50 -22.36 14.85
N SER B 141 -14.59 -22.93 14.09
CA SER B 141 -13.48 -22.19 13.49
C SER B 141 -13.87 -21.25 12.33
N ARG B 142 -15.06 -21.47 11.76
CA ARG B 142 -15.50 -20.64 10.64
C ARG B 142 -16.42 -19.51 11.06
N VAL B 143 -16.43 -19.23 12.37
CA VAL B 143 -17.24 -18.18 12.95
C VAL B 143 -16.28 -17.36 13.81
N VAL B 144 -15.79 -16.25 13.25
CA VAL B 144 -14.82 -15.41 13.95
C VAL B 144 -15.39 -14.10 14.47
N GLY B 145 -15.35 -13.92 15.78
CA GLY B 145 -15.84 -12.70 16.38
C GLY B 145 -14.66 -11.75 16.55
N THR B 146 -14.94 -10.46 16.69
CA THR B 146 -13.87 -9.47 16.83
C THR B 146 -13.16 -9.57 18.17
N GLY B 147 -13.72 -10.35 19.09
CA GLY B 147 -13.11 -10.53 20.39
C GLY B 147 -12.57 -9.25 21.00
N THR B 148 -11.31 -9.30 21.43
CA THR B 148 -10.66 -8.15 22.04
C THR B 148 -9.69 -7.41 21.10
N THR B 149 -9.92 -7.51 19.80
CA THR B 149 -9.02 -6.83 18.86
C THR B 149 -9.04 -5.30 19.09
N LEU B 150 -10.22 -4.73 19.34
CA LEU B 150 -10.32 -3.29 19.58
C LEU B 150 -9.67 -2.90 20.92
N ASP B 151 -10.02 -3.63 21.98
CA ASP B 151 -9.43 -3.36 23.30
C ASP B 151 -7.91 -3.49 23.22
N THR B 152 -7.45 -4.44 22.42
CA THR B 152 -6.02 -4.68 22.26
C THR B 152 -5.32 -3.53 21.53
N THR B 153 -5.96 -2.98 20.50
CA THR B 153 -5.33 -1.87 19.78
C THR B 153 -5.36 -0.59 20.64
N ARG B 154 -6.36 -0.49 21.52
CA ARG B 154 -6.47 0.65 22.44
C ARG B 154 -5.37 0.48 23.51
N PHE B 155 -5.22 -0.75 23.98
CA PHE B 155 -4.20 -1.14 24.97
C PHE B 155 -2.81 -0.78 24.41
N ARG B 156 -2.59 -1.07 23.13
CA ARG B 156 -1.31 -0.73 22.51
C ARG B 156 -1.12 0.77 22.34
N LYS B 157 -2.21 1.47 22.04
CA LYS B 157 -2.16 2.92 21.88
C LYS B 157 -1.69 3.57 23.17
N GLU B 158 -2.36 3.25 24.27
CA GLU B 158 -2.02 3.83 25.57
C GLU B 158 -0.54 3.60 25.91
N ILE B 159 -0.07 2.38 25.68
CA ILE B 159 1.33 2.03 25.95
C ILE B 159 2.24 2.87 25.04
N ALA B 160 1.88 2.92 23.76
CA ALA B 160 2.63 3.68 22.76
C ALA B 160 2.72 5.14 23.16
N LEU B 161 1.60 5.72 23.57
CA LEU B 161 1.59 7.10 24.00
C LEU B 161 2.50 7.25 25.21
N LYS B 162 2.33 6.35 26.18
CA LYS B 162 3.11 6.37 27.41
C LYS B 162 4.62 6.25 27.20
N LEU B 163 5.04 5.37 26.28
CA LEU B 163 6.46 5.17 26.02
C LEU B 163 7.02 5.96 24.83
N ALA B 164 6.14 6.53 24.03
CA ALA B 164 6.54 7.30 22.85
C ALA B 164 7.18 6.38 21.82
N VAL B 165 6.43 5.34 21.44
CA VAL B 165 6.88 4.37 20.44
C VAL B 165 5.74 4.05 19.50
N ASP B 166 6.08 3.43 18.37
CA ASP B 166 5.11 3.04 17.37
C ASP B 166 4.16 2.04 18.02
N PRO B 167 2.83 2.19 17.82
CA PRO B 167 1.86 1.28 18.40
C PRO B 167 2.03 -0.16 17.86
N ARG B 168 2.54 -0.27 16.64
CA ARG B 168 2.74 -1.56 16.03
C ARG B 168 3.94 -2.26 16.66
N SER B 169 4.69 -1.53 17.49
CA SER B 169 5.87 -2.10 18.17
C SER B 169 5.53 -2.62 19.57
N VAL B 170 4.27 -2.49 19.96
CA VAL B 170 3.81 -2.96 21.27
C VAL B 170 3.19 -4.33 21.04
N HIS B 171 3.47 -5.28 21.92
CA HIS B 171 2.94 -6.62 21.74
C HIS B 171 2.36 -7.23 23.03
N GLY B 172 1.09 -6.93 23.26
CA GLY B 172 0.38 -7.42 24.43
C GLY B 172 -1.08 -7.60 24.08
N TYR B 173 -1.88 -8.12 25.01
CA TYR B 173 -3.28 -8.37 24.73
C TYR B 173 -4.26 -8.09 25.86
N ILE B 174 -5.52 -7.95 25.49
CA ILE B 174 -6.62 -7.78 26.44
C ILE B 174 -7.33 -9.12 26.26
N LEU B 175 -7.61 -9.83 27.34
CA LEU B 175 -8.26 -11.14 27.22
C LEU B 175 -9.64 -11.19 27.84
N GLY B 176 -10.45 -12.13 27.35
CA GLY B 176 -11.81 -12.30 27.87
C GLY B 176 -12.84 -11.56 27.05
N GLU B 177 -13.87 -11.08 27.72
CA GLU B 177 -14.94 -10.33 27.09
C GLU B 177 -14.72 -8.86 27.44
N HIS B 178 -15.03 -7.96 26.50
CA HIS B 178 -14.86 -6.53 26.74
C HIS B 178 -15.67 -6.06 27.95
N GLY B 179 -15.10 -5.12 28.70
CA GLY B 179 -15.78 -4.61 29.88
C GLY B 179 -14.86 -4.44 31.07
N ASP B 180 -15.46 -4.41 32.26
CA ASP B 180 -14.71 -4.25 33.51
C ASP B 180 -14.09 -5.58 33.90
N SER B 181 -14.49 -6.62 33.18
CA SER B 181 -14.00 -7.98 33.41
C SER B 181 -12.76 -8.28 32.58
N GLU B 182 -12.57 -7.54 31.49
CA GLU B 182 -11.42 -7.75 30.61
C GLU B 182 -10.07 -7.73 31.31
N VAL B 183 -9.20 -8.63 30.88
CA VAL B 183 -7.87 -8.78 31.46
C VAL B 183 -6.77 -8.12 30.65
N ALA B 184 -6.01 -7.24 31.31
CA ALA B 184 -4.89 -6.56 30.67
C ALA B 184 -3.65 -7.40 31.03
N ALA B 185 -3.38 -8.43 30.22
CA ALA B 185 -2.26 -9.33 30.46
C ALA B 185 -0.88 -8.67 30.39
N TRP B 186 -0.53 -7.92 31.44
CA TRP B 186 0.76 -7.25 31.50
C TRP B 186 1.94 -8.22 31.54
N SER B 187 1.72 -9.38 32.17
CA SER B 187 2.77 -10.38 32.29
C SER B 187 3.29 -10.81 30.93
N HIS B 188 2.42 -10.76 29.92
CA HIS B 188 2.79 -11.15 28.56
C HIS B 188 2.70 -10.00 27.54
N THR B 189 3.17 -8.83 27.95
CA THR B 189 3.17 -7.66 27.08
C THR B 189 4.62 -7.22 26.94
N THR B 190 5.04 -6.94 25.72
CA THR B 190 6.41 -6.52 25.46
C THR B 190 6.51 -5.36 24.47
N VAL B 191 7.64 -4.66 24.54
CA VAL B 191 7.94 -3.54 23.66
C VAL B 191 9.41 -3.70 23.33
N GLY B 192 9.72 -3.89 22.04
CA GLY B 192 11.11 -4.08 21.66
C GLY B 192 11.66 -5.32 22.33
N GLY B 193 10.78 -6.30 22.57
CA GLY B 193 11.20 -7.54 23.20
C GLY B 193 11.32 -7.42 24.71
N LYS B 194 11.20 -6.20 25.24
CA LYS B 194 11.29 -6.00 26.68
C LYS B 194 9.93 -6.09 27.36
N PRO B 195 9.76 -7.06 28.28
CA PRO B 195 8.50 -7.23 29.00
C PRO B 195 8.13 -5.96 29.79
N ILE B 196 6.84 -5.67 29.87
CA ILE B 196 6.36 -4.50 30.61
C ILE B 196 6.89 -4.55 32.05
N MET B 197 6.77 -5.72 32.68
CA MET B 197 7.23 -5.91 34.05
C MET B 197 8.74 -5.75 34.20
N GLU B 198 9.46 -5.67 33.09
CA GLU B 198 10.90 -5.48 33.16
C GLU B 198 11.09 -3.97 33.22
N TYR B 199 10.16 -3.26 32.59
CA TYR B 199 10.16 -1.80 32.58
C TYR B 199 9.90 -1.34 34.01
N VAL B 200 9.06 -2.10 34.72
CA VAL B 200 8.73 -1.77 36.09
C VAL B 200 9.83 -2.20 37.04
N GLU B 201 9.90 -3.51 37.27
CA GLU B 201 10.85 -4.14 38.18
C GLU B 201 12.34 -3.87 38.01
N LYS B 202 12.82 -3.76 36.78
CA LYS B 202 14.25 -3.53 36.58
C LYS B 202 14.62 -2.12 36.14
N ASP B 203 13.98 -1.62 35.09
CA ASP B 203 14.29 -0.28 34.60
C ASP B 203 13.60 0.75 35.47
N HIS B 204 12.52 0.33 36.13
CA HIS B 204 11.75 1.22 37.01
C HIS B 204 11.02 2.33 36.26
N ARG B 205 11.17 2.38 34.93
CA ARG B 205 10.53 3.42 34.13
C ARG B 205 9.00 3.44 34.28
N LEU B 206 8.44 2.33 34.72
CA LEU B 206 7.00 2.23 34.91
C LEU B 206 6.69 1.73 36.32
N GLU B 207 5.72 2.36 36.95
CA GLU B 207 5.32 2.01 38.30
C GLU B 207 4.08 1.13 38.24
N GLU B 208 3.82 0.39 39.31
CA GLU B 208 2.66 -0.50 39.39
C GLU B 208 1.39 0.27 39.04
N ASN B 209 1.23 1.45 39.64
CA ASN B 209 0.05 2.27 39.42
C ASN B 209 -0.17 2.56 37.94
N ASP B 210 0.90 2.95 37.26
CA ASP B 210 0.85 3.26 35.84
C ASP B 210 0.06 2.21 35.06
N LEU B 211 0.34 0.94 35.34
CA LEU B 211 -0.33 -0.15 34.66
C LEU B 211 -1.81 -0.19 34.97
N THR B 212 -2.21 0.37 36.11
CA THR B 212 -3.61 0.39 36.50
C THR B 212 -4.35 1.47 35.71
N VAL B 213 -3.84 2.68 35.71
CA VAL B 213 -4.46 3.77 34.96
C VAL B 213 -4.69 3.33 33.52
N LEU B 214 -3.60 2.90 32.88
CA LEU B 214 -3.67 2.44 31.48
C LEU B 214 -4.77 1.43 31.31
N ALA B 215 -4.71 0.35 32.07
CA ALA B 215 -5.73 -0.69 31.96
C ALA B 215 -7.13 -0.08 32.02
N ASP B 216 -7.31 0.93 32.86
CA ASP B 216 -8.61 1.58 32.99
C ASP B 216 -8.90 2.52 31.83
N LYS B 217 -7.89 3.26 31.37
CA LYS B 217 -8.10 4.13 30.23
C LYS B 217 -8.68 3.26 29.11
N VAL B 218 -8.19 2.03 29.02
CA VAL B 218 -8.64 1.07 28.01
C VAL B 218 -10.04 0.55 28.33
N LYS B 219 -10.30 0.27 29.61
CA LYS B 219 -11.58 -0.23 30.06
C LYS B 219 -12.69 0.81 29.87
N ASN B 220 -12.33 2.08 29.95
CA ASN B 220 -13.28 3.18 29.80
C ASN B 220 -13.24 3.89 28.46
N ALA B 221 -12.44 3.37 27.53
CA ALA B 221 -12.29 3.96 26.20
C ALA B 221 -13.62 4.29 25.51
N ALA B 222 -14.51 3.31 25.44
CA ALA B 222 -15.80 3.51 24.80
C ALA B 222 -16.55 4.71 25.39
N TYR B 223 -16.84 4.65 26.69
CA TYR B 223 -17.54 5.73 27.39
C TYR B 223 -16.95 7.07 26.99
N GLU B 224 -15.63 7.18 27.09
CA GLU B 224 -14.93 8.41 26.76
C GLU B 224 -15.24 8.88 25.34
N ILE B 225 -15.36 7.96 24.40
CA ILE B 225 -15.66 8.34 23.03
C ILE B 225 -17.16 8.64 22.91
N ILE B 226 -18.00 7.73 23.39
CA ILE B 226 -19.43 7.92 23.31
C ILE B 226 -19.84 9.21 24.03
N ASP B 227 -19.04 9.59 25.02
CA ASP B 227 -19.28 10.80 25.78
C ASP B 227 -19.15 12.04 24.91
N ARG B 228 -18.18 12.02 24.00
CA ARG B 228 -17.91 13.15 23.13
C ARG B 228 -18.46 13.12 21.71
N LYS B 229 -18.74 11.94 21.16
CA LYS B 229 -19.25 11.84 19.79
C LYS B 229 -20.42 10.88 19.59
N LYS B 230 -21.12 10.56 20.67
CA LYS B 230 -22.31 9.71 20.62
C LYS B 230 -22.15 8.21 20.31
N ALA B 231 -21.03 7.82 19.70
CA ALA B 231 -20.83 6.40 19.39
C ALA B 231 -19.41 6.13 18.90
N THR B 232 -19.07 4.87 18.71
CA THR B 232 -17.73 4.53 18.21
C THR B 232 -17.83 3.62 16.98
N TYR B 233 -16.88 3.78 16.06
CA TYR B 233 -16.87 2.96 14.87
C TYR B 233 -15.55 2.91 14.12
N TYR B 234 -14.76 3.98 14.17
CA TYR B 234 -13.46 3.99 13.48
C TYR B 234 -12.51 2.92 14.01
N GLY B 235 -12.46 2.76 15.33
CA GLY B 235 -11.60 1.76 15.92
C GLY B 235 -12.02 0.35 15.53
N ILE B 236 -13.32 0.07 15.61
CA ILE B 236 -13.81 -1.25 15.24
C ILE B 236 -13.70 -1.45 13.73
N GLY B 237 -13.74 -0.37 12.97
CA GLY B 237 -13.63 -0.46 11.53
C GLY B 237 -12.28 -1.04 11.14
N MET B 238 -11.22 -0.55 11.77
CA MET B 238 -9.90 -1.04 11.46
C MET B 238 -9.65 -2.44 12.01
N SER B 239 -10.10 -2.69 13.23
CA SER B 239 -9.91 -4.00 13.84
C SER B 239 -10.51 -5.08 12.98
N THR B 240 -11.73 -4.82 12.48
CA THR B 240 -12.42 -5.79 11.63
C THR B 240 -11.70 -5.96 10.30
N THR B 241 -11.22 -4.86 9.72
CA THR B 241 -10.50 -4.95 8.46
C THR B 241 -9.24 -5.81 8.67
N ARG B 242 -8.58 -5.66 9.80
CA ARG B 242 -7.39 -6.47 10.06
C ARG B 242 -7.73 -7.96 10.08
N ILE B 243 -8.82 -8.31 10.77
CA ILE B 243 -9.25 -9.70 10.84
C ILE B 243 -9.54 -10.20 9.44
N VAL B 244 -10.34 -9.44 8.68
CA VAL B 244 -10.70 -9.83 7.33
C VAL B 244 -9.48 -10.05 6.44
N LYS B 245 -8.50 -9.15 6.53
CA LYS B 245 -7.28 -9.26 5.73
C LYS B 245 -6.47 -10.53 6.08
N ALA B 246 -6.48 -10.91 7.35
CA ALA B 246 -5.76 -12.10 7.80
C ALA B 246 -6.41 -13.39 7.27
N ILE B 247 -7.73 -13.40 7.14
CA ILE B 247 -8.43 -14.57 6.66
C ILE B 247 -8.26 -14.74 5.16
N LEU B 248 -8.59 -13.68 4.41
CA LEU B 248 -8.49 -13.68 2.97
C LEU B 248 -7.11 -14.02 2.44
N ASN B 249 -6.08 -13.51 3.11
CA ASN B 249 -4.73 -13.77 2.66
C ASN B 249 -4.09 -14.97 3.36
N ASN B 250 -4.89 -15.76 4.08
CA ASN B 250 -4.39 -16.95 4.77
C ASN B 250 -3.05 -16.59 5.42
N GLU B 251 -3.06 -15.52 6.21
CA GLU B 251 -1.86 -15.02 6.87
C GLU B 251 -1.25 -15.83 8.01
N GLN B 252 -2.07 -16.59 8.72
CA GLN B 252 -1.58 -17.37 9.85
C GLN B 252 -1.04 -16.36 10.87
N ALA B 253 -1.71 -15.22 10.97
CA ALA B 253 -1.31 -14.18 11.89
C ALA B 253 -2.02 -14.37 13.23
N VAL B 254 -1.48 -13.78 14.29
CA VAL B 254 -2.10 -13.90 15.59
C VAL B 254 -2.94 -12.66 15.88
N LEU B 255 -4.23 -12.88 16.13
CA LEU B 255 -5.18 -11.82 16.45
C LEU B 255 -6.09 -12.28 17.60
N PRO B 256 -6.39 -11.37 18.55
CA PRO B 256 -7.24 -11.71 19.68
C PRO B 256 -8.72 -11.69 19.32
N VAL B 257 -9.11 -12.58 18.41
CA VAL B 257 -10.49 -12.70 17.96
C VAL B 257 -11.29 -13.55 18.93
N SER B 258 -12.57 -13.75 18.63
CA SER B 258 -13.44 -14.56 19.46
C SER B 258 -13.29 -16.01 19.02
N ALA B 259 -12.53 -16.77 19.82
CA ALA B 259 -12.27 -18.18 19.53
C ALA B 259 -12.96 -19.09 20.52
N TYR B 260 -13.32 -20.27 20.04
CA TYR B 260 -13.99 -21.26 20.87
C TYR B 260 -12.99 -21.92 21.83
N LEU B 261 -13.04 -21.53 23.09
CA LEU B 261 -12.15 -22.12 24.08
C LEU B 261 -12.56 -23.57 24.26
N ASN B 262 -11.59 -24.42 24.60
CA ASN B 262 -11.87 -25.82 24.79
C ASN B 262 -10.84 -26.40 25.76
N GLY B 263 -10.52 -25.62 26.78
CA GLY B 263 -9.54 -26.03 27.77
C GLY B 263 -8.58 -24.89 28.05
N GLU B 264 -8.21 -24.17 27.00
CA GLU B 264 -7.29 -23.05 27.12
C GLU B 264 -7.75 -22.11 28.21
N TYR B 265 -6.80 -21.61 28.99
CA TYR B 265 -7.11 -20.69 30.09
C TYR B 265 -8.02 -21.31 31.14
N GLY B 266 -8.25 -22.62 31.02
CA GLY B 266 -9.08 -23.33 31.97
C GLY B 266 -10.57 -23.09 31.80
N GLU B 267 -11.01 -22.81 30.58
CA GLU B 267 -12.43 -22.58 30.32
C GLU B 267 -12.84 -23.39 29.10
N GLU B 268 -14.13 -23.66 28.93
CA GLU B 268 -14.60 -24.44 27.79
C GLU B 268 -15.99 -24.07 27.28
N ASP B 269 -16.30 -24.53 26.07
CA ASP B 269 -17.57 -24.26 25.42
C ASP B 269 -17.96 -22.78 25.51
N ILE B 270 -17.13 -21.93 24.91
CA ILE B 270 -17.42 -20.50 24.93
C ILE B 270 -16.51 -19.79 23.94
N PHE B 271 -17.02 -18.69 23.37
CA PHE B 271 -16.22 -17.90 22.46
C PHE B 271 -15.80 -16.67 23.25
N THR B 272 -14.50 -16.41 23.29
CA THR B 272 -14.02 -15.24 23.99
C THR B 272 -12.72 -14.78 23.34
N GLY B 273 -12.27 -13.58 23.70
CA GLY B 273 -11.06 -13.04 23.12
C GLY B 273 -9.75 -13.57 23.67
N VAL B 274 -9.00 -14.24 22.80
CA VAL B 274 -7.71 -14.81 23.15
C VAL B 274 -6.83 -14.83 21.90
N PRO B 275 -5.53 -14.52 22.05
CA PRO B 275 -4.68 -14.55 20.86
C PRO B 275 -4.81 -15.89 20.14
N SER B 276 -5.21 -15.84 18.87
CA SER B 276 -5.39 -17.03 18.06
C SER B 276 -4.72 -16.85 16.69
N ILE B 277 -4.50 -17.95 15.99
CA ILE B 277 -3.89 -17.91 14.66
C ILE B 277 -5.03 -17.94 13.64
N VAL B 278 -5.03 -16.92 12.78
CA VAL B 278 -6.06 -16.76 11.76
C VAL B 278 -5.54 -17.01 10.35
N ASP B 279 -6.25 -17.87 9.60
CA ASP B 279 -5.86 -18.18 8.23
C ASP B 279 -7.12 -18.20 7.36
N GLU B 280 -6.97 -18.59 6.10
CA GLU B 280 -8.11 -18.62 5.18
C GLU B 280 -9.25 -19.54 5.61
N ASN B 281 -9.04 -20.33 6.64
CA ASN B 281 -10.09 -21.23 7.13
C ASN B 281 -10.66 -20.75 8.45
N GLY B 282 -10.30 -19.53 8.85
CA GLY B 282 -10.77 -18.96 10.10
C GLY B 282 -9.75 -19.07 11.20
N VAL B 283 -10.20 -19.50 12.38
CA VAL B 283 -9.32 -19.66 13.53
C VAL B 283 -8.73 -21.07 13.49
N ARG B 284 -7.41 -21.16 13.45
CA ARG B 284 -6.77 -22.45 13.37
C ARG B 284 -6.52 -23.00 14.76
N GLU B 285 -6.09 -22.12 15.66
CA GLU B 285 -5.80 -22.52 17.02
C GLU B 285 -5.63 -21.34 17.95
N ILE B 286 -5.76 -21.63 19.25
CA ILE B 286 -5.62 -20.63 20.30
C ILE B 286 -4.23 -20.75 20.90
N ILE B 287 -3.69 -19.63 21.36
CA ILE B 287 -2.38 -19.61 21.98
C ILE B 287 -2.67 -19.41 23.46
N ASP B 288 -2.54 -20.49 24.22
CA ASP B 288 -2.81 -20.50 25.66
C ASP B 288 -1.69 -19.90 26.50
N LEU B 289 -1.72 -18.59 26.68
CA LEU B 289 -0.68 -17.92 27.47
C LEU B 289 -0.70 -18.42 28.90
N SER B 290 0.49 -18.50 29.49
CA SER B 290 0.63 -18.92 30.88
C SER B 290 0.57 -17.67 31.76
N ILE B 291 -0.62 -17.08 31.85
CA ILE B 291 -0.83 -15.87 32.64
C ILE B 291 -0.81 -16.10 34.15
N THR B 292 -0.48 -15.04 34.90
CA THR B 292 -0.42 -15.10 36.36
C THR B 292 -1.78 -15.41 36.97
N PRO B 293 -1.79 -16.07 38.15
CA PRO B 293 -3.03 -16.43 38.83
C PRO B 293 -4.05 -15.27 38.93
N GLN B 294 -3.57 -14.05 39.16
CA GLN B 294 -4.46 -12.89 39.23
C GLN B 294 -5.18 -12.75 37.89
N GLU B 295 -4.39 -12.64 36.82
CA GLU B 295 -4.91 -12.48 35.47
C GLU B 295 -5.87 -13.60 35.13
N LYS B 296 -5.54 -14.83 35.49
CA LYS B 296 -6.43 -15.95 35.20
C LYS B 296 -7.68 -15.90 36.07
N ALA B 297 -7.56 -15.33 37.26
CA ALA B 297 -8.72 -15.20 38.12
C ALA B 297 -9.65 -14.20 37.43
N MET B 298 -9.10 -13.05 37.07
CA MET B 298 -9.84 -12.01 36.38
C MET B 298 -10.43 -12.56 35.09
N PHE B 299 -9.69 -13.46 34.44
CA PHE B 299 -10.17 -14.07 33.20
C PHE B 299 -11.36 -14.96 33.52
N HIS B 300 -11.23 -15.76 34.56
CA HIS B 300 -12.30 -16.65 34.98
C HIS B 300 -13.55 -15.82 35.27
N GLN B 301 -13.37 -14.70 35.97
CA GLN B 301 -14.47 -13.82 36.31
C GLN B 301 -15.19 -13.40 35.03
N SER B 302 -14.39 -12.96 34.06
CA SER B 302 -14.91 -12.50 32.79
C SER B 302 -15.69 -13.56 32.04
N VAL B 303 -15.12 -14.75 31.87
CA VAL B 303 -15.81 -15.81 31.13
C VAL B 303 -17.06 -16.29 31.88
N SER B 304 -17.07 -16.15 33.20
CA SER B 304 -18.22 -16.58 33.99
C SER B 304 -19.42 -15.67 33.72
N GLU B 305 -19.20 -14.37 33.76
CA GLU B 305 -20.26 -13.41 33.50
C GLU B 305 -20.84 -13.63 32.12
N LEU B 306 -19.96 -13.94 31.16
CA LEU B 306 -20.35 -14.17 29.78
C LEU B 306 -21.31 -15.36 29.69
N LYS B 307 -20.96 -16.46 30.35
CA LYS B 307 -21.81 -17.65 30.32
C LYS B 307 -23.18 -17.38 30.92
N ALA B 308 -23.20 -16.62 32.01
CA ALA B 308 -24.46 -16.29 32.66
C ALA B 308 -25.43 -15.71 31.62
N VAL B 309 -25.04 -14.57 31.06
CA VAL B 309 -25.87 -13.89 30.07
C VAL B 309 -26.14 -14.75 28.84
N LEU B 310 -25.15 -15.51 28.39
CA LEU B 310 -25.34 -16.35 27.21
C LEU B 310 -26.49 -17.34 27.43
N ASP B 311 -26.44 -18.06 28.54
CA ASP B 311 -27.46 -19.05 28.87
C ASP B 311 -28.90 -18.53 28.81
N THR B 312 -29.07 -17.22 28.79
CA THR B 312 -30.41 -16.64 28.73
C THR B 312 -30.97 -16.73 27.32
N VAL B 313 -30.13 -16.42 26.32
CA VAL B 313 -30.57 -16.46 24.92
C VAL B 313 -30.01 -17.70 24.21
N ARG B 314 -29.11 -18.41 24.87
CA ARG B 314 -28.50 -19.62 24.32
C ARG B 314 -29.61 -20.50 23.75
N LEU B 315 -29.38 -21.07 22.58
CA LEU B 315 -30.36 -21.93 21.92
C LEU B 315 -30.39 -23.34 22.49
N LYS C 3 9.18 22.19 1.11
CA LYS C 3 9.40 20.96 0.30
C LYS C 3 9.19 19.71 1.14
N THR C 4 8.15 18.95 0.81
CA THR C 4 7.83 17.74 1.53
C THR C 4 8.40 16.52 0.82
N SER C 5 8.95 16.76 -0.37
CA SER C 5 9.55 15.69 -1.15
C SER C 5 10.68 15.01 -0.38
N ARG C 6 10.68 13.68 -0.38
CA ARG C 6 11.69 12.90 0.32
C ARG C 6 12.74 12.41 -0.68
N LYS C 7 13.99 12.78 -0.41
CA LYS C 7 15.11 12.44 -1.28
C LYS C 7 16.12 11.52 -0.61
N VAL C 8 16.38 10.39 -1.26
CA VAL C 8 17.33 9.42 -0.74
C VAL C 8 18.43 9.18 -1.78
N VAL C 9 19.66 9.15 -1.31
CA VAL C 9 20.78 8.89 -2.21
C VAL C 9 21.34 7.52 -1.84
N ILE C 10 21.61 6.70 -2.85
CA ILE C 10 22.18 5.37 -2.65
C ILE C 10 23.55 5.34 -3.31
N VAL C 11 24.60 5.19 -2.50
CA VAL C 11 25.97 5.13 -3.02
C VAL C 11 26.37 3.69 -3.24
N GLY C 12 26.59 3.33 -4.50
CA GLY C 12 26.96 1.97 -4.83
C GLY C 12 25.80 1.31 -5.54
N THR C 13 26.00 0.96 -6.80
CA THR C 13 24.93 0.35 -7.56
C THR C 13 25.18 -1.11 -7.93
N GLY C 14 25.55 -1.91 -6.93
CA GLY C 14 25.76 -3.33 -7.17
C GLY C 14 24.46 -4.07 -6.87
N PHE C 15 24.56 -5.34 -6.48
CA PHE C 15 23.38 -6.13 -6.17
C PHE C 15 22.58 -5.54 -5.02
N VAL C 16 23.29 -5.07 -3.99
CA VAL C 16 22.67 -4.52 -2.79
C VAL C 16 22.02 -3.16 -3.01
N GLY C 17 22.75 -2.23 -3.61
CA GLY C 17 22.17 -0.91 -3.86
C GLY C 17 20.94 -0.92 -4.74
N THR C 18 21.00 -1.71 -5.82
CA THR C 18 19.90 -1.82 -6.78
C THR C 18 18.71 -2.59 -6.21
N SER C 19 18.98 -3.55 -5.33
CA SER C 19 17.89 -4.32 -4.72
C SER C 19 17.16 -3.45 -3.72
N ILE C 20 17.92 -2.58 -3.04
CA ILE C 20 17.33 -1.66 -2.07
C ILE C 20 16.43 -0.67 -2.82
N ALA C 21 16.98 -0.12 -3.89
CA ALA C 21 16.27 0.85 -4.75
C ALA C 21 14.98 0.25 -5.26
N TYR C 22 15.05 -0.98 -5.76
CA TYR C 22 13.86 -1.64 -6.30
C TYR C 22 12.83 -1.90 -5.21
N ALA C 23 13.30 -2.30 -4.02
CA ALA C 23 12.39 -2.57 -2.91
C ALA C 23 11.70 -1.28 -2.49
N MET C 24 12.46 -0.18 -2.54
CA MET C 24 11.93 1.13 -2.18
C MET C 24 10.89 1.60 -3.18
N ILE C 25 11.17 1.38 -4.45
CA ILE C 25 10.25 1.80 -5.49
C ILE C 25 8.95 1.02 -5.45
N ASN C 26 9.05 -0.31 -5.33
CA ASN C 26 7.86 -1.14 -5.28
C ASN C 26 7.05 -0.90 -4.02
N GLN C 27 7.71 -0.50 -2.94
CA GLN C 27 7.02 -0.19 -1.70
C GLN C 27 6.62 1.28 -1.70
N GLY C 28 7.20 2.05 -2.62
CA GLY C 28 6.93 3.47 -2.71
C GLY C 28 7.34 4.19 -1.45
N VAL C 29 8.61 4.05 -1.05
CA VAL C 29 9.07 4.69 0.18
C VAL C 29 9.57 6.12 0.06
N ALA C 30 10.34 6.42 -0.99
CA ALA C 30 10.84 7.78 -1.15
C ALA C 30 10.20 8.41 -2.39
N ASN C 31 10.52 9.69 -2.63
CA ASN C 31 9.98 10.38 -3.81
C ASN C 31 11.10 10.57 -4.84
N GLU C 32 12.33 10.66 -4.36
CA GLU C 32 13.49 10.85 -5.23
C GLU C 32 14.65 9.93 -4.85
N LEU C 33 15.12 9.16 -5.83
CA LEU C 33 16.24 8.25 -5.62
C LEU C 33 17.36 8.63 -6.58
N VAL C 34 18.52 8.96 -6.02
CA VAL C 34 19.68 9.32 -6.80
C VAL C 34 20.68 8.19 -6.61
N LEU C 35 21.19 7.67 -7.71
CA LEU C 35 22.14 6.57 -7.66
C LEU C 35 23.53 7.11 -7.96
N ILE C 36 24.49 6.77 -7.11
CA ILE C 36 25.87 7.19 -7.31
C ILE C 36 26.82 6.00 -7.28
N ASP C 37 27.72 5.94 -8.24
CA ASP C 37 28.68 4.84 -8.33
C ASP C 37 29.89 5.27 -9.16
N VAL C 38 31.07 4.82 -8.75
CA VAL C 38 32.30 5.17 -9.45
C VAL C 38 32.14 4.78 -10.93
N ASN C 39 31.45 3.67 -11.16
CA ASN C 39 31.18 3.22 -12.52
C ASN C 39 29.93 3.99 -12.93
N GLN C 40 30.14 5.16 -13.55
CA GLN C 40 29.04 6.03 -13.96
C GLN C 40 28.09 5.44 -14.98
N GLU C 41 28.62 4.63 -15.89
CA GLU C 41 27.77 4.02 -16.90
C GLU C 41 26.81 3.01 -16.25
N LYS C 42 27.32 2.24 -15.30
CA LYS C 42 26.52 1.25 -14.60
C LYS C 42 25.41 1.93 -13.82
N ALA C 43 25.77 2.99 -13.10
CA ALA C 43 24.80 3.75 -12.30
C ALA C 43 23.71 4.32 -13.20
N GLU C 44 24.09 4.71 -14.42
CA GLU C 44 23.13 5.27 -15.34
C GLU C 44 22.25 4.18 -15.90
N GLY C 45 22.84 3.02 -16.17
CA GLY C 45 22.09 1.91 -16.71
C GLY C 45 21.03 1.44 -15.74
N GLU C 46 21.38 1.47 -14.45
CA GLU C 46 20.46 1.04 -13.41
C GLU C 46 19.32 2.02 -13.26
N ALA C 47 19.64 3.31 -13.25
CA ALA C 47 18.62 4.35 -13.11
C ALA C 47 17.61 4.23 -14.26
N LEU C 48 18.13 4.01 -15.46
CA LEU C 48 17.28 3.86 -16.63
C LEU C 48 16.28 2.74 -16.44
N ASP C 49 16.79 1.56 -16.08
CA ASP C 49 15.99 0.35 -15.89
C ASP C 49 15.00 0.44 -14.72
N LEU C 50 15.44 1.00 -13.60
CA LEU C 50 14.58 1.15 -12.42
C LEU C 50 13.40 2.09 -12.69
N LEU C 51 13.65 3.15 -13.45
CA LEU C 51 12.61 4.14 -13.75
C LEU C 51 11.63 3.72 -14.84
N ASP C 52 12.03 2.78 -15.69
CA ASP C 52 11.17 2.33 -16.77
C ASP C 52 9.75 1.91 -16.40
N GLY C 53 9.59 1.11 -15.34
CA GLY C 53 8.26 0.65 -14.98
C GLY C 53 7.37 1.51 -14.08
N MET C 54 7.82 2.73 -13.77
CA MET C 54 7.08 3.62 -12.87
C MET C 54 5.61 3.85 -13.22
N ALA C 55 5.28 3.88 -14.52
CA ALA C 55 3.88 4.09 -14.91
C ALA C 55 3.02 2.96 -14.35
N TRP C 56 3.63 1.81 -14.10
CA TRP C 56 2.91 0.66 -13.58
C TRP C 56 3.06 0.54 -12.07
N GLY C 57 3.72 1.50 -11.45
CA GLY C 57 3.93 1.43 -10.02
C GLY C 57 2.86 2.13 -9.19
N GLU C 58 2.95 1.96 -7.87
CA GLU C 58 1.99 2.56 -6.97
C GLU C 58 2.45 3.91 -6.41
N LYS C 59 3.65 4.32 -6.79
CA LYS C 59 4.18 5.60 -6.35
C LYS C 59 4.95 6.20 -7.51
N ASN C 60 4.92 7.52 -7.63
CA ASN C 60 5.66 8.18 -8.71
C ASN C 60 7.05 8.60 -8.21
N VAL C 61 8.00 7.67 -8.25
CA VAL C 61 9.35 7.99 -7.78
C VAL C 61 10.27 8.45 -8.91
N SER C 62 11.03 9.51 -8.67
CA SER C 62 11.98 10.02 -9.64
C SER C 62 13.27 9.26 -9.40
N VAL C 63 13.90 8.79 -10.48
CA VAL C 63 15.13 8.03 -10.36
C VAL C 63 16.15 8.48 -11.39
N TRP C 64 17.35 8.81 -10.92
CA TRP C 64 18.40 9.23 -11.83
C TRP C 64 19.80 9.05 -11.25
N SER C 65 20.77 8.99 -12.15
CA SER C 65 22.17 8.83 -11.76
C SER C 65 22.74 10.23 -11.55
N GLY C 66 23.60 10.39 -10.54
CA GLY C 66 24.15 11.72 -10.31
C GLY C 66 25.46 11.81 -9.55
N THR C 67 25.83 13.05 -9.20
CA THR C 67 27.06 13.32 -8.47
C THR C 67 26.76 13.57 -7.01
N TYR C 68 27.81 13.80 -6.21
CA TYR C 68 27.64 14.03 -4.79
C TYR C 68 26.93 15.34 -4.47
N GLU C 69 26.86 16.25 -5.44
CA GLU C 69 26.17 17.52 -5.23
C GLU C 69 24.75 17.23 -4.75
N GLU C 70 24.15 16.17 -5.30
CA GLU C 70 22.79 15.75 -4.98
C GLU C 70 22.52 15.47 -3.51
N CYS C 71 23.57 15.21 -2.74
CA CYS C 71 23.42 14.92 -1.31
C CYS C 71 23.11 16.17 -0.49
N GLN C 72 23.41 17.33 -1.07
CA GLN C 72 23.20 18.60 -0.39
C GLN C 72 21.81 18.68 0.23
N ASP C 73 20.79 18.32 -0.54
CA ASP C 73 19.41 18.40 -0.05
C ASP C 73 18.78 17.03 0.15
N ALA C 74 19.60 16.01 0.32
CA ALA C 74 19.08 14.66 0.51
C ALA C 74 18.65 14.51 1.96
N ASN C 75 17.62 13.71 2.19
CA ASN C 75 17.16 13.50 3.56
C ASN C 75 18.01 12.45 4.24
N LEU C 76 18.50 11.49 3.45
CA LEU C 76 19.36 10.45 3.99
C LEU C 76 20.17 9.79 2.90
N VAL C 77 21.37 9.34 3.25
CA VAL C 77 22.25 8.68 2.30
C VAL C 77 22.53 7.24 2.71
N ILE C 78 22.23 6.31 1.82
CA ILE C 78 22.47 4.89 2.05
C ILE C 78 23.82 4.54 1.43
N LEU C 79 24.68 3.89 2.22
CA LEU C 79 26.00 3.51 1.73
C LEU C 79 26.06 2.01 1.52
N THR C 80 26.51 1.59 0.33
CA THR C 80 26.65 0.18 0.00
C THR C 80 27.91 -0.05 -0.84
N ALA C 81 28.56 1.04 -1.24
CA ALA C 81 29.75 0.95 -2.07
C ALA C 81 30.88 0.18 -1.41
N GLY C 82 31.57 -0.66 -2.19
CA GLY C 82 32.68 -1.43 -1.66
C GLY C 82 33.37 -2.23 -2.74
N VAL C 83 34.38 -3.02 -2.37
CA VAL C 83 35.11 -3.85 -3.33
C VAL C 83 35.16 -5.30 -2.92
N ASN C 84 35.61 -6.15 -3.84
CA ASN C 84 35.71 -7.60 -3.62
C ASN C 84 37.09 -8.06 -3.13
N GLN C 85 37.13 -9.29 -2.64
CA GLN C 85 38.37 -9.89 -2.17
C GLN C 85 39.29 -9.99 -3.37
N LYS C 86 40.51 -9.49 -3.24
CA LYS C 86 41.45 -9.55 -4.35
C LYS C 86 42.57 -10.54 -4.06
N PRO C 87 42.98 -11.31 -5.07
CA PRO C 87 44.06 -12.26 -4.80
C PRO C 87 45.32 -11.49 -4.42
N GLY C 88 45.92 -11.86 -3.29
CA GLY C 88 47.11 -11.16 -2.84
C GLY C 88 46.87 -10.33 -1.61
N GLN C 89 45.61 -10.27 -1.16
CA GLN C 89 45.26 -9.51 0.03
C GLN C 89 44.58 -10.40 1.06
N THR C 90 44.77 -10.08 2.33
CA THR C 90 44.15 -10.86 3.39
C THR C 90 42.75 -10.30 3.60
N ARG C 91 42.01 -10.89 4.55
CA ARG C 91 40.66 -10.45 4.85
C ARG C 91 40.70 -9.08 5.50
N LEU C 92 41.69 -8.87 6.38
CA LEU C 92 41.86 -7.58 7.05
C LEU C 92 42.20 -6.52 6.03
N ASP C 93 43.03 -6.87 5.05
CA ASP C 93 43.42 -5.93 4.02
C ASP C 93 42.18 -5.39 3.34
N LEU C 94 41.22 -6.29 3.13
CA LEU C 94 39.96 -5.96 2.48
C LEU C 94 39.15 -4.96 3.32
N VAL C 95 39.17 -5.16 4.63
CA VAL C 95 38.44 -4.28 5.52
C VAL C 95 39.04 -2.88 5.49
N LYS C 96 40.37 -2.79 5.52
CA LYS C 96 41.04 -1.50 5.46
C LYS C 96 40.72 -0.80 4.15
N THR C 97 40.58 -1.61 3.11
CA THR C 97 40.25 -1.09 1.79
C THR C 97 38.85 -0.49 1.80
N ASN C 98 37.87 -1.26 2.27
CA ASN C 98 36.50 -0.76 2.34
C ASN C 98 36.38 0.38 3.35
N ALA C 99 37.27 0.37 4.34
CA ALA C 99 37.27 1.43 5.34
C ALA C 99 37.76 2.72 4.67
N THR C 100 38.73 2.58 3.78
CA THR C 100 39.26 3.74 3.06
C THR C 100 38.20 4.30 2.12
N ILE C 101 37.58 3.42 1.36
CA ILE C 101 36.54 3.80 0.42
C ILE C 101 35.37 4.48 1.11
N THR C 102 34.91 3.91 2.22
CA THR C 102 33.80 4.46 2.95
C THR C 102 34.14 5.87 3.46
N ARG C 103 35.38 6.06 3.91
CA ARG C 103 35.82 7.37 4.40
C ARG C 103 35.88 8.40 3.27
N GLN C 104 36.31 7.96 2.09
CA GLN C 104 36.39 8.86 0.95
C GLN C 104 34.98 9.35 0.63
N ILE C 105 34.04 8.41 0.51
CA ILE C 105 32.65 8.72 0.20
C ILE C 105 32.05 9.66 1.25
N VAL C 106 32.22 9.31 2.52
CA VAL C 106 31.67 10.13 3.59
C VAL C 106 32.16 11.58 3.48
N LYS C 107 33.38 11.78 2.98
CA LYS C 107 33.92 13.13 2.82
C LYS C 107 33.22 13.89 1.69
N GLU C 108 33.17 13.27 0.51
CA GLU C 108 32.52 13.87 -0.66
C GLU C 108 31.10 14.27 -0.30
N VAL C 109 30.41 13.41 0.43
CA VAL C 109 29.04 13.65 0.86
C VAL C 109 28.94 14.86 1.75
N MET C 110 29.75 14.89 2.80
CA MET C 110 29.73 16.01 3.73
C MET C 110 30.11 17.29 2.99
N ALA C 111 31.09 17.18 2.09
CA ALA C 111 31.56 18.31 1.31
C ALA C 111 30.45 18.98 0.50
N SER C 112 29.39 18.24 0.21
CA SER C 112 28.28 18.79 -0.57
C SER C 112 27.33 19.55 0.34
N GLY C 113 27.64 19.55 1.64
CA GLY C 113 26.81 20.25 2.59
C GLY C 113 25.64 19.42 3.06
N PHE C 114 25.73 18.12 2.85
CA PHE C 114 24.69 17.19 3.27
C PHE C 114 24.47 17.34 4.78
N ASP C 115 23.22 17.24 5.20
CA ASP C 115 22.91 17.34 6.63
C ASP C 115 21.71 16.49 6.98
N GLY C 116 21.68 15.26 6.47
CA GLY C 116 20.57 14.38 6.76
C GLY C 116 20.98 13.24 7.68
N ILE C 117 20.58 12.04 7.31
CA ILE C 117 20.90 10.86 8.09
C ILE C 117 21.58 9.80 7.22
N PHE C 118 22.57 9.13 7.79
CA PHE C 118 23.30 8.08 7.09
C PHE C 118 22.71 6.72 7.42
N VAL C 119 22.67 5.84 6.43
CA VAL C 119 22.20 4.47 6.63
C VAL C 119 23.29 3.60 6.00
N VAL C 120 24.15 3.05 6.86
CA VAL C 120 25.28 2.20 6.45
C VAL C 120 24.89 0.74 6.25
N ALA C 121 25.10 0.24 5.04
CA ALA C 121 24.75 -1.14 4.71
C ALA C 121 25.92 -2.00 4.25
N SER C 122 27.00 -1.36 3.82
CA SER C 122 28.17 -2.10 3.36
C SER C 122 28.92 -2.79 4.52
N ASN C 123 29.43 -3.99 4.25
CA ASN C 123 30.14 -4.77 5.26
C ASN C 123 31.64 -4.46 5.41
N PRO C 124 32.16 -4.57 6.64
CA PRO C 124 31.41 -4.96 7.84
C PRO C 124 30.65 -3.74 8.36
N VAL C 125 29.33 -3.86 8.46
CA VAL C 125 28.51 -2.75 8.87
C VAL C 125 28.89 -2.04 10.18
N ASP C 126 29.03 -2.80 11.27
CA ASP C 126 29.39 -2.19 12.56
C ASP C 126 30.66 -1.35 12.48
N ILE C 127 31.68 -1.87 11.81
CA ILE C 127 32.92 -1.15 11.65
C ILE C 127 32.76 0.11 10.80
N LEU C 128 32.29 -0.07 9.58
CA LEU C 128 32.10 1.06 8.68
C LEU C 128 31.12 2.09 9.23
N THR C 129 30.20 1.65 10.07
CA THR C 129 29.25 2.58 10.69
C THR C 129 30.05 3.48 11.62
N TYR C 130 30.93 2.88 12.40
CA TYR C 130 31.76 3.61 13.35
C TYR C 130 32.66 4.60 12.60
N LEU C 131 33.21 4.17 11.47
CA LEU C 131 34.09 5.03 10.69
C LEU C 131 33.33 6.21 10.07
N THR C 132 32.11 5.93 9.63
CA THR C 132 31.27 6.96 9.02
C THR C 132 30.97 8.00 10.09
N TRP C 133 30.80 7.54 11.32
CA TRP C 133 30.52 8.42 12.44
C TRP C 133 31.71 9.36 12.69
N GLN C 134 32.92 8.80 12.76
CA GLN C 134 34.12 9.60 13.00
C GLN C 134 34.37 10.61 11.87
N GLU C 135 34.37 10.11 10.65
CA GLU C 135 34.61 10.94 9.48
C GLU C 135 33.54 12.02 9.27
N SER C 136 32.28 11.66 9.50
CA SER C 136 31.19 12.61 9.31
C SER C 136 31.19 13.71 10.35
N GLY C 137 31.55 13.36 11.58
CA GLY C 137 31.55 14.35 12.64
C GLY C 137 30.14 14.59 13.14
N LEU C 138 29.19 13.81 12.65
CA LEU C 138 27.80 13.95 13.06
C LEU C 138 27.52 13.13 14.31
N PRO C 139 26.49 13.53 15.10
CA PRO C 139 26.16 12.79 16.30
C PRO C 139 25.85 11.34 15.98
N ALA C 140 26.32 10.43 16.83
CA ALA C 140 26.12 9.00 16.65
C ALA C 140 24.73 8.61 16.18
N SER C 141 23.71 9.19 16.81
CA SER C 141 22.31 8.89 16.46
C SER C 141 21.93 9.12 15.00
N ARG C 142 22.71 9.90 14.28
CA ARG C 142 22.44 10.19 12.87
C ARG C 142 23.23 9.34 11.88
N VAL C 143 23.86 8.28 12.39
CA VAL C 143 24.60 7.34 11.55
C VAL C 143 24.01 6.00 11.93
N VAL C 144 23.11 5.49 11.09
CA VAL C 144 22.43 4.24 11.38
C VAL C 144 22.92 3.08 10.53
N GLY C 145 23.49 2.08 11.21
CA GLY C 145 23.97 0.90 10.50
C GLY C 145 22.85 -0.13 10.44
N THR C 146 22.90 -1.04 9.46
CA THR C 146 21.86 -2.06 9.32
C THR C 146 21.85 -3.07 10.45
N GLY C 147 22.88 -3.02 11.29
CA GLY C 147 22.98 -3.92 12.43
C GLY C 147 22.58 -5.34 12.14
N THR C 148 21.67 -5.87 12.95
CA THR C 148 21.18 -7.23 12.82
C THR C 148 19.76 -7.31 12.27
N THR C 149 19.39 -6.39 11.39
CA THR C 149 18.05 -6.40 10.83
C THR C 149 17.85 -7.61 9.91
N LEU C 150 18.87 -7.94 9.12
CA LEU C 150 18.74 -9.08 8.22
C LEU C 150 18.75 -10.37 9.03
N ASP C 151 19.66 -10.45 10.00
CA ASP C 151 19.77 -11.65 10.84
C ASP C 151 18.44 -11.84 11.59
N THR C 152 17.90 -10.72 12.06
CA THR C 152 16.64 -10.75 12.81
C THR C 152 15.47 -11.18 11.93
N THR C 153 15.45 -10.77 10.67
CA THR C 153 14.35 -11.15 9.79
C THR C 153 14.48 -12.64 9.43
N ARG C 154 15.71 -13.12 9.36
CA ARG C 154 15.96 -14.53 9.06
C ARG C 154 15.55 -15.38 10.27
N PHE C 155 15.81 -14.82 11.46
CA PHE C 155 15.48 -15.45 12.74
C PHE C 155 13.96 -15.67 12.80
N ARG C 156 13.21 -14.61 12.53
CA ARG C 156 11.75 -14.65 12.53
C ARG C 156 11.25 -15.58 11.45
N LYS C 157 11.90 -15.56 10.29
CA LYS C 157 11.49 -16.46 9.20
C LYS C 157 11.58 -17.91 9.69
N GLU C 158 12.73 -18.30 10.23
CA GLU C 158 12.93 -19.66 10.72
C GLU C 158 11.88 -20.07 11.76
N ILE C 159 11.58 -19.18 12.70
CA ILE C 159 10.59 -19.46 13.73
C ILE C 159 9.20 -19.62 13.11
N ALA C 160 8.87 -18.73 12.18
CA ALA C 160 7.58 -18.76 11.49
C ALA C 160 7.41 -20.07 10.73
N LEU C 161 8.50 -20.55 10.13
CA LEU C 161 8.47 -21.80 9.39
C LEU C 161 8.28 -22.99 10.35
N LYS C 162 8.88 -22.92 11.52
CA LYS C 162 8.75 -23.98 12.50
C LYS C 162 7.35 -24.06 13.11
N LEU C 163 6.78 -22.93 13.50
CA LEU C 163 5.45 -22.88 14.11
C LEU C 163 4.30 -22.66 13.13
N ALA C 164 4.62 -22.40 11.88
CA ALA C 164 3.60 -22.15 10.86
C ALA C 164 2.79 -20.91 11.21
N VAL C 165 3.48 -19.78 11.35
CA VAL C 165 2.84 -18.51 11.66
C VAL C 165 3.42 -17.41 10.79
N ASP C 166 2.73 -16.29 10.74
CA ASP C 166 3.13 -15.13 9.96
C ASP C 166 4.45 -14.64 10.53
N PRO C 167 5.46 -14.39 9.68
CA PRO C 167 6.75 -13.92 10.23
C PRO C 167 6.61 -12.59 10.95
N ARG C 168 5.61 -11.81 10.55
CA ARG C 168 5.38 -10.51 11.16
C ARG C 168 4.74 -10.67 12.55
N SER C 169 4.45 -11.91 12.92
CA SER C 169 3.86 -12.20 14.22
C SER C 169 4.92 -12.71 15.20
N VAL C 170 6.16 -12.83 14.72
CA VAL C 170 7.24 -13.30 15.59
C VAL C 170 8.01 -12.08 16.12
N HIS C 171 8.22 -12.04 17.43
CA HIS C 171 8.89 -10.90 18.04
C HIS C 171 10.08 -11.30 18.89
N GLY C 172 11.26 -11.23 18.28
CA GLY C 172 12.49 -11.59 18.94
C GLY C 172 13.63 -10.98 18.16
N TYR C 173 14.84 -11.05 18.71
CA TYR C 173 15.97 -10.44 18.04
C TYR C 173 17.25 -11.25 18.04
N ILE C 174 18.14 -10.84 17.14
CA ILE C 174 19.48 -11.40 17.02
C ILE C 174 20.32 -10.18 17.45
N LEU C 175 21.14 -10.34 18.47
CA LEU C 175 21.95 -9.23 18.96
C LEU C 175 23.43 -9.37 18.66
N GLY C 176 24.14 -8.24 18.70
CA GLY C 176 25.56 -8.23 18.47
C GLY C 176 25.98 -7.96 17.04
N GLU C 177 27.13 -8.50 16.66
CA GLU C 177 27.64 -8.33 15.31
C GLU C 177 27.34 -9.61 14.53
N HIS C 178 26.97 -9.46 13.26
CA HIS C 178 26.66 -10.60 12.40
C HIS C 178 27.88 -11.54 12.35
N GLY C 179 27.66 -12.83 12.59
CA GLY C 179 28.76 -13.79 12.57
C GLY C 179 28.59 -14.92 13.56
N ASP C 180 29.62 -15.77 13.69
CA ASP C 180 29.55 -16.90 14.60
C ASP C 180 29.19 -16.54 16.02
N SER C 181 29.54 -15.32 16.46
CA SER C 181 29.25 -14.88 17.82
C SER C 181 27.97 -14.06 18.00
N GLU C 182 27.08 -14.06 17.01
CA GLU C 182 25.84 -13.30 17.14
C GLU C 182 24.93 -13.99 18.17
N VAL C 183 24.20 -13.19 18.95
CA VAL C 183 23.34 -13.77 19.97
C VAL C 183 21.89 -13.94 19.55
N ALA C 184 21.39 -15.18 19.64
CA ALA C 184 20.01 -15.46 19.32
C ALA C 184 19.28 -15.32 20.66
N ALA C 185 18.79 -14.12 20.94
CA ALA C 185 18.11 -13.83 22.21
C ALA C 185 16.77 -14.52 22.39
N TRP C 186 16.79 -15.83 22.60
CA TRP C 186 15.57 -16.60 22.77
C TRP C 186 14.77 -16.20 24.02
N SER C 187 15.47 -15.75 25.06
CA SER C 187 14.83 -15.37 26.30
C SER C 187 13.83 -14.22 26.07
N HIS C 188 14.12 -13.40 25.06
CA HIS C 188 13.26 -12.27 24.74
C HIS C 188 12.61 -12.39 23.36
N THR C 189 12.13 -13.58 23.04
CA THR C 189 11.45 -13.83 21.77
C THR C 189 10.06 -14.34 22.11
N THR C 190 9.06 -13.76 21.46
CA THR C 190 7.69 -14.15 21.72
C THR C 190 6.91 -14.35 20.43
N VAL C 191 5.79 -15.07 20.55
CA VAL C 191 4.90 -15.29 19.43
C VAL C 191 3.50 -15.26 20.04
N GLY C 192 2.75 -14.22 19.71
CA GLY C 192 1.40 -14.10 20.24
C GLY C 192 1.41 -13.96 21.75
N GLY C 193 2.45 -13.31 22.27
CA GLY C 193 2.55 -13.11 23.70
C GLY C 193 3.29 -14.24 24.40
N LYS C 194 3.32 -15.40 23.76
CA LYS C 194 3.99 -16.55 24.36
C LYS C 194 5.50 -16.60 24.06
N PRO C 195 6.33 -16.43 25.10
CA PRO C 195 7.78 -16.48 24.91
C PRO C 195 8.22 -17.89 24.48
N ILE C 196 9.26 -17.97 23.66
CA ILE C 196 9.75 -19.25 23.17
C ILE C 196 9.99 -20.27 24.29
N MET C 197 10.64 -19.85 25.36
CA MET C 197 10.91 -20.76 26.47
C MET C 197 9.64 -21.28 27.13
N GLU C 198 8.49 -20.67 26.80
CA GLU C 198 7.21 -21.13 27.34
C GLU C 198 6.75 -22.22 26.40
N TYR C 199 6.94 -22.02 25.10
CA TYR C 199 6.57 -23.04 24.11
C TYR C 199 7.36 -24.30 24.47
N VAL C 200 8.59 -24.09 24.91
CA VAL C 200 9.47 -25.19 25.29
C VAL C 200 9.04 -25.84 26.60
N GLU C 201 9.39 -25.19 27.71
CA GLU C 201 9.12 -25.67 29.05
C GLU C 201 7.68 -26.00 29.42
N LYS C 202 6.73 -25.13 29.07
CA LYS C 202 5.34 -25.36 29.44
C LYS C 202 4.47 -26.02 28.38
N ASP C 203 4.60 -25.59 27.12
CA ASP C 203 3.79 -26.14 26.05
C ASP C 203 4.41 -27.39 25.43
N HIS C 204 5.73 -27.48 25.49
CA HIS C 204 6.45 -28.60 24.90
C HIS C 204 6.15 -28.68 23.41
N ARG C 205 6.17 -27.52 22.76
CA ARG C 205 5.93 -27.42 21.34
C ARG C 205 7.29 -27.49 20.66
N LEU C 206 8.30 -26.95 21.34
CA LEU C 206 9.67 -26.93 20.84
C LEU C 206 10.58 -27.60 21.87
N GLU C 207 11.84 -27.81 21.51
CA GLU C 207 12.82 -28.41 22.41
C GLU C 207 14.10 -27.61 22.29
N GLU C 208 14.97 -27.74 23.29
CA GLU C 208 16.25 -27.03 23.29
C GLU C 208 16.98 -27.21 21.95
N ASN C 209 17.10 -28.46 21.52
CA ASN C 209 17.79 -28.76 20.27
C ASN C 209 17.27 -27.93 19.11
N ASP C 210 15.95 -27.74 19.05
CA ASP C 210 15.35 -26.94 17.99
C ASP C 210 15.91 -25.53 18.05
N LEU C 211 15.89 -24.95 19.25
CA LEU C 211 16.43 -23.61 19.42
C LEU C 211 17.86 -23.51 18.89
N THR C 212 18.64 -24.56 19.06
CA THR C 212 20.01 -24.57 18.56
C THR C 212 20.02 -24.65 17.04
N VAL C 213 19.25 -25.58 16.50
CA VAL C 213 19.17 -25.75 15.05
C VAL C 213 18.75 -24.45 14.36
N LEU C 214 17.65 -23.88 14.82
CA LEU C 214 17.15 -22.64 14.24
C LEU C 214 18.23 -21.58 14.32
N ALA C 215 18.83 -21.42 15.49
CA ALA C 215 19.88 -20.44 15.68
C ALA C 215 21.01 -20.62 14.66
N ASP C 216 21.41 -21.87 14.41
CA ASP C 216 22.49 -22.12 13.45
C ASP C 216 22.09 -21.73 12.03
N LYS C 217 20.86 -22.03 11.66
CA LYS C 217 20.36 -21.70 10.33
C LYS C 217 20.51 -20.21 10.05
N VAL C 218 20.24 -19.40 11.06
CA VAL C 218 20.37 -17.96 10.91
C VAL C 218 21.84 -17.63 10.71
N LYS C 219 22.68 -18.21 11.56
CA LYS C 219 24.13 -17.99 11.49
C LYS C 219 24.71 -18.42 10.15
N ASN C 220 24.17 -19.51 9.60
CA ASN C 220 24.64 -20.04 8.32
C ASN C 220 23.83 -19.62 7.08
N ALA C 221 22.84 -18.75 7.28
CA ALA C 221 21.98 -18.31 6.16
C ALA C 221 22.72 -17.78 4.95
N ALA C 222 23.67 -16.87 5.15
CA ALA C 222 24.43 -16.29 4.06
C ALA C 222 25.18 -17.36 3.27
N TYR C 223 25.76 -18.33 3.97
CA TYR C 223 26.50 -19.41 3.33
C TYR C 223 25.59 -20.27 2.45
N GLU C 224 24.42 -20.63 2.95
CA GLU C 224 23.52 -21.47 2.19
C GLU C 224 23.03 -20.77 0.91
N ILE C 225 22.82 -19.46 1.00
CA ILE C 225 22.36 -18.67 -0.14
C ILE C 225 23.50 -18.43 -1.13
N ILE C 226 24.61 -17.93 -0.61
CA ILE C 226 25.77 -17.64 -1.45
C ILE C 226 26.22 -18.87 -2.21
N ASP C 227 26.10 -20.03 -1.58
CA ASP C 227 26.49 -21.29 -2.22
C ASP C 227 25.55 -21.66 -3.36
N ARG C 228 24.32 -21.17 -3.32
CA ARG C 228 23.34 -21.48 -4.36
C ARG C 228 23.13 -20.42 -5.43
N LYS C 229 23.33 -19.14 -5.10
CA LYS C 229 23.13 -18.07 -6.07
C LYS C 229 24.21 -16.99 -6.10
N LYS C 230 25.41 -17.33 -5.63
CA LYS C 230 26.55 -16.41 -5.63
C LYS C 230 26.55 -15.25 -4.64
N ALA C 231 25.40 -14.68 -4.35
CA ALA C 231 25.33 -13.58 -3.41
C ALA C 231 23.97 -13.49 -2.75
N THR C 232 23.87 -12.63 -1.74
CA THR C 232 22.60 -12.41 -1.07
C THR C 232 22.34 -10.92 -1.22
N TYR C 233 21.09 -10.52 -1.47
CA TYR C 233 20.79 -9.11 -1.61
C TYR C 233 19.34 -8.76 -1.42
N TYR C 234 18.45 -9.72 -1.70
CA TYR C 234 17.02 -9.47 -1.52
C TYR C 234 16.65 -9.27 -0.05
N GLY C 235 17.20 -10.11 0.80
CA GLY C 235 16.91 -10.01 2.22
C GLY C 235 17.35 -8.69 2.79
N ILE C 236 18.56 -8.26 2.42
CA ILE C 236 19.10 -6.99 2.90
C ILE C 236 18.40 -5.80 2.26
N GLY C 237 17.89 -5.99 1.04
CA GLY C 237 17.18 -4.90 0.37
C GLY C 237 15.94 -4.50 1.15
N MET C 238 15.22 -5.50 1.64
CA MET C 238 14.02 -5.27 2.43
C MET C 238 14.34 -4.75 3.83
N SER C 239 15.44 -5.20 4.42
CA SER C 239 15.80 -4.74 5.77
C SER C 239 16.15 -3.26 5.73
N THR C 240 16.95 -2.87 4.75
CA THR C 240 17.36 -1.49 4.60
C THR C 240 16.16 -0.59 4.33
N THR C 241 15.25 -1.03 3.46
CA THR C 241 14.06 -0.23 3.17
C THR C 241 13.23 -0.05 4.44
N ARG C 242 13.11 -1.11 5.24
CA ARG C 242 12.34 -1.04 6.47
C ARG C 242 12.90 0.10 7.31
N ILE C 243 14.22 0.14 7.41
CA ILE C 243 14.91 1.16 8.18
C ILE C 243 14.64 2.56 7.64
N VAL C 244 14.79 2.75 6.33
CA VAL C 244 14.53 4.03 5.70
C VAL C 244 13.10 4.46 5.96
N LYS C 245 12.18 3.50 5.88
CA LYS C 245 10.77 3.78 6.12
C LYS C 245 10.54 4.37 7.50
N ALA C 246 11.12 3.73 8.52
CA ALA C 246 10.95 4.20 9.90
C ALA C 246 11.55 5.59 10.11
N ILE C 247 12.67 5.87 9.45
CA ILE C 247 13.29 7.18 9.58
C ILE C 247 12.45 8.28 8.91
N LEU C 248 12.18 8.14 7.62
CA LEU C 248 11.42 9.13 6.90
C LEU C 248 10.04 9.43 7.48
N ASN C 249 9.36 8.40 7.98
CA ASN C 249 8.04 8.59 8.53
C ASN C 249 8.02 8.77 10.04
N ASN C 250 9.17 9.09 10.63
CA ASN C 250 9.26 9.32 12.06
C ASN C 250 8.38 8.35 12.84
N GLU C 251 8.48 7.07 12.50
CA GLU C 251 7.68 6.02 13.13
C GLU C 251 7.89 5.74 14.62
N GLN C 252 9.10 5.93 15.10
CA GLN C 252 9.43 5.64 16.50
C GLN C 252 9.26 4.15 16.68
N ALA C 253 9.65 3.40 15.66
CA ALA C 253 9.55 1.95 15.68
C ALA C 253 10.82 1.34 16.25
N VAL C 254 10.73 0.09 16.66
CA VAL C 254 11.89 -0.61 17.20
C VAL C 254 12.50 -1.48 16.09
N LEU C 255 13.80 -1.34 15.88
CA LEU C 255 14.52 -2.10 14.86
C LEU C 255 15.91 -2.40 15.42
N PRO C 256 16.38 -3.65 15.24
CA PRO C 256 17.72 -4.02 15.74
C PRO C 256 18.85 -3.51 14.86
N VAL C 257 18.93 -2.19 14.70
CA VAL C 257 19.98 -1.58 13.90
C VAL C 257 21.27 -1.41 14.71
N SER C 258 22.29 -0.86 14.07
CA SER C 258 23.60 -0.59 14.70
C SER C 258 23.51 0.73 15.48
N ALA C 259 23.45 0.65 16.80
CA ALA C 259 23.36 1.83 17.63
C ALA C 259 24.62 2.05 18.48
N TYR C 260 24.93 3.29 18.77
CA TYR C 260 26.10 3.62 19.57
C TYR C 260 25.83 3.30 21.03
N LEU C 261 26.44 2.25 21.56
CA LEU C 261 26.22 1.87 22.95
C LEU C 261 26.97 2.80 23.91
N ASN C 262 26.36 3.03 25.07
CA ASN C 262 26.95 3.90 26.08
C ASN C 262 26.67 3.33 27.47
N GLY C 263 26.81 2.01 27.60
CA GLY C 263 26.56 1.36 28.86
C GLY C 263 25.55 0.24 28.75
N GLU C 264 24.63 0.36 27.78
CA GLU C 264 23.62 -0.67 27.58
C GLU C 264 24.27 -2.03 27.34
N TYR C 265 23.62 -3.08 27.81
CA TYR C 265 24.14 -4.43 27.64
C TYR C 265 25.52 -4.61 28.27
N GLY C 266 25.99 -3.57 28.93
CA GLY C 266 27.31 -3.63 29.58
C GLY C 266 28.49 -3.28 28.69
N GLU C 267 28.21 -2.75 27.49
CA GLU C 267 29.26 -2.39 26.55
C GLU C 267 29.16 -0.89 26.22
N GLU C 268 30.27 -0.32 25.73
CA GLU C 268 30.29 1.10 25.38
C GLU C 268 31.29 1.43 24.25
N ASP C 269 31.08 2.58 23.64
CA ASP C 269 31.93 3.07 22.57
C ASP C 269 32.03 2.18 21.32
N ILE C 270 30.89 1.73 20.82
CA ILE C 270 30.83 0.93 19.59
C ILE C 270 29.40 0.82 19.08
N PHE C 271 29.26 0.66 17.78
CA PHE C 271 27.96 0.49 17.18
C PHE C 271 27.79 -1.01 16.97
N THR C 272 26.69 -1.57 17.47
CA THR C 272 26.43 -2.98 17.31
C THR C 272 24.93 -3.19 17.18
N GLY C 273 24.50 -4.37 16.77
CA GLY C 273 23.07 -4.63 16.59
C GLY C 273 22.26 -4.88 17.84
N VAL C 274 21.32 -3.96 18.14
CA VAL C 274 20.44 -4.07 19.30
C VAL C 274 19.12 -3.34 19.05
N PRO C 275 18.00 -3.84 19.61
CA PRO C 275 16.70 -3.18 19.40
C PRO C 275 16.78 -1.70 19.79
N SER C 276 16.29 -0.83 18.91
CA SER C 276 16.35 0.61 19.14
C SER C 276 15.15 1.34 18.56
N ILE C 277 14.85 2.50 19.14
CA ILE C 277 13.75 3.31 18.67
C ILE C 277 14.29 4.20 17.58
N VAL C 278 13.72 4.07 16.39
CA VAL C 278 14.14 4.83 15.22
C VAL C 278 13.10 5.86 14.80
N ASP C 279 13.56 7.07 14.51
CA ASP C 279 12.66 8.14 14.08
C ASP C 279 13.35 9.06 13.07
N GLU C 280 12.73 10.20 12.75
CA GLU C 280 13.30 11.11 11.77
C GLU C 280 14.66 11.70 12.09
N ASN C 281 15.10 11.53 13.33
CA ASN C 281 16.41 12.06 13.71
C ASN C 281 17.44 10.96 13.88
N GLY C 282 17.10 9.76 13.41
CA GLY C 282 17.99 8.63 13.51
C GLY C 282 17.57 7.72 14.66
N VAL C 283 18.53 7.25 15.43
CA VAL C 283 18.25 6.37 16.57
C VAL C 283 18.05 7.21 17.83
N ARG C 284 16.85 7.14 18.40
CA ARG C 284 16.54 7.90 19.60
C ARG C 284 17.12 7.28 20.88
N GLU C 285 16.87 5.99 21.08
CA GLU C 285 17.37 5.30 22.27
C GLU C 285 17.43 3.80 22.07
N ILE C 286 18.29 3.15 22.86
CA ILE C 286 18.46 1.71 22.80
C ILE C 286 17.56 1.06 23.83
N ILE C 287 17.02 -0.11 23.51
CA ILE C 287 16.19 -0.84 24.45
C ILE C 287 17.09 -1.92 25.04
N ASP C 288 17.51 -1.69 26.28
CA ASP C 288 18.40 -2.59 27.01
C ASP C 288 17.64 -3.81 27.52
N LEU C 289 17.80 -4.95 26.84
CA LEU C 289 17.12 -6.16 27.26
C LEU C 289 17.89 -6.88 28.36
N SER C 290 17.15 -7.37 29.34
CA SER C 290 17.75 -8.11 30.45
C SER C 290 17.93 -9.57 30.05
N ILE C 291 18.80 -9.80 29.06
CA ILE C 291 19.08 -11.14 28.55
C ILE C 291 19.73 -12.01 29.62
N THR C 292 19.72 -13.32 29.41
CA THR C 292 20.30 -14.25 30.38
C THR C 292 21.83 -14.16 30.39
N PRO C 293 22.45 -14.57 31.53
CA PRO C 293 23.91 -14.52 31.63
C PRO C 293 24.64 -15.19 30.48
N GLN C 294 24.05 -16.25 29.94
CA GLN C 294 24.68 -16.93 28.82
C GLN C 294 24.55 -16.05 27.58
N GLU C 295 23.37 -15.48 27.37
CA GLU C 295 23.16 -14.61 26.22
C GLU C 295 24.06 -13.39 26.31
N LYS C 296 24.19 -12.83 27.50
CA LYS C 296 25.03 -11.65 27.68
C LYS C 296 26.51 -11.96 27.51
N ALA C 297 26.95 -13.12 28.01
CA ALA C 297 28.34 -13.49 27.87
C ALA C 297 28.65 -13.64 26.37
N MET C 298 27.69 -14.17 25.64
CA MET C 298 27.85 -14.34 24.20
C MET C 298 27.87 -12.99 23.50
N PHE C 299 27.14 -12.01 24.05
CA PHE C 299 27.10 -10.65 23.48
C PHE C 299 28.44 -9.98 23.74
N HIS C 300 28.96 -10.17 24.95
CA HIS C 300 30.24 -9.58 25.34
C HIS C 300 31.32 -10.08 24.39
N GLN C 301 31.33 -11.40 24.17
CA GLN C 301 32.30 -12.02 23.29
C GLN C 301 32.17 -11.42 21.90
N SER C 302 30.93 -11.30 21.43
CA SER C 302 30.62 -10.75 20.13
C SER C 302 31.22 -9.35 20.01
N VAL C 303 30.96 -8.50 21.00
CA VAL C 303 31.48 -7.14 20.97
C VAL C 303 33.00 -7.08 21.10
N SER C 304 33.58 -8.08 21.79
CA SER C 304 35.02 -8.15 21.98
C SER C 304 35.73 -8.36 20.64
N GLU C 305 35.23 -9.32 19.87
CA GLU C 305 35.80 -9.61 18.56
C GLU C 305 35.66 -8.37 17.69
N LEU C 306 34.49 -7.73 17.78
CA LEU C 306 34.21 -6.52 17.03
C LEU C 306 35.30 -5.49 17.33
N LYS C 307 35.51 -5.23 18.61
CA LYS C 307 36.50 -4.26 19.04
C LYS C 307 37.91 -4.54 18.54
N ALA C 308 38.31 -5.81 18.57
CA ALA C 308 39.66 -6.18 18.12
C ALA C 308 39.92 -5.67 16.71
N VAL C 309 39.02 -6.02 15.80
CA VAL C 309 39.12 -5.61 14.41
C VAL C 309 39.02 -4.09 14.26
N LEU C 310 38.07 -3.49 14.96
CA LEU C 310 37.86 -2.05 14.90
C LEU C 310 39.15 -1.28 15.21
N ASP C 311 39.90 -1.74 16.20
CA ASP C 311 41.16 -1.09 16.57
C ASP C 311 42.16 -1.18 15.43
N THR C 312 42.10 -2.26 14.67
CA THR C 312 43.01 -2.46 13.56
C THR C 312 42.80 -1.49 12.39
N VAL C 313 41.67 -0.78 12.38
CA VAL C 313 41.39 0.15 11.30
C VAL C 313 41.00 1.55 11.78
N ARG C 314 40.36 1.62 12.94
CA ARG C 314 39.91 2.89 13.53
C ARG C 314 40.92 4.02 13.40
N LEU C 315 40.41 5.24 13.20
CA LEU C 315 41.26 6.42 13.08
C LEU C 315 41.11 7.17 14.40
N GLU C 316 42.22 7.73 14.89
CA GLU C 316 42.20 8.46 16.16
C GLU C 316 41.34 9.72 16.11
N LYS D 3 -10.73 -21.56 -0.07
CA LYS D 3 -9.31 -21.23 -0.40
C LYS D 3 -9.17 -19.93 -1.17
N THR D 4 -8.89 -18.85 -0.45
CA THR D 4 -8.73 -17.54 -1.07
C THR D 4 -7.27 -17.22 -1.38
N SER D 5 -6.37 -18.01 -0.81
CA SER D 5 -4.94 -17.80 -1.02
C SER D 5 -4.58 -17.83 -2.51
N ARG D 6 -3.91 -16.79 -2.97
CA ARG D 6 -3.49 -16.70 -4.38
C ARG D 6 -2.09 -17.27 -4.57
N LYS D 7 -2.00 -18.26 -5.44
CA LYS D 7 -0.74 -18.93 -5.71
C LYS D 7 -0.21 -18.71 -7.12
N VAL D 8 0.99 -18.14 -7.21
CA VAL D 8 1.60 -17.91 -8.51
C VAL D 8 2.90 -18.70 -8.63
N VAL D 9 3.11 -19.31 -9.79
CA VAL D 9 4.32 -20.09 -10.06
C VAL D 9 5.17 -19.31 -11.06
N ILE D 10 6.45 -19.21 -10.78
CA ILE D 10 7.37 -18.52 -11.68
C ILE D 10 8.39 -19.53 -12.23
N VAL D 11 8.26 -19.88 -13.50
CA VAL D 11 9.19 -20.83 -14.14
C VAL D 11 10.36 -20.06 -14.74
N GLY D 12 11.55 -20.29 -14.19
CA GLY D 12 12.75 -19.60 -14.64
C GLY D 12 13.18 -18.62 -13.56
N THR D 13 14.33 -18.88 -12.93
CA THR D 13 14.80 -18.01 -11.86
C THR D 13 16.05 -17.21 -12.20
N GLY D 14 15.97 -16.43 -13.28
CA GLY D 14 17.08 -15.59 -13.68
C GLY D 14 16.75 -14.18 -13.27
N PHE D 15 17.43 -13.19 -13.85
CA PHE D 15 17.17 -11.78 -13.53
C PHE D 15 15.70 -11.42 -13.67
N VAL D 16 15.07 -11.87 -14.75
CA VAL D 16 13.66 -11.55 -15.00
C VAL D 16 12.72 -12.18 -13.98
N GLY D 17 12.84 -13.48 -13.79
CA GLY D 17 11.96 -14.16 -12.84
C GLY D 17 12.12 -13.72 -11.39
N THR D 18 13.36 -13.50 -10.95
CA THR D 18 13.59 -13.07 -9.57
C THR D 18 13.18 -11.61 -9.37
N SER D 19 13.29 -10.79 -10.42
CA SER D 19 12.89 -9.39 -10.35
C SER D 19 11.36 -9.27 -10.28
N ILE D 20 10.67 -10.22 -10.93
CA ILE D 20 9.22 -10.23 -10.91
C ILE D 20 8.79 -10.69 -9.51
N ALA D 21 9.49 -11.68 -8.99
CA ALA D 21 9.21 -12.19 -7.66
C ALA D 21 9.40 -11.09 -6.61
N TYR D 22 10.52 -10.38 -6.71
CA TYR D 22 10.82 -9.31 -5.76
C TYR D 22 9.82 -8.18 -5.85
N ALA D 23 9.44 -7.81 -7.07
CA ALA D 23 8.46 -6.75 -7.24
C ALA D 23 7.13 -7.17 -6.61
N MET D 24 6.74 -8.42 -6.85
CA MET D 24 5.50 -8.94 -6.32
C MET D 24 5.50 -8.97 -4.81
N ILE D 25 6.61 -9.39 -4.23
CA ILE D 25 6.72 -9.46 -2.78
C ILE D 25 6.62 -8.06 -2.17
N ASN D 26 7.36 -7.11 -2.71
CA ASN D 26 7.33 -5.76 -2.17
C ASN D 26 6.02 -5.00 -2.39
N GLN D 27 5.29 -5.33 -3.45
CA GLN D 27 4.02 -4.69 -3.71
C GLN D 27 2.94 -5.47 -2.97
N GLY D 28 3.30 -6.68 -2.55
CA GLY D 28 2.35 -7.52 -1.84
C GLY D 28 1.30 -8.17 -2.71
N VAL D 29 1.72 -8.72 -3.84
CA VAL D 29 0.80 -9.38 -4.75
C VAL D 29 0.95 -10.89 -4.54
N ALA D 30 -0.17 -11.62 -4.59
CA ALA D 30 -0.14 -13.07 -4.38
C ALA D 30 0.27 -13.45 -2.97
N ASN D 31 -0.17 -14.61 -2.52
CA ASN D 31 0.14 -15.08 -1.18
C ASN D 31 1.15 -16.21 -1.18
N GLU D 32 1.28 -16.89 -2.31
CA GLU D 32 2.23 -18.00 -2.45
C GLU D 32 2.98 -17.88 -3.76
N LEU D 33 4.32 -17.85 -3.67
CA LEU D 33 5.18 -17.76 -4.86
C LEU D 33 6.01 -19.02 -4.98
N VAL D 34 5.76 -19.83 -6.01
CA VAL D 34 6.53 -21.04 -6.21
C VAL D 34 7.56 -20.80 -7.31
N LEU D 35 8.82 -21.08 -7.01
CA LEU D 35 9.92 -20.89 -7.95
C LEU D 35 10.34 -22.23 -8.55
N ILE D 36 10.45 -22.26 -9.88
CA ILE D 36 10.85 -23.47 -10.59
C ILE D 36 11.94 -23.18 -11.62
N ASP D 37 12.98 -23.99 -11.63
CA ASP D 37 14.07 -23.81 -12.57
C ASP D 37 14.80 -25.12 -12.80
N VAL D 38 15.26 -25.33 -14.04
CA VAL D 38 16.00 -26.53 -14.37
C VAL D 38 17.21 -26.60 -13.43
N ASN D 39 17.78 -25.43 -13.08
CA ASN D 39 18.89 -25.35 -12.14
C ASN D 39 18.23 -25.23 -10.77
N GLN D 40 17.87 -26.37 -10.19
CA GLN D 40 17.18 -26.39 -8.92
C GLN D 40 17.90 -25.75 -7.73
N GLU D 41 19.22 -25.74 -7.75
CA GLU D 41 19.94 -25.11 -6.65
C GLU D 41 19.77 -23.60 -6.71
N LYS D 42 19.82 -23.04 -7.91
CA LYS D 42 19.65 -21.60 -8.08
C LYS D 42 18.26 -21.20 -7.57
N ALA D 43 17.26 -22.02 -7.91
CA ALA D 43 15.89 -21.76 -7.49
C ALA D 43 15.77 -21.68 -5.97
N GLU D 44 16.42 -22.61 -5.27
CA GLU D 44 16.40 -22.60 -3.80
C GLU D 44 17.14 -21.41 -3.23
N GLY D 45 18.26 -21.05 -3.84
CA GLY D 45 19.04 -19.93 -3.38
C GLY D 45 18.19 -18.67 -3.45
N GLU D 46 17.41 -18.58 -4.51
CA GLU D 46 16.54 -17.44 -4.72
C GLU D 46 15.38 -17.45 -3.73
N ALA D 47 14.79 -18.63 -3.51
CA ALA D 47 13.67 -18.75 -2.58
C ALA D 47 14.11 -18.40 -1.16
N LEU D 48 15.32 -18.82 -0.79
CA LEU D 48 15.84 -18.53 0.55
C LEU D 48 16.07 -17.02 0.70
N ASP D 49 16.78 -16.43 -0.25
CA ASP D 49 17.07 -15.01 -0.21
C ASP D 49 15.80 -14.14 -0.31
N LEU D 50 14.87 -14.56 -1.16
CA LEU D 50 13.63 -13.82 -1.35
C LEU D 50 12.72 -13.83 -0.11
N LEU D 51 12.70 -14.96 0.61
CA LEU D 51 11.86 -15.09 1.79
C LEU D 51 12.45 -14.44 3.03
N ASP D 52 13.78 -14.36 3.10
CA ASP D 52 14.49 -13.79 4.24
C ASP D 52 13.95 -12.49 4.86
N GLY D 53 13.59 -11.52 4.04
CA GLY D 53 13.12 -10.26 4.58
C GLY D 53 11.62 -10.10 4.77
N MET D 54 10.85 -11.18 4.64
CA MET D 54 9.40 -11.09 4.78
C MET D 54 8.91 -10.48 6.09
N ALA D 55 9.70 -10.58 7.15
CA ALA D 55 9.29 -10.02 8.43
C ALA D 55 9.25 -8.49 8.31
N TRP D 56 10.07 -7.94 7.42
CA TRP D 56 10.14 -6.50 7.22
C TRP D 56 9.21 -6.04 6.10
N GLY D 57 8.46 -6.97 5.52
CA GLY D 57 7.56 -6.62 4.44
C GLY D 57 6.19 -6.12 4.85
N GLU D 58 5.44 -5.63 3.87
CA GLU D 58 4.11 -5.15 4.17
C GLU D 58 3.05 -6.20 3.90
N LYS D 59 3.49 -7.39 3.52
CA LYS D 59 2.56 -8.49 3.29
C LYS D 59 3.25 -9.82 3.60
N ASN D 60 2.46 -10.81 3.98
CA ASN D 60 3.03 -12.11 4.28
C ASN D 60 2.95 -13.01 3.04
N VAL D 61 4.08 -13.19 2.38
CA VAL D 61 4.12 -14.03 1.19
C VAL D 61 4.99 -15.26 1.43
N SER D 62 4.45 -16.43 1.11
CA SER D 62 5.21 -17.67 1.26
C SER D 62 5.99 -17.88 -0.02
N VAL D 63 7.27 -18.20 0.10
CA VAL D 63 8.11 -18.42 -1.05
C VAL D 63 8.90 -19.71 -0.91
N TRP D 64 8.94 -20.50 -1.98
CA TRP D 64 9.70 -21.74 -1.95
C TRP D 64 9.96 -22.28 -3.35
N SER D 65 10.97 -23.12 -3.45
CA SER D 65 11.38 -23.75 -4.70
C SER D 65 10.61 -25.06 -4.82
N GLY D 66 10.18 -25.42 -6.03
CA GLY D 66 9.43 -26.65 -6.18
C GLY D 66 9.37 -27.31 -7.54
N THR D 67 8.51 -28.31 -7.65
CA THR D 67 8.32 -29.08 -8.87
C THR D 67 7.08 -28.62 -9.62
N TYR D 68 6.94 -29.08 -10.86
CA TYR D 68 5.81 -28.70 -11.66
C TYR D 68 4.48 -29.11 -11.05
N GLU D 69 4.53 -30.09 -10.17
CA GLU D 69 3.33 -30.59 -9.50
C GLU D 69 2.67 -29.49 -8.68
N GLU D 70 3.39 -28.39 -8.46
CA GLU D 70 2.88 -27.26 -7.70
C GLU D 70 1.91 -26.45 -8.55
N CYS D 71 2.03 -26.60 -9.87
CA CYS D 71 1.17 -25.89 -10.81
C CYS D 71 -0.26 -26.43 -10.81
N GLN D 72 -0.48 -27.56 -10.16
CA GLN D 72 -1.82 -28.15 -10.15
C GLN D 72 -2.90 -27.26 -9.57
N ASP D 73 -2.64 -26.70 -8.39
CA ASP D 73 -3.60 -25.81 -7.74
C ASP D 73 -3.15 -24.36 -7.84
N ALA D 74 -2.30 -24.07 -8.81
CA ALA D 74 -1.81 -22.70 -9.00
C ALA D 74 -2.82 -21.87 -9.76
N ASN D 75 -2.89 -20.56 -9.46
CA ASN D 75 -3.81 -19.69 -10.16
C ASN D 75 -3.24 -19.27 -11.49
N LEU D 76 -1.94 -18.99 -11.51
CA LEU D 76 -1.33 -18.62 -12.77
C LEU D 76 0.16 -18.90 -12.79
N VAL D 77 0.66 -19.24 -13.97
CA VAL D 77 2.06 -19.56 -14.14
C VAL D 77 2.72 -18.50 -15.02
N ILE D 78 3.85 -17.97 -14.56
CA ILE D 78 4.60 -16.96 -15.31
C ILE D 78 5.82 -17.61 -15.95
N LEU D 79 5.88 -17.57 -17.28
CA LEU D 79 6.99 -18.16 -18.00
C LEU D 79 8.08 -17.14 -18.28
N THR D 80 9.28 -17.42 -17.79
CA THR D 80 10.41 -16.52 -18.02
C THR D 80 11.64 -17.31 -18.46
N ALA D 81 11.55 -18.64 -18.42
CA ALA D 81 12.67 -19.48 -18.80
C ALA D 81 13.06 -19.28 -20.26
N GLY D 82 14.32 -19.60 -20.56
CA GLY D 82 14.83 -19.46 -21.92
C GLY D 82 16.30 -19.14 -21.91
N VAL D 83 16.94 -19.27 -23.07
CA VAL D 83 18.36 -18.98 -23.19
C VAL D 83 18.54 -17.61 -23.84
N ASN D 84 19.74 -17.05 -23.73
CA ASN D 84 20.00 -15.74 -24.31
C ASN D 84 21.06 -15.81 -25.41
N GLN D 85 20.87 -14.97 -26.44
CA GLN D 85 21.76 -14.88 -27.58
C GLN D 85 23.25 -15.05 -27.27
N LYS D 86 23.83 -16.16 -27.76
CA LYS D 86 25.24 -16.44 -27.55
C LYS D 86 25.99 -16.18 -28.87
N PRO D 87 27.25 -15.72 -28.78
CA PRO D 87 28.07 -15.43 -29.96
C PRO D 87 28.07 -16.50 -31.05
N GLY D 88 27.93 -17.76 -30.66
CA GLY D 88 27.95 -18.85 -31.62
C GLY D 88 26.64 -19.38 -32.17
N GLN D 89 25.63 -18.51 -32.35
CA GLN D 89 24.35 -18.95 -32.88
C GLN D 89 23.58 -17.84 -33.60
N THR D 90 22.51 -18.23 -34.29
CA THR D 90 21.67 -17.28 -35.03
C THR D 90 20.50 -16.79 -34.20
N ARG D 91 19.97 -15.62 -34.55
CA ARG D 91 18.84 -15.04 -33.85
C ARG D 91 17.61 -15.94 -34.04
N LEU D 92 17.60 -16.72 -35.10
CA LEU D 92 16.49 -17.64 -35.34
C LEU D 92 16.71 -18.96 -34.63
N ASP D 93 17.97 -19.30 -34.37
CA ASP D 93 18.29 -20.54 -33.66
C ASP D 93 17.84 -20.33 -32.22
N LEU D 94 18.05 -19.11 -31.74
CA LEU D 94 17.68 -18.70 -30.39
C LEU D 94 16.18 -18.84 -30.16
N VAL D 95 15.41 -18.32 -31.11
CA VAL D 95 13.96 -18.37 -31.03
C VAL D 95 13.51 -19.83 -31.06
N LYS D 96 14.21 -20.65 -31.83
CA LYS D 96 13.86 -22.05 -31.93
C LYS D 96 14.11 -22.79 -30.61
N THR D 97 15.25 -22.49 -29.98
CA THR D 97 15.60 -23.13 -28.71
C THR D 97 14.60 -22.70 -27.64
N ASN D 98 14.39 -21.39 -27.50
CA ASN D 98 13.44 -20.86 -26.51
C ASN D 98 12.03 -21.42 -26.75
N ALA D 99 11.70 -21.67 -28.02
CA ALA D 99 10.40 -22.21 -28.36
C ALA D 99 10.30 -23.61 -27.79
N THR D 100 11.33 -24.41 -28.06
CA THR D 100 11.40 -25.78 -27.58
C THR D 100 11.32 -25.84 -26.07
N ILE D 101 12.09 -24.98 -25.41
CA ILE D 101 12.10 -24.88 -23.95
C ILE D 101 10.71 -24.55 -23.41
N THR D 102 10.09 -23.51 -23.96
CA THR D 102 8.77 -23.10 -23.53
C THR D 102 7.75 -24.22 -23.71
N ARG D 103 7.79 -24.86 -24.88
CA ARG D 103 6.89 -25.97 -25.20
C ARG D 103 7.01 -27.11 -24.20
N GLN D 104 8.24 -27.51 -23.90
CA GLN D 104 8.46 -28.58 -22.95
C GLN D 104 7.89 -28.18 -21.58
N ILE D 105 8.17 -26.94 -21.16
CA ILE D 105 7.67 -26.47 -19.88
C ILE D 105 6.14 -26.50 -19.79
N VAL D 106 5.48 -25.98 -20.82
CA VAL D 106 4.03 -25.96 -20.87
C VAL D 106 3.46 -27.37 -20.77
N LYS D 107 4.17 -28.34 -21.33
CA LYS D 107 3.74 -29.72 -21.27
C LYS D 107 3.76 -30.24 -19.84
N GLU D 108 4.82 -29.91 -19.11
CA GLU D 108 4.96 -30.32 -17.71
C GLU D 108 3.85 -29.69 -16.89
N VAL D 109 3.69 -28.36 -17.03
CA VAL D 109 2.68 -27.62 -16.30
C VAL D 109 1.31 -28.24 -16.51
N MET D 110 0.94 -28.43 -17.76
CA MET D 110 -0.36 -29.00 -18.10
C MET D 110 -0.49 -30.39 -17.50
N ALA D 111 0.59 -31.15 -17.53
CA ALA D 111 0.59 -32.50 -17.00
C ALA D 111 0.39 -32.50 -15.49
N SER D 112 0.62 -31.35 -14.86
CA SER D 112 0.45 -31.25 -13.40
C SER D 112 -1.02 -31.13 -13.05
N GLY D 113 -1.83 -30.73 -14.02
CA GLY D 113 -3.26 -30.57 -13.78
C GLY D 113 -3.64 -29.10 -13.73
N PHE D 114 -2.66 -28.24 -13.99
CA PHE D 114 -2.85 -26.79 -13.98
C PHE D 114 -4.04 -26.39 -14.83
N ASP D 115 -4.90 -25.58 -14.23
CA ASP D 115 -6.09 -25.11 -14.93
C ASP D 115 -6.30 -23.62 -14.64
N GLY D 116 -5.22 -22.85 -14.69
CA GLY D 116 -5.32 -21.42 -14.41
C GLY D 116 -5.03 -20.58 -15.65
N ILE D 117 -4.27 -19.50 -15.45
CA ILE D 117 -3.90 -18.62 -16.54
C ILE D 117 -2.39 -18.54 -16.70
N PHE D 118 -1.96 -18.37 -17.94
CA PHE D 118 -0.54 -18.26 -18.27
C PHE D 118 -0.17 -16.81 -18.51
N VAL D 119 0.98 -16.41 -18.01
CA VAL D 119 1.49 -15.07 -18.24
C VAL D 119 2.85 -15.35 -18.85
N VAL D 120 3.03 -14.97 -20.10
CA VAL D 120 4.29 -15.21 -20.80
C VAL D 120 5.14 -13.97 -20.81
N ALA D 121 6.31 -14.05 -20.17
CA ALA D 121 7.22 -12.92 -20.10
C ALA D 121 8.54 -13.15 -20.88
N SER D 122 8.82 -14.39 -21.23
CA SER D 122 10.05 -14.71 -21.96
C SER D 122 9.97 -14.32 -23.44
N ASN D 123 11.12 -14.01 -24.04
CA ASN D 123 11.15 -13.60 -25.44
C ASN D 123 11.53 -14.69 -26.42
N PRO D 124 11.02 -14.58 -27.67
CA PRO D 124 10.15 -13.49 -28.10
C PRO D 124 8.71 -13.73 -27.62
N VAL D 125 8.24 -12.82 -26.77
CA VAL D 125 6.91 -12.94 -26.15
C VAL D 125 5.73 -13.29 -27.06
N ASP D 126 5.53 -12.52 -28.13
CA ASP D 126 4.40 -12.79 -29.01
C ASP D 126 4.45 -14.18 -29.60
N ILE D 127 5.63 -14.60 -30.04
CA ILE D 127 5.80 -15.92 -30.62
C ILE D 127 5.62 -17.01 -29.57
N LEU D 128 6.25 -16.83 -28.43
CA LEU D 128 6.16 -17.80 -27.35
C LEU D 128 4.74 -17.86 -26.79
N THR D 129 4.06 -16.73 -26.74
CA THR D 129 2.69 -16.68 -26.25
C THR D 129 1.84 -17.56 -27.15
N TYR D 130 2.10 -17.47 -28.44
CA TYR D 130 1.38 -18.26 -29.44
C TYR D 130 1.61 -19.77 -29.24
N LEU D 131 2.87 -20.15 -29.05
CA LEU D 131 3.19 -21.56 -28.87
C LEU D 131 2.60 -22.09 -27.56
N THR D 132 2.60 -21.27 -26.52
CA THR D 132 2.03 -21.69 -25.23
C THR D 132 0.56 -21.97 -25.41
N TRP D 133 -0.09 -21.16 -26.23
CA TRP D 133 -1.51 -21.34 -26.52
C TRP D 133 -1.70 -22.64 -27.29
N GLN D 134 -0.94 -22.82 -28.37
CA GLN D 134 -1.03 -24.03 -29.18
C GLN D 134 -0.76 -25.30 -28.37
N GLU D 135 0.26 -25.25 -27.52
CA GLU D 135 0.64 -26.39 -26.70
C GLU D 135 -0.28 -26.69 -25.51
N SER D 136 -0.82 -25.65 -24.88
CA SER D 136 -1.68 -25.86 -23.71
C SER D 136 -3.08 -26.33 -24.06
N GLY D 137 -3.57 -25.92 -25.21
CA GLY D 137 -4.92 -26.30 -25.61
C GLY D 137 -5.96 -25.47 -24.88
N LEU D 138 -5.52 -24.38 -24.28
CA LEU D 138 -6.40 -23.48 -23.53
C LEU D 138 -6.93 -22.37 -24.42
N PRO D 139 -8.01 -21.71 -23.98
CA PRO D 139 -8.60 -20.60 -24.75
C PRO D 139 -7.55 -19.50 -24.87
N ALA D 140 -7.50 -18.82 -26.02
CA ALA D 140 -6.52 -17.76 -26.24
C ALA D 140 -6.55 -16.71 -25.13
N SER D 141 -7.71 -16.50 -24.52
CA SER D 141 -7.83 -15.51 -23.46
C SER D 141 -7.15 -15.93 -22.16
N ARG D 142 -6.80 -17.21 -22.04
CA ARG D 142 -6.16 -17.73 -20.83
C ARG D 142 -4.65 -17.73 -20.94
N VAL D 143 -4.15 -17.19 -22.05
CA VAL D 143 -2.71 -17.11 -22.29
C VAL D 143 -2.37 -15.64 -22.54
N VAL D 144 -1.89 -14.97 -21.51
CA VAL D 144 -1.57 -13.55 -21.58
C VAL D 144 -0.06 -13.25 -21.63
N GLY D 145 0.37 -12.63 -22.73
CA GLY D 145 1.78 -12.26 -22.86
C GLY D 145 1.98 -10.80 -22.45
N THR D 146 3.19 -10.45 -22.05
CA THR D 146 3.50 -9.10 -21.63
C THR D 146 3.29 -8.05 -22.73
N GLY D 147 3.17 -8.52 -23.98
CA GLY D 147 2.94 -7.62 -25.09
C GLY D 147 3.82 -6.37 -25.09
N THR D 148 3.20 -5.20 -25.11
CA THR D 148 3.95 -3.95 -25.12
C THR D 148 3.80 -3.16 -23.82
N THR D 149 3.60 -3.86 -22.71
CA THR D 149 3.46 -3.16 -21.44
C THR D 149 4.77 -2.45 -21.07
N LEU D 150 5.90 -3.08 -21.34
CA LEU D 150 7.18 -2.47 -21.04
C LEU D 150 7.46 -1.27 -21.93
N ASP D 151 7.25 -1.42 -23.23
CA ASP D 151 7.49 -0.32 -24.17
C ASP D 151 6.58 0.85 -23.84
N THR D 152 5.36 0.54 -23.41
CA THR D 152 4.37 1.56 -23.06
C THR D 152 4.78 2.37 -21.82
N THR D 153 5.22 1.67 -20.78
CA THR D 153 5.64 2.38 -19.57
C THR D 153 6.91 3.20 -19.88
N ARG D 154 7.70 2.72 -20.86
CA ARG D 154 8.89 3.46 -21.29
C ARG D 154 8.40 4.71 -22.05
N PHE D 155 7.41 4.50 -22.91
CA PHE D 155 6.80 5.56 -23.70
C PHE D 155 6.28 6.63 -22.74
N ARG D 156 5.57 6.23 -21.69
CA ARG D 156 5.05 7.19 -20.73
C ARG D 156 6.12 7.88 -19.94
N LYS D 157 7.22 7.17 -19.68
CA LYS D 157 8.35 7.75 -18.96
C LYS D 157 8.90 8.92 -19.78
N GLU D 158 9.25 8.64 -21.04
CA GLU D 158 9.79 9.67 -21.92
C GLU D 158 8.88 10.89 -22.01
N ILE D 159 7.57 10.68 -22.07
CA ILE D 159 6.66 11.81 -22.14
C ILE D 159 6.69 12.56 -20.80
N ALA D 160 6.66 11.80 -19.71
CA ALA D 160 6.69 12.35 -18.36
C ALA D 160 7.91 13.27 -18.16
N LEU D 161 9.06 12.84 -18.65
CA LEU D 161 10.27 13.63 -18.53
C LEU D 161 10.15 14.88 -19.41
N LYS D 162 9.60 14.70 -20.60
CA LYS D 162 9.46 15.80 -21.54
C LYS D 162 8.51 16.90 -21.06
N LEU D 163 7.40 16.50 -20.46
CA LEU D 163 6.42 17.47 -20.00
C LEU D 163 6.46 17.77 -18.51
N ALA D 164 7.32 17.06 -17.79
CA ALA D 164 7.44 17.22 -16.36
C ALA D 164 6.13 16.94 -15.62
N VAL D 165 5.53 15.79 -15.90
CA VAL D 165 4.31 15.38 -15.25
C VAL D 165 4.50 13.96 -14.73
N ASP D 166 3.49 13.44 -14.06
CA ASP D 166 3.50 12.10 -13.49
C ASP D 166 3.36 11.07 -14.61
N PRO D 167 4.27 10.08 -14.67
CA PRO D 167 4.20 9.05 -15.71
C PRO D 167 2.81 8.40 -15.76
N ARG D 168 2.16 8.30 -14.60
CA ARG D 168 0.85 7.70 -14.47
C ARG D 168 -0.28 8.61 -14.97
N SER D 169 0.06 9.86 -15.25
CA SER D 169 -0.90 10.84 -15.74
C SER D 169 -0.82 10.91 -17.27
N VAL D 170 -0.04 10.00 -17.86
CA VAL D 170 0.13 9.94 -19.32
C VAL D 170 -0.66 8.73 -19.79
N HIS D 171 -1.45 8.88 -20.84
CA HIS D 171 -2.26 7.75 -21.32
C HIS D 171 -2.17 7.54 -22.84
N GLY D 172 -1.41 6.53 -23.23
CA GLY D 172 -1.21 6.20 -24.63
C GLY D 172 -0.47 4.89 -24.73
N TYR D 173 -0.36 4.33 -25.94
CA TYR D 173 0.30 3.03 -26.09
C TYR D 173 1.30 2.83 -27.22
N ILE D 174 2.12 1.80 -27.06
CA ILE D 174 3.07 1.37 -28.08
C ILE D 174 2.33 0.12 -28.53
N LEU D 175 2.04 0.00 -29.82
CA LEU D 175 1.30 -1.17 -30.30
C LEU D 175 2.13 -2.10 -31.14
N GLY D 176 1.67 -3.35 -31.23
CA GLY D 176 2.35 -4.34 -32.04
C GLY D 176 3.40 -5.15 -31.31
N GLU D 177 4.46 -5.46 -32.04
CA GLU D 177 5.57 -6.24 -31.53
C GLU D 177 6.71 -5.30 -31.16
N HIS D 178 7.38 -5.57 -30.04
CA HIS D 178 8.51 -4.75 -29.61
C HIS D 178 9.58 -4.84 -30.70
N GLY D 179 10.20 -3.71 -31.01
CA GLY D 179 11.23 -3.70 -32.03
C GLY D 179 11.16 -2.42 -32.85
N ASP D 180 11.98 -2.31 -33.89
CA ASP D 180 11.97 -1.12 -34.72
C ASP D 180 10.68 -1.09 -35.52
N SER D 181 9.83 -2.07 -35.25
CA SER D 181 8.54 -2.25 -35.89
C SER D 181 7.39 -1.69 -35.06
N GLU D 182 7.57 -1.64 -33.75
CA GLU D 182 6.55 -1.16 -32.84
C GLU D 182 5.93 0.19 -33.23
N VAL D 183 4.65 0.33 -32.94
CA VAL D 183 3.90 1.53 -33.26
C VAL D 183 3.66 2.44 -32.05
N ALA D 184 4.07 3.70 -32.17
CA ALA D 184 3.86 4.68 -31.11
C ALA D 184 2.55 5.38 -31.46
N ALA D 185 1.45 4.92 -30.86
CA ALA D 185 0.14 5.49 -31.15
C ALA D 185 -0.07 6.92 -30.66
N TRP D 186 0.63 7.86 -31.28
CA TRP D 186 0.52 9.26 -30.90
C TRP D 186 -0.89 9.84 -31.05
N SER D 187 -1.60 9.42 -32.09
CA SER D 187 -2.95 9.92 -32.36
C SER D 187 -3.89 9.63 -31.20
N HIS D 188 -3.54 8.63 -30.39
CA HIS D 188 -4.35 8.25 -29.24
C HIS D 188 -3.60 8.32 -27.91
N THR D 189 -2.79 9.36 -27.73
CA THR D 189 -2.05 9.56 -26.50
C THR D 189 -2.45 10.91 -25.93
N THR D 190 -2.80 10.93 -24.64
CA THR D 190 -3.22 12.17 -23.99
C THR D 190 -2.53 12.34 -22.64
N VAL D 191 -2.58 13.57 -22.14
CA VAL D 191 -2.01 13.93 -20.83
C VAL D 191 -3.01 14.92 -20.23
N GLY D 192 -3.66 14.53 -19.14
CA GLY D 192 -4.62 15.43 -18.52
C GLY D 192 -5.77 15.74 -19.46
N GLY D 193 -6.09 14.79 -20.32
CA GLY D 193 -7.19 14.97 -21.28
C GLY D 193 -6.76 15.57 -22.61
N LYS D 194 -5.59 16.23 -22.65
CA LYS D 194 -5.14 16.86 -23.88
C LYS D 194 -4.42 15.90 -24.83
N PRO D 195 -4.95 15.75 -26.05
CA PRO D 195 -4.31 14.86 -27.02
C PRO D 195 -2.91 15.38 -27.34
N ILE D 196 -1.97 14.47 -27.58
CA ILE D 196 -0.60 14.87 -27.90
C ILE D 196 -0.59 15.83 -29.08
N MET D 197 -1.35 15.49 -30.12
CA MET D 197 -1.40 16.34 -31.31
C MET D 197 -2.00 17.71 -30.99
N GLU D 198 -2.73 17.79 -29.89
CA GLU D 198 -3.31 19.07 -29.50
C GLU D 198 -2.15 19.92 -28.94
N TYR D 199 -1.23 19.26 -28.25
CA TYR D 199 -0.06 19.91 -27.70
C TYR D 199 0.79 20.42 -28.86
N VAL D 200 0.69 19.73 -29.99
CA VAL D 200 1.47 20.08 -31.16
C VAL D 200 0.83 21.14 -32.06
N GLU D 201 -0.43 20.91 -32.44
CA GLU D 201 -1.13 21.81 -33.36
C GLU D 201 -2.02 22.91 -32.77
N LYS D 202 -1.77 23.33 -31.54
CA LYS D 202 -2.57 24.38 -30.92
C LYS D 202 -1.81 25.08 -29.80
N ASP D 203 -1.15 24.30 -28.97
CA ASP D 203 -0.36 24.86 -27.88
C ASP D 203 1.03 25.09 -28.44
N HIS D 204 1.43 24.19 -29.34
CA HIS D 204 2.74 24.24 -29.99
C HIS D 204 3.90 24.01 -29.01
N ARG D 205 3.60 23.39 -27.88
CA ARG D 205 4.63 23.10 -26.87
C ARG D 205 5.53 21.96 -27.37
N LEU D 206 5.00 21.17 -28.29
CA LEU D 206 5.75 20.05 -28.85
C LEU D 206 5.83 20.19 -30.35
N GLU D 207 6.95 19.73 -30.90
CA GLU D 207 7.19 19.79 -32.33
C GLU D 207 7.19 18.37 -32.86
N GLU D 208 6.78 18.21 -34.12
CA GLU D 208 6.72 16.92 -34.75
C GLU D 208 8.01 16.11 -34.53
N ASN D 209 9.15 16.79 -34.58
CA ASN D 209 10.43 16.12 -34.41
C ASN D 209 10.55 15.47 -33.03
N ASP D 210 10.02 16.14 -32.01
CA ASP D 210 10.06 15.63 -30.64
C ASP D 210 9.39 14.25 -30.56
N LEU D 211 8.29 14.09 -31.27
CA LEU D 211 7.57 12.82 -31.25
C LEU D 211 8.40 11.70 -31.87
N THR D 212 9.21 12.02 -32.88
CA THR D 212 10.04 11.03 -33.53
C THR D 212 11.18 10.65 -32.59
N VAL D 213 11.74 11.65 -31.91
CA VAL D 213 12.83 11.43 -30.98
C VAL D 213 12.40 10.56 -29.79
N LEU D 214 11.28 10.94 -29.16
CA LEU D 214 10.78 10.17 -28.03
C LEU D 214 10.46 8.74 -28.46
N ALA D 215 9.82 8.60 -29.61
CA ALA D 215 9.49 7.26 -30.10
C ALA D 215 10.77 6.42 -30.24
N ASP D 216 11.82 7.03 -30.77
CA ASP D 216 13.09 6.33 -30.97
C ASP D 216 13.75 5.93 -29.66
N LYS D 217 13.64 6.79 -28.64
CA LYS D 217 14.22 6.46 -27.35
C LYS D 217 13.56 5.21 -26.78
N VAL D 218 12.28 5.05 -27.07
CA VAL D 218 11.53 3.89 -26.59
C VAL D 218 12.03 2.66 -27.35
N LYS D 219 12.33 2.86 -28.62
CA LYS D 219 12.80 1.80 -29.49
C LYS D 219 14.24 1.37 -29.17
N ASN D 220 15.03 2.27 -28.58
CA ASN D 220 16.42 1.97 -28.24
C ASN D 220 16.65 1.77 -26.73
N ALA D 221 15.59 1.89 -25.96
CA ALA D 221 15.66 1.75 -24.50
C ALA D 221 16.48 0.56 -24.01
N ALA D 222 16.19 -0.64 -24.52
CA ALA D 222 16.89 -1.84 -24.11
C ALA D 222 18.38 -1.82 -24.42
N TYR D 223 18.73 -1.33 -25.61
CA TYR D 223 20.13 -1.23 -26.04
C TYR D 223 20.85 -0.29 -25.09
N GLU D 224 20.23 0.87 -24.84
CA GLU D 224 20.80 1.86 -23.96
C GLU D 224 21.10 1.25 -22.60
N ILE D 225 20.23 0.38 -22.13
CA ILE D 225 20.42 -0.24 -20.83
C ILE D 225 21.42 -1.39 -20.87
N ILE D 226 21.21 -2.34 -21.77
CA ILE D 226 22.11 -3.49 -21.87
C ILE D 226 23.54 -3.02 -22.05
N ASP D 227 23.68 -1.89 -22.73
CA ASP D 227 24.99 -1.30 -22.99
C ASP D 227 25.69 -0.95 -21.69
N ARG D 228 24.92 -0.60 -20.68
CA ARG D 228 25.46 -0.19 -19.39
C ARG D 228 25.41 -1.22 -18.27
N LYS D 229 24.43 -2.13 -18.29
CA LYS D 229 24.33 -3.12 -17.23
C LYS D 229 24.11 -4.56 -17.71
N LYS D 230 24.57 -4.84 -18.92
CA LYS D 230 24.48 -6.18 -19.50
C LYS D 230 23.08 -6.71 -19.78
N ALA D 231 22.07 -6.11 -19.17
CA ALA D 231 20.71 -6.58 -19.40
C ALA D 231 19.70 -5.73 -18.69
N THR D 232 18.43 -6.00 -18.97
CA THR D 232 17.34 -5.25 -18.37
C THR D 232 16.41 -6.26 -17.69
N TYR D 233 15.78 -5.84 -16.60
CA TYR D 233 14.86 -6.72 -15.88
C TYR D 233 13.93 -6.00 -14.90
N TYR D 234 14.34 -4.84 -14.39
CA TYR D 234 13.48 -4.11 -13.46
C TYR D 234 12.20 -3.59 -14.11
N GLY D 235 12.30 -3.14 -15.35
CA GLY D 235 11.12 -2.62 -16.04
C GLY D 235 10.11 -3.71 -16.29
N ILE D 236 10.58 -4.87 -16.72
CA ILE D 236 9.73 -6.01 -17.00
C ILE D 236 9.17 -6.62 -15.70
N GLY D 237 9.93 -6.50 -14.61
CA GLY D 237 9.45 -7.02 -13.34
C GLY D 237 8.20 -6.27 -12.89
N MET D 238 8.19 -4.97 -13.12
CA MET D 238 7.05 -4.16 -12.74
C MET D 238 5.89 -4.31 -13.71
N SER D 239 6.19 -4.48 -14.98
CA SER D 239 5.16 -4.63 -16.00
C SER D 239 4.39 -5.93 -15.82
N THR D 240 5.13 -7.01 -15.57
CA THR D 240 4.54 -8.33 -15.38
C THR D 240 3.71 -8.34 -14.10
N THR D 241 4.24 -7.72 -13.04
CA THR D 241 3.52 -7.65 -11.77
C THR D 241 2.20 -6.92 -11.96
N ARG D 242 2.21 -5.89 -12.81
CA ARG D 242 1.00 -5.12 -13.07
C ARG D 242 -0.03 -6.01 -13.72
N ILE D 243 0.41 -6.80 -14.69
CA ILE D 243 -0.51 -7.72 -15.37
C ILE D 243 -1.08 -8.71 -14.36
N VAL D 244 -0.20 -9.33 -13.58
CA VAL D 244 -0.61 -10.30 -12.58
C VAL D 244 -1.61 -9.69 -11.60
N LYS D 245 -1.38 -8.44 -11.21
CA LYS D 245 -2.27 -7.78 -10.26
C LYS D 245 -3.68 -7.58 -10.86
N ALA D 246 -3.73 -7.20 -12.13
CA ALA D 246 -5.01 -6.99 -12.81
C ALA D 246 -5.83 -8.29 -12.91
N ILE D 247 -5.15 -9.41 -13.17
CA ILE D 247 -5.84 -10.69 -13.30
C ILE D 247 -6.34 -11.23 -11.96
N LEU D 248 -5.42 -11.36 -11.00
CA LEU D 248 -5.78 -11.87 -9.68
C LEU D 248 -6.93 -11.10 -9.05
N ASN D 249 -6.98 -9.80 -9.28
CA ASN D 249 -8.03 -8.99 -8.70
C ASN D 249 -9.23 -8.69 -9.61
N ASN D 250 -9.32 -9.39 -10.75
CA ASN D 250 -10.44 -9.22 -11.67
C ASN D 250 -10.73 -7.72 -11.94
N GLU D 251 -9.65 -6.95 -12.09
CA GLU D 251 -9.72 -5.50 -12.29
C GLU D 251 -10.45 -4.95 -13.51
N GLN D 252 -10.49 -5.69 -14.61
CA GLN D 252 -11.13 -5.21 -15.82
C GLN D 252 -10.41 -3.94 -16.28
N ALA D 253 -9.10 -3.87 -16.02
CA ALA D 253 -8.33 -2.69 -16.40
C ALA D 253 -7.73 -2.88 -17.79
N VAL D 254 -7.34 -1.77 -18.42
CA VAL D 254 -6.72 -1.84 -19.74
C VAL D 254 -5.19 -1.91 -19.66
N LEU D 255 -4.63 -2.94 -20.30
CA LEU D 255 -3.19 -3.13 -20.35
C LEU D 255 -2.84 -3.59 -21.76
N PRO D 256 -1.72 -3.10 -22.31
CA PRO D 256 -1.33 -3.49 -23.67
C PRO D 256 -0.57 -4.81 -23.69
N VAL D 257 -1.26 -5.88 -23.31
CA VAL D 257 -0.67 -7.22 -23.27
C VAL D 257 -0.82 -7.92 -24.62
N SER D 258 -0.22 -9.09 -24.74
CA SER D 258 -0.30 -9.89 -25.96
C SER D 258 -1.68 -10.51 -26.00
N ALA D 259 -2.52 -10.01 -26.90
CA ALA D 259 -3.88 -10.50 -27.06
C ALA D 259 -4.10 -11.12 -28.43
N TYR D 260 -4.97 -12.12 -28.50
CA TYR D 260 -5.27 -12.79 -29.76
C TYR D 260 -6.19 -11.94 -30.62
N LEU D 261 -5.65 -11.39 -31.71
CA LEU D 261 -6.45 -10.57 -32.59
C LEU D 261 -7.33 -11.48 -33.42
N ASN D 262 -8.54 -11.01 -33.69
CA ASN D 262 -9.49 -11.78 -34.47
C ASN D 262 -10.20 -10.83 -35.41
N GLY D 263 -9.41 -9.93 -36.01
CA GLY D 263 -9.94 -8.95 -36.92
C GLY D 263 -9.59 -7.53 -36.51
N GLU D 264 -9.37 -7.30 -35.21
CA GLU D 264 -9.03 -5.97 -34.72
C GLU D 264 -7.78 -5.47 -35.42
N TYR D 265 -7.72 -4.18 -35.66
CA TYR D 265 -6.57 -3.56 -36.33
C TYR D 265 -6.33 -4.09 -37.74
N GLY D 266 -7.23 -4.96 -38.19
CA GLY D 266 -7.12 -5.53 -39.53
C GLY D 266 -6.21 -6.73 -39.64
N GLU D 267 -5.93 -7.35 -38.49
CA GLU D 267 -5.06 -8.53 -38.45
C GLU D 267 -5.81 -9.66 -37.77
N GLU D 268 -5.34 -10.89 -37.95
CA GLU D 268 -5.99 -12.05 -37.34
C GLU D 268 -5.04 -13.20 -37.09
N ASP D 269 -5.48 -14.17 -36.29
CA ASP D 269 -4.70 -15.35 -35.94
C ASP D 269 -3.28 -14.98 -35.47
N ILE D 270 -3.20 -14.04 -34.54
CA ILE D 270 -1.90 -13.59 -34.05
C ILE D 270 -2.03 -12.93 -32.68
N PHE D 271 -1.01 -13.10 -31.85
CA PHE D 271 -0.98 -12.47 -30.53
C PHE D 271 -0.02 -11.30 -30.64
N THR D 272 -0.45 -10.11 -30.24
CA THR D 272 0.46 -8.98 -30.28
C THR D 272 0.01 -7.93 -29.26
N GLY D 273 0.82 -6.88 -29.08
CA GLY D 273 0.49 -5.86 -28.10
C GLY D 273 -0.56 -4.83 -28.48
N VAL D 274 -1.66 -4.82 -27.72
CA VAL D 274 -2.77 -3.88 -27.94
C VAL D 274 -3.55 -3.68 -26.66
N PRO D 275 -4.17 -2.50 -26.50
CA PRO D 275 -4.96 -2.24 -25.29
C PRO D 275 -6.04 -3.31 -25.13
N SER D 276 -6.04 -3.98 -23.98
CA SER D 276 -7.00 -5.04 -23.72
C SER D 276 -7.54 -4.96 -22.30
N ILE D 277 -8.75 -5.48 -22.10
CA ILE D 277 -9.38 -5.50 -20.78
C ILE D 277 -8.94 -6.79 -20.12
N VAL D 278 -8.29 -6.66 -18.96
CA VAL D 278 -7.77 -7.83 -18.25
C VAL D 278 -8.53 -8.13 -16.96
N ASP D 279 -9.03 -9.35 -16.83
CA ASP D 279 -9.75 -9.74 -15.61
C ASP D 279 -9.28 -11.10 -15.12
N GLU D 280 -10.02 -11.69 -14.18
CA GLU D 280 -9.64 -12.98 -13.61
C GLU D 280 -9.69 -14.16 -14.56
N ASN D 281 -10.20 -13.94 -15.77
CA ASN D 281 -10.29 -15.01 -16.77
C ASN D 281 -9.30 -14.76 -17.89
N GLY D 282 -8.37 -13.84 -17.68
CA GLY D 282 -7.39 -13.50 -18.69
C GLY D 282 -7.77 -12.24 -19.44
N VAL D 283 -7.68 -12.29 -20.76
CA VAL D 283 -8.03 -11.15 -21.62
C VAL D 283 -9.49 -11.28 -22.04
N ARG D 284 -10.31 -10.31 -21.68
CA ARG D 284 -11.73 -10.36 -22.01
C ARG D 284 -12.00 -9.85 -23.43
N GLU D 285 -11.38 -8.72 -23.77
CA GLU D 285 -11.55 -8.15 -25.10
C GLU D 285 -10.45 -7.14 -25.44
N ILE D 286 -10.38 -6.78 -26.72
CA ILE D 286 -9.40 -5.84 -27.21
C ILE D 286 -10.07 -4.51 -27.56
N ILE D 287 -9.39 -3.42 -27.23
CA ILE D 287 -9.91 -2.11 -27.56
C ILE D 287 -9.26 -1.80 -28.89
N ASP D 288 -10.08 -1.67 -29.93
CA ASP D 288 -9.61 -1.44 -31.28
C ASP D 288 -9.55 0.04 -31.66
N LEU D 289 -8.41 0.66 -31.41
CA LEU D 289 -8.21 2.09 -31.68
C LEU D 289 -8.18 2.47 -33.16
N SER D 290 -8.98 3.48 -33.50
CA SER D 290 -9.07 3.98 -34.86
C SER D 290 -7.82 4.81 -35.19
N ILE D 291 -6.67 4.15 -35.14
CA ILE D 291 -5.38 4.79 -35.41
C ILE D 291 -5.21 5.26 -36.86
N THR D 292 -4.43 6.33 -37.05
CA THR D 292 -4.18 6.90 -38.37
C THR D 292 -3.66 5.86 -39.36
N PRO D 293 -3.99 6.02 -40.65
CA PRO D 293 -3.54 5.08 -41.69
C PRO D 293 -2.03 4.82 -41.65
N GLN D 294 -1.27 5.82 -41.23
CA GLN D 294 0.17 5.71 -41.11
C GLN D 294 0.52 4.78 -39.95
N GLU D 295 -0.13 4.99 -38.81
CA GLU D 295 0.11 4.14 -37.65
C GLU D 295 -0.30 2.71 -37.97
N LYS D 296 -1.40 2.54 -38.71
CA LYS D 296 -1.85 1.20 -39.05
C LYS D 296 -0.90 0.51 -40.03
N ALA D 297 -0.35 1.28 -40.96
CA ALA D 297 0.61 0.72 -41.92
C ALA D 297 1.76 0.08 -41.12
N MET D 298 2.32 0.84 -40.18
CA MET D 298 3.39 0.36 -39.33
C MET D 298 2.96 -0.88 -38.56
N PHE D 299 1.74 -0.85 -38.03
CA PHE D 299 1.21 -1.98 -37.26
C PHE D 299 1.18 -3.24 -38.12
N HIS D 300 0.72 -3.08 -39.36
CA HIS D 300 0.64 -4.20 -40.30
C HIS D 300 2.04 -4.76 -40.56
N GLN D 301 3.02 -3.88 -40.70
CA GLN D 301 4.38 -4.31 -40.96
C GLN D 301 4.96 -5.03 -39.75
N SER D 302 4.53 -4.60 -38.57
CA SER D 302 4.99 -5.21 -37.34
C SER D 302 4.44 -6.62 -37.21
N VAL D 303 3.19 -6.80 -37.61
CA VAL D 303 2.57 -8.12 -37.53
C VAL D 303 3.06 -9.06 -38.64
N SER D 304 3.35 -8.50 -39.81
CA SER D 304 3.84 -9.31 -40.93
C SER D 304 5.18 -9.95 -40.53
N GLU D 305 6.06 -9.13 -39.97
CA GLU D 305 7.36 -9.60 -39.50
C GLU D 305 7.16 -10.69 -38.45
N LEU D 306 6.16 -10.49 -37.60
CA LEU D 306 5.84 -11.43 -36.54
C LEU D 306 5.38 -12.76 -37.14
N LYS D 307 4.48 -12.68 -38.11
CA LYS D 307 3.96 -13.88 -38.74
C LYS D 307 5.05 -14.69 -39.45
N ALA D 308 5.94 -13.99 -40.13
CA ALA D 308 7.03 -14.65 -40.85
C ALA D 308 7.81 -15.59 -39.92
N VAL D 309 8.37 -15.02 -38.86
CA VAL D 309 9.15 -15.80 -37.90
C VAL D 309 8.30 -16.90 -37.25
N LEU D 310 7.08 -16.57 -36.86
CA LEU D 310 6.20 -17.53 -36.21
C LEU D 310 5.98 -18.77 -37.07
N ASP D 311 5.74 -18.56 -38.37
CA ASP D 311 5.50 -19.67 -39.29
C ASP D 311 6.59 -20.74 -39.25
N THR D 312 7.82 -20.34 -38.93
CA THR D 312 8.93 -21.27 -38.87
C THR D 312 8.96 -21.99 -37.52
N VAL D 313 7.95 -21.77 -36.69
CA VAL D 313 7.92 -22.39 -35.36
C VAL D 313 6.54 -22.91 -34.93
N ARG D 314 5.48 -22.43 -35.57
CA ARG D 314 4.13 -22.88 -35.24
C ARG D 314 4.04 -24.39 -35.17
N LEU D 315 3.28 -24.91 -34.20
CA LEU D 315 3.12 -26.35 -34.05
C LEU D 315 2.31 -26.91 -35.23
N GLU D 316 1.20 -26.25 -35.53
CA GLU D 316 0.35 -26.65 -36.65
C GLU D 316 -0.45 -25.45 -37.14
PA NAD E . -20.93 18.78 9.48
O1A NAD E . -21.03 17.31 9.69
O2A NAD E . -21.98 19.50 10.47
O5B NAD E . -19.42 19.28 9.80
C5B NAD E . -19.43 20.70 9.96
C4B NAD E . -18.48 21.05 11.11
O4B NAD E . -17.99 22.40 11.00
C3B NAD E . -19.20 20.95 12.47
O3B NAD E . -18.74 19.80 13.19
C2B NAD E . -18.85 22.29 13.18
O2B NAD E . -18.57 22.12 14.57
C1B NAD E . -17.66 22.81 12.34
N9A NAD E . -17.53 24.28 12.44
C8A NAD E . -18.47 25.21 12.08
N7A NAD E . -18.02 26.40 12.30
C5A NAD E . -16.77 26.33 12.81
C6A NAD E . -15.72 27.28 13.00
N6A NAD E . -15.98 28.64 12.93
N1A NAD E . -14.47 26.83 13.25
C2A NAD E . -14.20 25.53 13.34
N3A NAD E . -15.16 24.61 13.18
C4A NAD E . -16.44 24.96 12.91
O3 NAD E . -21.32 19.13 7.94
PN NAD E . -20.15 18.67 6.89
O1N NAD E . -20.79 17.79 5.81
O2N NAD E . -19.03 17.85 7.58
O5D NAD E . -19.53 20.03 6.22
C5D NAD E . -18.48 19.65 5.33
C4D NAD E . -18.49 20.50 4.05
O4D NAD E . -18.09 19.69 2.91
C3D NAD E . -19.91 21.04 3.72
O3D NAD E . -19.96 22.47 3.87
C2D NAD E . -20.18 20.59 2.28
O2D NAD E . -20.81 21.62 1.50
C1D NAD E . -18.79 20.21 1.76
N1N NAD E . -18.86 19.16 0.69
C2N NAD E . -18.15 19.39 -0.44
C3N NAD E . -18.20 18.48 -1.51
C7N NAD E . -17.41 18.77 -2.77
O7N NAD E . -17.44 17.99 -3.71
N7N NAD E . -16.68 19.90 -2.88
C4N NAD E . -19.00 17.30 -1.38
C5N NAD E . -19.72 17.09 -0.18
C6N NAD E . -19.64 18.05 0.84
C1 GOL F . 9.59 13.80 -14.29
O1 GOL F . 9.05 15.10 -14.05
C2 GOL F . 8.49 12.73 -14.19
O2 GOL F . 7.93 12.72 -12.86
C3 GOL F . 9.05 11.33 -14.55
O3 GOL F . 10.17 11.01 -13.72
P1 FBP G . 8.40 -6.12 16.01
P1 FBP G . 1.62 -8.49 17.22
O1P FBP G . 8.94 -7.23 16.86
O1P FBP G . 1.93 -8.22 18.66
O2P FBP G . 9.40 -5.81 14.93
O2P FBP G . 0.19 -8.10 16.95
O3P FBP G . 8.18 -4.90 16.86
O3P FBP G . 1.81 -9.95 16.93
O1 FBP G . 7.01 -6.61 15.39
O1 FBP G . 2.63 -7.64 16.33
C1 FBP G . 6.53 -5.73 14.27
C1 FBP G . 2.04 -7.24 15.01
C2 FBP G . 5.40 -6.48 13.57
C2 FBP G . 2.81 -6.01 14.51
O2 FBP G . 5.95 -7.59 12.88
O2 FBP G . 2.10 -4.84 14.92
C3 FBP G . 4.61 -5.59 12.60
C3 FBP G . 2.98 -6.07 12.99
O3 FBP G . 4.88 -5.91 11.25
O3 FBP G . 2.26 -5.01 12.34
C4 FBP G . 3.16 -5.83 12.96
C4 FBP G . 4.48 -5.95 12.76
O4 FBP G . 2.39 -4.64 12.80
O4 FBP G . 4.87 -6.84 11.72
C5 FBP G . 3.25 -6.29 14.41
C5 FBP G . 5.08 -6.33 14.09
O5 FBP G . 4.49 -6.98 14.55
O5 FBP G . 4.11 -5.99 15.10
C6 FBP G . 2.09 -7.19 14.83
C6 FBP G . 6.40 -5.60 14.38
O6 FBP G . 1.94 -6.98 16.31
O6 FBP G . 7.40 -6.64 14.80
P2 FBP G . 1.44 -8.29 17.07
P2 FBP G . 8.37 -6.14 15.99
O4P FBP G . 2.00 -9.55 16.45
O4P FBP G . 7.77 -5.00 16.76
O5P FBP G . -0.06 -8.33 17.04
O5P FBP G . 9.69 -5.72 15.42
O6P FBP G . 1.91 -8.20 18.49
O6P FBP G . 8.60 -7.29 16.92
PA NAD H . -26.07 1.60 13.59
O1A NAD H . -25.39 2.79 13.01
O2A NAD H . -27.63 1.95 13.84
O5B NAD H . -25.91 0.34 12.57
C5B NAD H . -26.97 -0.59 12.82
C4B NAD H . -27.54 -1.07 11.48
O4B NAD H . -28.13 -2.37 11.62
C3B NAD H . -28.63 -0.11 10.97
O3B NAD H . -28.20 0.59 9.79
C2B NAD H . -29.84 -1.05 10.70
O2B NAD H . -30.55 -0.68 9.52
C1B NAD H . -29.18 -2.45 10.62
N9A NAD H . -30.14 -3.52 10.96
C8A NAD H . -30.95 -3.59 12.07
N7A NAD H . -31.68 -4.68 12.02
C5A NAD H . -31.39 -5.36 10.89
C6A NAD H . -31.88 -6.57 10.28
N6A NAD H . -32.85 -7.32 10.90
N1A NAD H . -31.36 -6.94 9.07
C2A NAD H . -30.42 -6.23 8.46
N3A NAD H . -29.94 -5.10 8.99
C4A NAD H . -30.39 -4.64 10.19
O3 NAD H . -25.37 1.25 15.02
PN NAD H . -23.97 0.46 14.80
O1N NAD H . -23.04 0.81 16.00
O2N NAD H . -23.28 0.91 13.49
O5D NAD H . -24.28 -1.14 14.74
C5D NAD H . -23.31 -1.84 15.54
C4D NAD H . -24.03 -2.80 16.53
O4D NAD H . -23.09 -3.48 17.39
C3D NAD H . -25.02 -2.07 17.46
O3D NAD H . -26.19 -2.88 17.68
C2D NAD H . -24.23 -1.82 18.75
O2D NAD H . -25.00 -2.13 19.92
C1D NAD H . -22.96 -2.71 18.64
N1N NAD H . -21.67 -1.92 18.63
C2N NAD H . -20.51 -2.60 18.52
C3N NAD H . -19.26 -1.93 18.51
C7N NAD H . -17.97 -2.69 18.40
O7N NAD H . -16.90 -2.10 18.40
N7N NAD H . -17.98 -4.04 18.31
C4N NAD H . -19.26 -0.50 18.62
C5N NAD H . -20.49 0.18 18.73
C6N NAD H . -21.68 -0.56 18.73
C1 GOL I . 3.21 8.73 19.98
O1 GOL I . 4.42 8.80 20.72
C2 GOL I . 2.86 7.25 19.73
O2 GOL I . 3.45 6.82 18.49
C3 GOL I . 1.33 7.08 19.68
O3 GOL I . 0.76 7.89 18.64
C1 GOL J . 5.99 -18.94 5.69
O1 GOL J . 7.19 -18.18 5.86
C2 GOL J . 5.31 -19.12 7.04
O2 GOL J . 4.63 -20.38 7.09
C3 GOL J . 4.33 -17.95 7.30
O3 GOL J . 3.23 -17.98 6.38
PA NAD K . 29.00 -5.02 -5.50
O1A NAD K . 29.20 -5.01 -6.97
O2A NAD K . 30.38 -5.47 -4.79
O5B NAD K . 28.56 -3.53 -5.02
C5B NAD K . 29.75 -2.72 -4.95
C4B NAD K . 29.55 -1.45 -5.78
O4B NAD K . 30.21 -0.34 -5.14
C3B NAD K . 30.15 -1.63 -7.19
O3B NAD K . 29.16 -1.45 -8.21
C2B NAD K . 31.26 -0.56 -7.25
O2B NAD K . 31.40 0.01 -8.56
C1B NAD K . 30.82 0.46 -6.17
N9A NAD K . 31.97 1.22 -5.63
C8A NAD K . 33.12 0.70 -5.09
N7A NAD K . 33.93 1.65 -4.74
C5A NAD K . 33.36 2.86 -5.02
C6A NAD K . 33.66 4.22 -4.68
N6A NAD K . 34.89 4.56 -4.16
N1A NAD K . 32.72 5.16 -4.90
C2A NAD K . 31.52 4.86 -5.45
N3A NAD K . 31.21 3.61 -5.78
C4A NAD K . 32.08 2.58 -5.59
O3 NAD K . 27.83 -6.09 -5.13
PN NAD K . 27.26 -5.85 -3.61
O1N NAD K . 26.73 -7.20 -3.07
O2N NAD K . 26.11 -4.82 -3.67
O5D NAD K . 28.46 -5.34 -2.63
C5D NAD K . 27.94 -4.35 -1.72
C4D NAD K . 28.16 -4.75 -0.24
O4D NAD K . 26.94 -5.31 0.33
C3D NAD K . 29.27 -5.82 -0.05
O3D NAD K . 30.49 -5.24 0.42
C2D NAD K . 28.65 -6.82 0.96
O2D NAD K . 29.57 -7.18 2.00
C1D NAD K . 27.39 -6.09 1.47
N1N NAD K . 26.33 -7.02 1.92
C2N NAD K . 25.85 -6.86 3.16
C3N NAD K . 24.86 -7.74 3.68
C7N NAD K . 24.36 -7.56 5.07
O7N NAD K . 23.50 -8.32 5.51
N7N NAD K . 24.82 -6.56 5.85
C4N NAD K . 24.39 -8.79 2.84
C5N NAD K . 24.91 -8.93 1.53
C6N NAD K . 25.90 -8.02 1.10
P1 FBP L . -6.24 10.31 -14.85
P1 FBP L . -4.01 4.07 -18.27
O1P FBP L . -7.23 10.57 -15.93
O1P FBP L . -3.75 4.95 -19.46
O2P FBP L . -6.68 11.02 -13.61
O2P FBP L . -3.01 2.94 -18.26
O3P FBP L . -4.89 10.82 -15.28
O3P FBP L . -5.40 3.52 -18.36
O1 FBP L . -6.19 8.73 -14.59
O1 FBP L . -3.85 4.98 -16.96
C1 FBP L . -5.20 8.36 -13.52
C1 FBP L . -3.72 4.14 -15.71
C2 FBP L . -5.21 6.84 -13.41
C2 FBP L . -3.09 5.02 -14.63
O2 FBP L . -6.50 6.41 -13.01
O2 FBP L . -1.67 4.90 -14.69
C3 FBP L . -4.13 6.33 -12.43
C3 FBP L . -3.62 4.61 -13.24
O3 FBP L . -4.72 5.83 -11.24
O3 FBP L . -2.56 4.19 -12.38
C4 FBP L . -3.41 5.24 -13.20
C4 FBP L . -4.31 5.86 -12.70
O4 FBP L . -2.02 5.27 -12.89
O4 FBP L . -5.54 5.49 -12.07
C5 FBP L . -3.68 5.60 -14.66
C5 FBP L . -4.53 6.71 -13.94
O5 FBP L . -4.92 6.28 -14.69
O5 FBP L . -3.46 6.39 -14.82
C6 FBP L . -3.74 4.36 -15.57
C6 FBP L . -4.56 8.21 -13.63
O6 FBP L . -3.17 4.80 -16.89
O6 FBP L . -5.88 8.73 -14.14
P2 FBP L . -3.80 4.01 -18.14
P2 FBP L . -5.77 10.19 -14.80
O4P FBP L . -5.24 3.68 -17.92
O4P FBP L . -4.35 10.53 -15.20
O5P FBP L . -3.02 2.73 -18.34
O5P FBP L . -6.26 11.21 -13.83
O6P FBP L . -3.67 4.87 -19.35
O6P FBP L . -6.62 10.23 -16.03
PA NAD M . 18.63 -15.38 -17.15
O1A NAD M . 19.09 -14.50 -16.04
O2A NAD M . 19.85 -16.34 -17.60
O5B NAD M . 17.36 -16.26 -16.64
C5B NAD M . 17.25 -17.44 -17.45
C4B NAD M . 16.82 -18.62 -16.55
O4B NAD M . 16.05 -19.58 -17.31
C3B NAD M . 18.05 -19.34 -15.98
O3B NAD M . 18.12 -19.19 -14.56
C2B NAD M . 17.84 -20.81 -16.42
O2B NAD M . 18.26 -21.74 -15.42
C1B NAD M . 16.32 -20.87 -16.73
N9A NAD M . 15.99 -21.96 -17.68
C8A NAD M . 16.57 -22.20 -18.91
N7A NAD M . 16.02 -23.25 -19.46
C5A NAD M . 15.06 -23.76 -18.64
C6A NAD M . 14.19 -24.88 -18.67
N6A NAD M . 14.17 -25.74 -19.76
N1A NAD M . 13.37 -25.11 -17.62
C2A NAD M . 13.37 -24.31 -16.55
N3A NAD M . 14.17 -23.24 -16.48
C4A NAD M . 15.03 -22.94 -17.48
O3 NAD M . 18.20 -14.44 -18.40
PN NAD M . 16.69 -13.86 -18.19
O1N NAD M . 16.59 -12.49 -18.91
O2N NAD M . 16.38 -13.65 -16.69
O5D NAD M . 15.64 -14.91 -18.84
C5D NAD M . 14.34 -14.33 -18.77
C4D NAD M . 13.67 -14.18 -20.15
O4D NAD M . 12.92 -12.93 -20.21
C3D NAD M . 14.71 -14.16 -21.32
O3D NAD M . 14.38 -15.13 -22.32
C2D NAD M . 14.63 -12.71 -21.85
O2D NAD M . 14.91 -12.65 -23.25
C1D NAD M . 13.18 -12.30 -21.49
N1N NAD M . 13.01 -10.81 -21.38
C2N NAD M . 11.80 -10.32 -21.72
C3N NAD M . 11.55 -8.93 -21.71
C7N NAD M . 10.21 -8.39 -22.12
O7N NAD M . 10.00 -7.20 -22.12
N7N NAD M . 9.23 -9.24 -22.51
C4N NAD M . 12.61 -8.05 -21.31
C5N NAD M . 13.86 -8.61 -20.97
C6N NAD M . 14.03 -10.01 -21.01
#